data_2GA7
#
_entry.id   2GA7
#
_cell.length_a   1.000
_cell.length_b   1.000
_cell.length_c   1.000
_cell.angle_alpha   90.00
_cell.angle_beta   90.00
_cell.angle_gamma   90.00
#
_symmetry.space_group_name_H-M   'P 1'
#
loop_
_entity.id
_entity.type
_entity.pdbx_description
1 polymer 'Copper-transporting ATPase 1'
2 non-polymer 'COPPER (I) ION'
#
_entity_poly.entity_id   1
_entity_poly.type   'polypeptide(L)'
_entity_poly.pdbx_seq_one_letter_code
;NDSTATFIIDGMHCKSCVSNIESTLSALQYVSSIVVSLENRSAIVVYNASSVTPESLRKAIEAVSPGLYRVSITSEVEIE
GRLEHHHHHH
;
_entity_poly.pdbx_strand_id   A
#
# COMPACT_ATOMS: atom_id res chain seq x y z
N ASN A 1 8.19 -0.96 -18.15
CA ASN A 1 8.70 -0.48 -16.85
C ASN A 1 7.52 0.03 -16.00
N ASP A 2 7.53 -0.25 -14.70
CA ASP A 2 6.39 -0.07 -13.78
C ASP A 2 6.47 1.19 -12.91
N SER A 3 5.32 1.56 -12.35
CA SER A 3 5.22 2.59 -11.32
C SER A 3 5.35 1.96 -9.93
N THR A 4 6.44 2.30 -9.23
CA THR A 4 6.67 1.87 -7.84
C THR A 4 6.10 2.92 -6.90
N ALA A 5 5.03 2.59 -6.16
CA ALA A 5 4.50 3.46 -5.12
C ALA A 5 4.85 2.96 -3.72
N THR A 6 4.91 3.91 -2.79
CA THR A 6 5.01 3.67 -1.35
C THR A 6 3.77 4.24 -0.67
N PHE A 7 3.18 3.44 0.21
CA PHE A 7 2.15 3.82 1.15
C PHE A 7 2.73 3.64 2.56
N ILE A 8 2.74 4.68 3.39
CA ILE A 8 3.33 4.69 4.75
C ILE A 8 2.23 4.60 5.81
N ILE A 9 2.04 3.38 6.28
CA ILE A 9 0.94 2.87 7.13
C ILE A 9 1.32 3.03 8.58
N ASP A 10 1.02 4.19 9.13
CA ASP A 10 1.14 4.38 10.59
C ASP A 10 -0.13 3.78 11.24
N GLY A 11 -0.10 2.45 11.38
CA GLY A 11 -1.18 1.61 11.89
C GLY A 11 -0.74 0.65 12.98
N MET A 12 -1.31 0.82 14.19
CA MET A 12 -0.94 0.05 15.40
C MET A 12 0.48 0.43 15.88
N HIS A 13 1.06 -0.31 16.82
CA HIS A 13 2.42 -0.09 17.32
C HIS A 13 3.44 -1.05 16.69
N CYS A 14 3.03 -2.28 16.41
CA CYS A 14 3.79 -3.28 15.69
C CYS A 14 3.95 -2.95 14.18
N LYS A 15 2.90 -2.42 13.55
CA LYS A 15 2.75 -2.22 12.10
C LYS A 15 2.80 -3.53 11.27
N SER A 16 2.85 -4.71 11.90
CA SER A 16 2.66 -6.06 11.29
C SER A 16 1.57 -6.11 10.23
N CYS A 17 0.52 -5.34 10.48
CA CYS A 17 -0.58 -4.92 9.63
C CYS A 17 -0.23 -4.79 8.13
N VAL A 18 0.96 -4.27 7.83
CA VAL A 18 1.45 -4.08 6.45
C VAL A 18 1.37 -5.36 5.61
N SER A 19 1.78 -6.52 6.14
CA SER A 19 1.78 -7.78 5.39
C SER A 19 0.37 -8.36 5.25
N ASN A 20 -0.47 -8.17 6.28
CA ASN A 20 -1.91 -8.44 6.19
C ASN A 20 -2.53 -7.66 5.02
N ILE A 21 -2.08 -6.41 4.86
CA ILE A 21 -2.38 -5.52 3.74
C ILE A 21 -1.73 -5.97 2.43
N GLU A 22 -0.48 -6.46 2.44
CA GLU A 22 0.29 -6.86 1.26
C GLU A 22 -0.43 -7.96 0.49
N SER A 23 -1.13 -8.82 1.23
CA SER A 23 -1.94 -9.92 0.70
C SER A 23 -3.02 -9.42 -0.27
N THR A 24 -3.60 -8.25 0.01
CA THR A 24 -4.52 -7.55 -0.92
C THR A 24 -3.74 -6.89 -2.06
N LEU A 25 -2.66 -6.17 -1.75
CA LEU A 25 -1.87 -5.41 -2.74
C LEU A 25 -1.30 -6.29 -3.84
N SER A 26 -0.80 -7.46 -3.46
CA SER A 26 -0.15 -8.43 -4.33
C SER A 26 -1.12 -9.34 -5.10
N ALA A 27 -2.41 -9.03 -5.03
CA ALA A 27 -3.49 -9.82 -5.64
C ALA A 27 -4.25 -9.07 -6.75
N LEU A 28 -3.81 -7.85 -7.10
CA LEU A 28 -4.53 -6.99 -8.03
C LEU A 28 -4.13 -7.33 -9.48
N GLN A 29 -5.05 -7.18 -10.43
CA GLN A 29 -4.84 -7.65 -11.81
C GLN A 29 -4.00 -6.68 -12.67
N TYR A 30 -2.89 -6.17 -12.12
CA TYR A 30 -2.00 -5.12 -12.68
C TYR A 30 -0.68 -4.86 -11.90
N VAL A 31 -0.12 -5.86 -11.19
CA VAL A 31 1.02 -5.72 -10.24
C VAL A 31 2.05 -6.85 -10.41
N SER A 32 3.34 -6.51 -10.37
CA SER A 32 4.47 -7.45 -10.59
C SER A 32 5.36 -7.75 -9.37
N SER A 33 5.36 -6.91 -8.34
CA SER A 33 6.03 -7.21 -7.07
C SER A 33 5.34 -6.50 -5.91
N ILE A 34 5.48 -7.11 -4.75
CA ILE A 34 5.07 -6.65 -3.43
C ILE A 34 6.32 -6.57 -2.59
N VAL A 35 6.42 -5.51 -1.78
CA VAL A 35 7.69 -5.13 -1.20
C VAL A 35 7.51 -4.37 0.15
N VAL A 36 6.55 -4.78 1.00
CA VAL A 36 6.18 -4.07 2.26
C VAL A 36 7.29 -4.08 3.36
N SER A 37 7.18 -3.23 4.41
CA SER A 37 8.10 -3.10 5.57
C SER A 37 7.33 -2.90 6.89
N LEU A 38 7.35 -3.91 7.78
CA LEU A 38 6.43 -3.97 8.93
C LEU A 38 6.93 -3.36 10.22
N GLU A 39 8.17 -3.59 10.59
CA GLU A 39 8.83 -2.99 11.75
C GLU A 39 8.73 -1.46 11.71
N ASN A 40 8.80 -0.93 10.49
CA ASN A 40 8.56 0.45 10.14
C ASN A 40 7.05 0.72 10.14
N ARG A 41 6.48 0.86 8.95
CA ARG A 41 5.16 1.41 8.64
C ARG A 41 5.04 1.55 7.14
N SER A 42 5.57 0.62 6.36
CA SER A 42 5.67 0.82 4.91
C SER A 42 5.03 -0.30 4.13
N ALA A 43 4.45 0.03 2.98
CA ALA A 43 4.00 -0.92 2.00
C ALA A 43 4.40 -0.40 0.62
N ILE A 44 5.24 -1.14 -0.09
CA ILE A 44 5.77 -0.75 -1.41
C ILE A 44 5.32 -1.82 -2.41
N VAL A 45 4.99 -1.36 -3.62
CA VAL A 45 4.39 -2.21 -4.65
C VAL A 45 4.85 -1.76 -6.04
N VAL A 46 5.13 -2.71 -6.94
CA VAL A 46 5.46 -2.53 -8.36
C VAL A 46 4.21 -2.82 -9.19
N TYR A 47 3.69 -1.85 -9.92
CA TYR A 47 2.38 -1.95 -10.58
C TYR A 47 2.10 -0.85 -11.62
N ASN A 48 0.90 -0.84 -12.18
CA ASN A 48 0.48 0.12 -13.21
C ASN A 48 -0.20 1.36 -12.59
N ALA A 49 0.37 2.55 -12.83
CA ALA A 49 -0.12 3.84 -12.33
C ALA A 49 0.47 5.01 -13.13
N SER A 50 -0.26 6.12 -13.12
CA SER A 50 -0.02 7.47 -13.68
C SER A 50 -1.37 8.02 -14.17
N SER A 51 -1.78 7.75 -15.41
CA SER A 51 -3.09 8.07 -16.01
C SER A 51 -4.24 7.18 -15.47
N VAL A 52 -4.13 6.76 -14.21
CA VAL A 52 -5.03 5.91 -13.42
C VAL A 52 -4.62 6.09 -11.94
N THR A 53 -5.60 6.13 -11.03
CA THR A 53 -5.41 6.52 -9.63
C THR A 53 -4.56 5.51 -8.85
N PRO A 54 -3.36 5.87 -8.36
CA PRO A 54 -2.54 5.00 -7.50
C PRO A 54 -3.24 4.73 -6.16
N GLU A 55 -4.05 5.68 -5.68
CA GLU A 55 -4.90 5.62 -4.47
C GLU A 55 -5.79 4.39 -4.37
N SER A 56 -5.99 3.71 -5.49
CA SER A 56 -6.56 2.36 -5.62
C SER A 56 -6.08 1.42 -4.51
N LEU A 57 -4.76 1.23 -4.42
CA LEU A 57 -4.10 0.30 -3.51
C LEU A 57 -4.28 0.71 -2.04
N ARG A 58 -4.44 2.01 -1.79
CA ARG A 58 -4.77 2.55 -0.46
C ARG A 58 -5.99 1.85 0.15
N LYS A 59 -6.97 1.46 -0.68
CA LYS A 59 -8.17 0.78 -0.19
C LYS A 59 -7.87 -0.55 0.52
N ALA A 60 -6.75 -1.23 0.22
CA ALA A 60 -6.27 -2.39 0.97
C ALA A 60 -6.07 -2.08 2.46
N ILE A 61 -5.51 -0.92 2.76
CA ILE A 61 -5.34 -0.43 4.14
C ILE A 61 -6.70 -0.06 4.71
N GLU A 62 -7.45 0.74 3.96
CA GLU A 62 -8.68 1.37 4.42
C GLU A 62 -9.73 0.30 4.77
N ALA A 63 -9.67 -0.85 4.11
CA ALA A 63 -10.61 -1.94 4.33
C ALA A 63 -10.32 -2.82 5.56
N VAL A 64 -9.07 -2.88 6.04
CA VAL A 64 -8.75 -3.64 7.27
C VAL A 64 -8.85 -2.77 8.53
N SER A 65 -8.58 -1.45 8.43
CA SER A 65 -8.72 -0.54 9.58
C SER A 65 -9.13 0.88 9.15
N PRO A 66 -10.38 1.06 8.70
CA PRO A 66 -10.92 2.34 8.25
C PRO A 66 -10.93 3.35 9.39
N GLY A 67 -10.58 4.61 9.10
CA GLY A 67 -10.52 5.70 10.09
C GLY A 67 -9.39 5.56 11.10
N LEU A 68 -8.58 4.49 11.03
CA LEU A 68 -7.54 4.18 12.02
C LEU A 68 -6.15 4.39 11.42
N TYR A 69 -5.79 3.65 10.36
CA TYR A 69 -4.40 3.63 9.88
C TYR A 69 -4.06 4.87 9.06
N ARG A 70 -3.06 5.63 9.54
CA ARG A 70 -2.60 6.94 9.07
C ARG A 70 -1.87 6.92 7.72
N VAL A 71 -2.32 6.08 6.80
CA VAL A 71 -1.53 5.79 5.61
C VAL A 71 -1.32 6.97 4.65
N SER A 72 -0.04 7.27 4.43
CA SER A 72 0.48 8.40 3.64
C SER A 72 1.07 7.94 2.30
N ILE A 73 0.67 8.55 1.18
CA ILE A 73 0.94 8.03 -0.17
C ILE A 73 1.91 8.94 -0.94
N THR A 74 2.85 8.30 -1.66
CA THR A 74 3.70 8.96 -2.65
C THR A 74 2.94 9.01 -3.98
N SER A 75 2.24 10.09 -4.28
CA SER A 75 1.52 10.25 -5.55
C SER A 75 1.47 11.71 -6.05
N GLU A 76 0.94 11.90 -7.27
CA GLU A 76 0.98 13.14 -8.05
C GLU A 76 -0.15 13.13 -9.09
N VAL A 77 -1.37 13.39 -8.60
CA VAL A 77 -2.63 13.40 -9.35
C VAL A 77 -3.74 13.95 -8.44
N ASN A 1 8.54 -2.02 -17.02
CA ASN A 1 7.63 -0.97 -17.47
C ASN A 1 6.46 -0.76 -16.47
N ASP A 2 6.81 -0.53 -15.19
CA ASP A 2 5.91 -0.39 -14.05
C ASP A 2 6.01 1.00 -13.41
N SER A 3 5.37 1.16 -12.27
CA SER A 3 5.52 2.33 -11.40
C SER A 3 5.64 1.91 -9.94
N THR A 4 6.46 2.62 -9.15
CA THR A 4 6.66 2.35 -7.72
C THR A 4 5.82 3.30 -6.90
N ALA A 5 5.01 2.77 -5.99
CA ALA A 5 4.34 3.54 -4.94
C ALA A 5 4.81 3.09 -3.56
N THR A 6 4.87 4.07 -2.66
CA THR A 6 5.07 3.89 -1.22
C THR A 6 3.85 4.41 -0.49
N PHE A 7 3.40 3.64 0.49
CA PHE A 7 2.36 4.01 1.43
C PHE A 7 2.92 3.87 2.86
N ILE A 8 2.95 4.97 3.62
CA ILE A 8 3.50 5.05 4.99
C ILE A 8 2.38 5.09 6.04
N ILE A 9 2.27 4.01 6.81
CA ILE A 9 1.11 3.66 7.64
C ILE A 9 1.31 3.95 9.13
N ASP A 10 0.49 4.85 9.65
CA ASP A 10 0.34 5.05 11.10
C ASP A 10 -1.09 4.69 11.54
N GLY A 11 -1.30 3.39 11.66
CA GLY A 11 -2.52 2.78 12.16
C GLY A 11 -2.31 2.18 13.55
N MET A 12 -2.33 0.86 13.61
CA MET A 12 -1.98 0.10 14.81
C MET A 12 -0.52 0.37 15.26
N HIS A 13 -0.18 -0.01 16.50
CA HIS A 13 1.17 0.20 17.04
C HIS A 13 2.19 -0.70 16.33
N CYS A 14 1.93 -2.01 16.27
CA CYS A 14 2.63 -2.93 15.39
C CYS A 14 2.19 -2.65 13.94
N LYS A 15 3.10 -2.73 12.97
CA LYS A 15 2.76 -2.54 11.56
C LYS A 15 2.71 -3.87 10.78
N SER A 16 2.76 -5.06 11.42
CA SER A 16 2.66 -6.40 10.75
C SER A 16 1.57 -6.47 9.66
N CYS A 17 0.45 -5.80 9.94
CA CYS A 17 -0.67 -5.42 9.12
C CYS A 17 -0.31 -5.07 7.64
N VAL A 18 0.85 -4.46 7.39
CA VAL A 18 1.34 -4.19 6.03
C VAL A 18 1.30 -5.45 5.16
N SER A 19 1.56 -6.63 5.74
CA SER A 19 1.65 -7.87 4.99
C SER A 19 0.27 -8.44 4.63
N ASN A 20 -0.77 -8.17 5.44
CA ASN A 20 -2.18 -8.38 5.02
C ASN A 20 -2.37 -7.64 3.68
N ILE A 21 -1.82 -6.42 3.66
CA ILE A 21 -1.81 -5.55 2.50
C ILE A 21 -0.97 -6.12 1.36
N GLU A 22 0.18 -6.73 1.64
CA GLU A 22 1.00 -7.29 0.58
C GLU A 22 0.35 -8.52 -0.06
N SER A 23 -0.12 -9.46 0.76
CA SER A 23 -0.89 -10.62 0.29
C SER A 23 -2.15 -10.25 -0.46
N THR A 24 -2.67 -9.03 -0.24
CA THR A 24 -3.82 -8.51 -0.97
C THR A 24 -3.39 -8.15 -2.38
N LEU A 25 -2.42 -7.24 -2.58
CA LEU A 25 -2.17 -6.73 -3.94
C LEU A 25 -1.56 -7.82 -4.82
N SER A 26 -0.73 -8.66 -4.24
CA SER A 26 -0.12 -9.82 -4.90
C SER A 26 -1.14 -10.88 -5.35
N ALA A 27 -2.42 -10.68 -5.03
CA ALA A 27 -3.54 -11.46 -5.57
C ALA A 27 -4.23 -10.78 -6.79
N LEU A 28 -3.82 -9.56 -7.15
CA LEU A 28 -4.43 -8.69 -8.16
C LEU A 28 -3.57 -8.65 -9.44
N GLN A 29 -4.12 -9.12 -10.56
CA GLN A 29 -3.41 -9.27 -11.83
C GLN A 29 -2.76 -7.99 -12.40
N TYR A 30 -3.14 -6.80 -11.94
CA TYR A 30 -2.60 -5.54 -12.47
C TYR A 30 -1.29 -5.09 -11.80
N VAL A 31 -0.89 -5.78 -10.73
CA VAL A 31 0.23 -5.38 -9.89
C VAL A 31 1.41 -6.32 -10.19
N SER A 32 2.61 -5.75 -10.28
CA SER A 32 3.80 -6.41 -10.81
C SER A 32 4.72 -6.98 -9.73
N SER A 33 4.77 -6.32 -8.57
CA SER A 33 5.39 -6.83 -7.35
C SER A 33 4.80 -6.14 -6.14
N ILE A 34 4.90 -6.82 -5.01
CA ILE A 34 4.52 -6.32 -3.70
C ILE A 34 5.74 -6.50 -2.80
N VAL A 35 5.97 -5.53 -1.92
CA VAL A 35 7.31 -5.34 -1.36
C VAL A 35 7.31 -4.56 -0.02
N VAL A 36 6.46 -4.94 0.92
CA VAL A 36 6.21 -4.14 2.14
C VAL A 36 7.32 -4.25 3.22
N SER A 37 7.27 -3.46 4.28
CA SER A 37 8.28 -3.40 5.37
C SER A 37 7.64 -3.18 6.74
N LEU A 38 7.31 -4.28 7.43
CA LEU A 38 6.43 -4.30 8.61
C LEU A 38 7.00 -3.86 9.94
N GLU A 39 8.30 -4.03 10.13
CA GLU A 39 8.99 -3.60 11.35
C GLU A 39 9.05 -2.07 11.40
N ASN A 40 8.96 -1.45 10.22
CA ASN A 40 8.74 -0.04 9.97
C ASN A 40 7.31 0.21 9.50
N ARG A 41 7.03 1.46 9.13
CA ARG A 41 5.70 1.92 8.73
C ARG A 41 5.42 1.80 7.24
N SER A 42 6.26 1.12 6.46
CA SER A 42 6.20 1.24 4.99
C SER A 42 5.60 0.02 4.31
N ALA A 43 4.79 0.26 3.28
CA ALA A 43 4.33 -0.75 2.34
C ALA A 43 4.69 -0.24 0.94
N ILE A 44 5.52 -0.98 0.21
CA ILE A 44 5.99 -0.61 -1.13
C ILE A 44 5.37 -1.59 -2.12
N VAL A 45 5.04 -1.10 -3.31
CA VAL A 45 4.36 -1.87 -4.35
C VAL A 45 4.93 -1.44 -5.71
N VAL A 46 5.07 -2.36 -6.67
CA VAL A 46 5.39 -2.09 -8.09
C VAL A 46 4.13 -2.45 -8.88
N TYR A 47 3.58 -1.54 -9.69
CA TYR A 47 2.23 -1.71 -10.23
C TYR A 47 1.89 -0.89 -11.48
N ASN A 48 0.65 -1.06 -11.97
CA ASN A 48 0.12 -0.36 -13.12
C ASN A 48 -0.44 1.01 -12.72
N ALA A 49 0.31 2.09 -12.99
CA ALA A 49 -0.10 3.47 -12.72
C ALA A 49 -0.76 4.14 -13.94
N SER A 50 -1.89 3.59 -14.41
CA SER A 50 -2.63 4.14 -15.58
C SER A 50 -3.33 5.50 -15.33
N SER A 51 -3.00 6.18 -14.25
CA SER A 51 -3.43 7.52 -13.82
C SER A 51 -2.65 7.90 -12.54
N VAL A 52 -2.59 9.20 -12.18
CA VAL A 52 -1.91 9.69 -10.95
C VAL A 52 -2.78 9.42 -9.70
N THR A 53 -3.14 8.14 -9.53
CA THR A 53 -4.12 7.65 -8.55
C THR A 53 -3.70 6.29 -8.00
N PRO A 54 -2.78 6.26 -7.02
CA PRO A 54 -2.36 5.06 -6.32
C PRO A 54 -3.45 4.46 -5.41
N GLU A 55 -4.54 5.19 -5.20
CA GLU A 55 -5.69 4.90 -4.32
C GLU A 55 -6.17 3.46 -4.27
N SER A 56 -6.08 2.71 -5.38
CA SER A 56 -6.30 1.25 -5.46
C SER A 56 -5.71 0.50 -4.25
N LEU A 57 -4.40 0.66 -4.07
CA LEU A 57 -3.61 0.05 -3.03
C LEU A 57 -3.96 0.63 -1.65
N ARG A 58 -4.18 1.95 -1.56
CA ARG A 58 -4.66 2.60 -0.32
C ARG A 58 -5.98 2.00 0.18
N LYS A 59 -6.96 1.74 -0.68
CA LYS A 59 -8.27 1.19 -0.28
C LYS A 59 -8.16 -0.14 0.49
N ALA A 60 -7.17 -0.99 0.17
CA ALA A 60 -6.73 -2.14 0.98
C ALA A 60 -6.34 -1.61 2.35
N ILE A 61 -5.26 -0.84 2.52
CA ILE A 61 -4.79 -0.32 3.83
C ILE A 61 -5.98 0.24 4.66
N GLU A 62 -6.90 0.95 4.01
CA GLU A 62 -8.06 1.54 4.67
C GLU A 62 -8.96 0.42 5.22
N ALA A 63 -9.35 -0.55 4.40
CA ALA A 63 -10.26 -1.62 4.79
C ALA A 63 -9.77 -2.50 5.94
N VAL A 64 -8.46 -2.50 6.16
CA VAL A 64 -7.79 -3.13 7.29
C VAL A 64 -8.21 -2.52 8.61
N SER A 65 -8.28 -1.18 8.68
CA SER A 65 -8.91 -0.46 9.77
C SER A 65 -9.14 1.03 9.44
N PRO A 66 -10.31 1.38 8.87
CA PRO A 66 -10.56 2.69 8.28
C PRO A 66 -10.77 3.76 9.36
N GLY A 67 -10.25 4.97 9.10
CA GLY A 67 -10.24 6.08 10.06
C GLY A 67 -9.10 6.03 11.07
N LEU A 68 -8.51 4.86 11.32
CA LEU A 68 -7.35 4.69 12.20
C LEU A 68 -6.04 4.89 11.43
N TYR A 69 -5.95 4.32 10.21
CA TYR A 69 -4.68 4.25 9.48
C TYR A 69 -4.37 5.57 8.77
N ARG A 70 -3.51 6.36 9.41
CA ARG A 70 -2.93 7.67 9.00
C ARG A 70 -2.00 7.56 7.78
N VAL A 71 -2.39 6.77 6.77
CA VAL A 71 -1.48 6.39 5.70
C VAL A 71 -1.18 7.50 4.70
N SER A 72 0.11 7.82 4.59
CA SER A 72 0.70 8.91 3.80
C SER A 72 1.36 8.36 2.54
N ILE A 73 0.84 8.81 1.39
CA ILE A 73 1.04 8.21 0.07
C ILE A 73 1.86 9.11 -0.86
N THR A 74 2.68 8.47 -1.69
CA THR A 74 3.38 9.12 -2.81
C THR A 74 2.43 9.50 -3.94
N SER A 75 2.31 10.79 -4.20
CA SER A 75 1.59 11.37 -5.36
C SER A 75 1.80 12.88 -5.48
N GLU A 76 1.58 13.42 -6.69
CA GLU A 76 1.78 14.83 -7.02
C GLU A 76 0.47 15.41 -7.60
N VAL A 77 -0.56 15.48 -6.76
CA VAL A 77 -1.93 15.89 -7.07
C VAL A 77 -2.71 16.01 -5.76
N ASN A 1 7.58 -1.05 -17.76
CA ASN A 1 7.09 0.33 -17.59
C ASN A 1 6.33 0.52 -16.25
N ASP A 2 6.36 -0.47 -15.36
CA ASP A 2 5.63 -0.47 -14.07
C ASP A 2 6.04 0.72 -13.18
N SER A 3 5.06 1.24 -12.46
CA SER A 3 5.19 2.36 -11.53
C SER A 3 5.33 1.85 -10.10
N THR A 4 6.24 2.44 -9.31
CA THR A 4 6.45 2.06 -7.91
C THR A 4 5.74 3.03 -6.99
N ALA A 5 4.80 2.55 -6.18
CA ALA A 5 4.17 3.36 -5.12
C ALA A 5 4.65 2.95 -3.73
N THR A 6 4.74 3.98 -2.87
CA THR A 6 4.94 3.87 -1.43
C THR A 6 3.67 4.36 -0.74
N PHE A 7 3.25 3.60 0.27
CA PHE A 7 2.21 3.96 1.21
C PHE A 7 2.76 3.78 2.64
N ILE A 8 2.84 4.86 3.41
CA ILE A 8 3.39 4.87 4.79
C ILE A 8 2.29 4.93 5.82
N ILE A 9 2.13 3.84 6.57
CA ILE A 9 0.94 3.55 7.40
C ILE A 9 1.13 3.89 8.87
N ASP A 10 0.46 4.93 9.36
CA ASP A 10 0.36 5.19 10.81
C ASP A 10 -0.92 4.56 11.37
N GLY A 11 -0.83 3.24 11.52
CA GLY A 11 -1.94 2.39 11.93
C GLY A 11 -1.92 2.07 13.41
N MET A 12 -1.62 0.80 13.70
CA MET A 12 -1.35 0.28 15.04
C MET A 12 0.16 0.25 15.29
N HIS A 13 0.57 0.40 16.55
CA HIS A 13 1.97 0.65 16.91
C HIS A 13 2.99 -0.45 16.51
N CYS A 14 2.51 -1.68 16.36
CA CYS A 14 3.25 -2.86 15.92
C CYS A 14 3.51 -2.90 14.39
N LYS A 15 2.77 -2.14 13.59
CA LYS A 15 2.73 -2.08 12.10
C LYS A 15 2.61 -3.43 11.33
N SER A 16 2.75 -4.58 12.00
CA SER A 16 2.67 -5.95 11.47
C SER A 16 1.45 -6.25 10.58
N CYS A 17 0.38 -5.48 10.79
CA CYS A 17 -0.79 -5.29 9.97
C CYS A 17 -0.48 -5.30 8.45
N VAL A 18 0.71 -4.81 8.11
CA VAL A 18 1.35 -4.87 6.79
C VAL A 18 1.10 -6.19 6.06
N SER A 19 1.35 -7.35 6.66
CA SER A 19 1.35 -8.63 5.92
C SER A 19 -0.07 -9.10 5.56
N ASN A 20 -1.01 -8.79 6.46
CA ASN A 20 -2.45 -8.96 6.23
C ASN A 20 -2.90 -8.15 5.01
N ILE A 21 -2.36 -6.93 4.88
CA ILE A 21 -2.57 -6.07 3.70
C ILE A 21 -1.78 -6.54 2.46
N GLU A 22 -0.50 -6.87 2.61
CA GLU A 22 0.45 -7.17 1.52
C GLU A 22 -0.04 -8.36 0.69
N SER A 23 -0.56 -9.36 1.39
CA SER A 23 -1.23 -10.53 0.84
C SER A 23 -2.21 -10.13 -0.28
N THR A 24 -3.06 -9.12 -0.04
CA THR A 24 -3.98 -8.55 -1.04
C THR A 24 -3.26 -7.72 -2.09
N LEU A 25 -2.37 -6.80 -1.69
CA LEU A 25 -1.59 -5.94 -2.61
C LEU A 25 -0.89 -6.72 -3.72
N SER A 26 -0.40 -7.91 -3.37
CA SER A 26 0.25 -8.83 -4.29
C SER A 26 -0.60 -9.29 -5.49
N ALA A 27 -1.93 -9.17 -5.39
CA ALA A 27 -2.89 -9.79 -6.30
C ALA A 27 -3.89 -8.80 -6.92
N LEU A 28 -3.68 -7.48 -6.78
CA LEU A 28 -4.58 -6.42 -7.27
C LEU A 28 -4.56 -6.23 -8.80
N GLN A 29 -4.48 -7.33 -9.55
CA GLN A 29 -4.52 -7.44 -11.00
C GLN A 29 -3.19 -6.96 -11.60
N TYR A 30 -3.10 -5.68 -11.98
CA TYR A 30 -2.02 -5.10 -12.77
C TYR A 30 -0.69 -4.85 -12.01
N VAL A 31 -0.31 -5.75 -11.11
CA VAL A 31 0.86 -5.65 -10.21
C VAL A 31 1.90 -6.73 -10.54
N SER A 32 3.17 -6.31 -10.47
CA SER A 32 4.34 -7.16 -10.78
C SER A 32 5.32 -7.37 -9.61
N SER A 33 5.18 -6.64 -8.50
CA SER A 33 5.90 -6.91 -7.26
C SER A 33 5.18 -6.25 -6.08
N ILE A 34 5.34 -6.88 -4.94
CA ILE A 34 4.84 -6.49 -3.62
C ILE A 34 6.06 -6.49 -2.72
N VAL A 35 6.15 -5.47 -1.87
CA VAL A 35 7.43 -5.12 -1.23
C VAL A 35 7.22 -4.40 0.11
N VAL A 36 6.41 -4.97 1.01
CA VAL A 36 6.09 -4.44 2.37
C VAL A 36 7.34 -4.34 3.29
N SER A 37 7.26 -3.58 4.40
CA SER A 37 8.31 -3.46 5.43
C SER A 37 7.71 -3.27 6.84
N LEU A 38 7.56 -4.38 7.57
CA LEU A 38 6.78 -4.45 8.82
C LEU A 38 7.33 -3.62 10.00
N GLU A 39 8.65 -3.66 10.21
CA GLU A 39 9.31 -3.02 11.36
C GLU A 39 9.18 -1.49 11.29
N ASN A 40 9.00 -0.98 10.09
CA ASN A 40 9.04 0.42 9.74
C ASN A 40 7.63 0.98 9.92
N ARG A 41 6.97 1.29 8.79
CA ARG A 41 5.57 1.62 8.60
C ARG A 41 5.23 1.44 7.10
N SER A 42 5.99 0.65 6.36
CA SER A 42 5.96 0.76 4.89
C SER A 42 5.22 -0.34 4.15
N ALA A 43 4.46 0.04 3.12
CA ALA A 43 3.90 -0.87 2.13
C ALA A 43 4.27 -0.34 0.75
N ILE A 44 5.06 -1.10 -0.02
CA ILE A 44 5.56 -0.69 -1.34
C ILE A 44 5.12 -1.74 -2.35
N VAL A 45 4.84 -1.31 -3.58
CA VAL A 45 4.26 -2.14 -4.63
C VAL A 45 4.69 -1.63 -6.01
N VAL A 46 4.90 -2.53 -6.96
CA VAL A 46 5.15 -2.25 -8.39
C VAL A 46 3.90 -2.64 -9.18
N TYR A 47 3.34 -1.71 -9.97
CA TYR A 47 2.03 -1.85 -10.62
C TYR A 47 1.80 -0.84 -11.76
N ASN A 48 0.70 -0.97 -12.52
CA ASN A 48 0.40 -0.11 -13.67
C ASN A 48 -0.38 1.15 -13.28
N ALA A 49 0.20 2.34 -13.50
CA ALA A 49 -0.45 3.62 -13.29
C ALA A 49 -0.97 4.17 -14.63
N SER A 50 -2.28 4.07 -14.84
CA SER A 50 -3.02 4.71 -15.93
C SER A 50 -3.37 6.18 -15.64
N SER A 51 -3.01 6.67 -14.46
CA SER A 51 -3.17 8.04 -13.94
C SER A 51 -2.48 8.15 -12.56
N VAL A 52 -2.27 9.37 -12.07
CA VAL A 52 -1.61 9.71 -10.79
C VAL A 52 -2.49 9.40 -9.55
N THR A 53 -3.28 8.31 -9.63
CA THR A 53 -4.20 7.85 -8.59
C THR A 53 -3.74 6.52 -7.99
N PRO A 54 -2.84 6.58 -6.99
CA PRO A 54 -2.28 5.39 -6.34
C PRO A 54 -3.29 4.69 -5.42
N GLU A 55 -4.45 5.29 -5.15
CA GLU A 55 -5.39 4.82 -4.14
C GLU A 55 -6.00 3.45 -4.40
N SER A 56 -5.92 2.92 -5.63
CA SER A 56 -6.36 1.55 -5.97
C SER A 56 -5.84 0.55 -4.94
N LEU A 57 -4.52 0.62 -4.68
CA LEU A 57 -3.80 -0.17 -3.69
C LEU A 57 -4.17 0.25 -2.27
N ARG A 58 -4.24 1.56 -1.99
CA ARG A 58 -4.57 2.10 -0.66
C ARG A 58 -5.90 1.57 -0.10
N LYS A 59 -6.87 1.22 -0.94
CA LYS A 59 -8.09 0.49 -0.51
C LYS A 59 -7.77 -0.76 0.35
N ALA A 60 -6.74 -1.53 0.00
CA ALA A 60 -6.31 -2.73 0.74
C ALA A 60 -5.84 -2.42 2.16
N ILE A 61 -5.15 -1.28 2.34
CA ILE A 61 -4.80 -0.74 3.65
C ILE A 61 -6.08 -0.33 4.39
N GLU A 62 -6.90 0.50 3.75
CA GLU A 62 -8.02 1.17 4.41
C GLU A 62 -9.07 0.15 4.86
N ALA A 63 -9.48 -0.75 3.97
CA ALA A 63 -10.64 -1.61 4.17
C ALA A 63 -10.50 -2.64 5.31
N VAL A 64 -9.31 -2.78 5.91
CA VAL A 64 -9.10 -3.66 7.08
C VAL A 64 -9.02 -2.87 8.40
N SER A 65 -8.98 -1.53 8.36
CA SER A 65 -9.07 -0.62 9.53
C SER A 65 -9.22 0.86 9.09
N PRO A 66 -10.39 1.22 8.51
CA PRO A 66 -10.58 2.52 7.87
C PRO A 66 -10.69 3.62 8.93
N GLY A 67 -10.00 4.74 8.69
CA GLY A 67 -9.88 5.85 9.64
C GLY A 67 -8.89 5.60 10.79
N LEU A 68 -8.40 4.36 10.95
CA LEU A 68 -7.35 4.00 11.91
C LEU A 68 -5.98 4.14 11.23
N TYR A 69 -5.84 3.56 10.03
CA TYR A 69 -4.58 3.52 9.31
C TYR A 69 -4.31 4.83 8.55
N ARG A 70 -3.66 5.77 9.25
CA ARG A 70 -3.28 7.12 8.82
C ARG A 70 -2.21 7.09 7.71
N VAL A 71 -2.54 6.52 6.55
CA VAL A 71 -1.53 6.21 5.53
C VAL A 71 -1.21 7.37 4.59
N SER A 72 0.09 7.68 4.46
CA SER A 72 0.64 8.80 3.68
C SER A 72 1.32 8.31 2.40
N ILE A 73 0.85 8.80 1.25
CA ILE A 73 1.08 8.23 -0.08
C ILE A 73 1.95 9.12 -0.97
N THR A 74 2.81 8.49 -1.79
CA THR A 74 3.57 9.18 -2.83
C THR A 74 2.82 9.20 -4.16
N SER A 75 2.52 10.40 -4.67
CA SER A 75 1.99 10.72 -6.02
C SER A 75 1.75 12.23 -6.15
N GLU A 76 1.89 12.79 -7.36
CA GLU A 76 1.82 14.21 -7.70
C GLU A 76 0.36 14.74 -7.71
N VAL A 77 -0.28 14.65 -6.54
CA VAL A 77 -1.70 14.99 -6.31
C VAL A 77 -1.77 16.28 -5.49
N ASN A 1 7.15 -0.38 -18.40
CA ASN A 1 7.16 0.83 -17.57
C ASN A 1 6.25 0.67 -16.34
N ASP A 2 6.51 -0.39 -15.56
CA ASP A 2 5.86 -0.64 -14.28
C ASP A 2 6.16 0.52 -13.31
N SER A 3 5.15 0.97 -12.57
CA SER A 3 5.28 2.08 -11.62
C SER A 3 5.61 1.57 -10.22
N THR A 4 6.26 2.38 -9.40
CA THR A 4 6.62 2.05 -8.01
C THR A 4 6.01 3.07 -7.07
N ALA A 5 5.32 2.58 -6.04
CA ALA A 5 4.78 3.39 -4.96
C ALA A 5 5.10 2.77 -3.61
N THR A 6 5.02 3.65 -2.60
CA THR A 6 4.98 3.32 -1.20
C THR A 6 3.76 3.98 -0.59
N PHE A 7 3.27 3.34 0.46
CA PHE A 7 2.23 3.82 1.31
C PHE A 7 2.69 3.66 2.78
N ILE A 8 2.73 4.75 3.52
CA ILE A 8 3.28 4.83 4.90
C ILE A 8 2.14 4.81 5.90
N ILE A 9 1.95 3.67 6.54
CA ILE A 9 0.79 3.31 7.34
C ILE A 9 1.02 3.63 8.80
N ASP A 10 0.33 4.66 9.31
CA ASP A 10 0.26 4.87 10.77
C ASP A 10 -0.89 4.00 11.28
N GLY A 11 -0.55 2.73 11.42
CA GLY A 11 -1.43 1.63 11.81
C GLY A 11 -0.74 0.69 12.78
N MET A 12 -1.02 0.91 14.07
CA MET A 12 -0.59 0.10 15.21
C MET A 12 0.89 0.33 15.58
N HIS A 13 1.29 -0.11 16.77
CA HIS A 13 2.66 0.08 17.25
C HIS A 13 3.67 -0.89 16.60
N CYS A 14 3.18 -2.07 16.19
CA CYS A 14 3.93 -3.10 15.49
C CYS A 14 3.99 -2.91 13.96
N LYS A 15 2.99 -2.25 13.35
CA LYS A 15 2.74 -2.09 11.89
C LYS A 15 2.75 -3.42 11.10
N SER A 16 2.78 -4.58 11.78
CA SER A 16 2.57 -5.96 11.25
C SER A 16 1.46 -6.02 10.19
N CYS A 17 0.44 -5.21 10.44
CA CYS A 17 -0.65 -4.72 9.64
C CYS A 17 -0.35 -4.60 8.13
N VAL A 18 0.85 -4.09 7.79
CA VAL A 18 1.35 -3.93 6.42
C VAL A 18 1.24 -5.24 5.61
N SER A 19 1.60 -6.37 6.22
CA SER A 19 1.67 -7.67 5.56
C SER A 19 0.30 -8.34 5.41
N ASN A 20 -0.59 -8.09 6.38
CA ASN A 20 -2.02 -8.45 6.28
C ASN A 20 -2.61 -7.78 5.03
N ILE A 21 -2.22 -6.51 4.82
CA ILE A 21 -2.48 -5.77 3.59
C ILE A 21 -1.78 -6.40 2.38
N GLU A 22 -0.48 -6.71 2.48
CA GLU A 22 0.32 -7.21 1.34
C GLU A 22 -0.37 -8.40 0.68
N SER A 23 -0.89 -9.34 1.47
CA SER A 23 -1.50 -10.57 0.93
C SER A 23 -2.76 -10.31 0.09
N THR A 24 -3.54 -9.25 0.40
CA THR A 24 -4.64 -8.84 -0.46
C THR A 24 -4.16 -8.07 -1.70
N LEU A 25 -3.08 -7.32 -1.53
CA LEU A 25 -2.42 -6.47 -2.53
C LEU A 25 -1.80 -7.31 -3.64
N SER A 26 -1.05 -8.34 -3.27
CA SER A 26 -0.26 -9.21 -4.13
C SER A 26 -1.08 -10.17 -4.99
N ALA A 27 -2.41 -10.15 -4.82
CA ALA A 27 -3.39 -10.92 -5.57
C ALA A 27 -4.21 -10.05 -6.55
N LEU A 28 -3.84 -8.77 -6.74
CA LEU A 28 -4.61 -7.85 -7.56
C LEU A 28 -4.23 -7.96 -9.04
N GLN A 29 -4.97 -7.29 -9.92
CA GLN A 29 -4.55 -7.13 -11.32
C GLN A 29 -3.36 -6.16 -11.39
N TYR A 30 -2.61 -6.18 -12.49
CA TYR A 30 -1.59 -5.19 -12.87
C TYR A 30 -0.40 -4.93 -11.92
N VAL A 31 -0.37 -5.53 -10.73
CA VAL A 31 0.81 -5.61 -9.85
C VAL A 31 1.83 -6.55 -10.51
N SER A 32 3.12 -6.17 -10.50
CA SER A 32 4.21 -7.03 -10.95
C SER A 32 5.16 -7.38 -9.79
N SER A 33 5.04 -6.68 -8.67
CA SER A 33 5.82 -6.89 -7.46
C SER A 33 5.16 -6.28 -6.24
N ILE A 34 5.57 -6.76 -5.08
CA ILE A 34 5.08 -6.38 -3.76
C ILE A 34 6.29 -6.52 -2.83
N VAL A 35 6.39 -5.63 -1.83
CA VAL A 35 7.66 -5.40 -1.13
C VAL A 35 7.51 -4.73 0.27
N VAL A 36 6.47 -5.05 1.05
CA VAL A 36 6.17 -4.35 2.32
C VAL A 36 7.24 -4.48 3.45
N SER A 37 7.27 -3.53 4.39
CA SER A 37 8.16 -3.41 5.57
C SER A 37 7.33 -2.99 6.80
N LEU A 38 7.31 -3.84 7.84
CA LEU A 38 6.39 -3.79 8.99
C LEU A 38 6.94 -3.16 10.26
N GLU A 39 8.17 -3.46 10.62
CA GLU A 39 8.91 -2.82 11.70
C GLU A 39 8.94 -1.28 11.59
N ASN A 40 8.92 -0.79 10.35
CA ASN A 40 8.93 0.61 9.94
C ASN A 40 7.50 1.14 10.00
N ARG A 41 6.92 1.51 8.85
CA ARG A 41 5.52 1.84 8.60
C ARG A 41 5.21 1.68 7.10
N SER A 42 6.07 1.05 6.29
CA SER A 42 6.01 1.20 4.82
C SER A 42 5.64 -0.03 4.02
N ALA A 43 4.55 0.06 3.27
CA ALA A 43 4.21 -0.91 2.24
C ALA A 43 4.80 -0.39 0.91
N ILE A 44 5.56 -1.18 0.16
CA ILE A 44 6.15 -0.81 -1.14
C ILE A 44 5.65 -1.80 -2.19
N VAL A 45 5.37 -1.35 -3.42
CA VAL A 45 4.68 -2.17 -4.43
C VAL A 45 5.12 -1.74 -5.86
N VAL A 46 5.12 -2.68 -6.82
CA VAL A 46 5.23 -2.36 -8.27
C VAL A 46 3.91 -2.72 -8.94
N TYR A 47 3.39 -1.82 -9.79
CA TYR A 47 2.04 -1.87 -10.37
C TYR A 47 1.82 -0.88 -11.55
N ASN A 48 0.66 -0.90 -12.22
CA ASN A 48 0.39 0.01 -13.35
C ASN A 48 -0.10 1.39 -12.91
N ALA A 49 0.56 2.45 -13.40
CA ALA A 49 0.12 3.83 -13.22
C ALA A 49 -0.32 4.49 -14.55
N SER A 50 -1.36 3.92 -15.18
CA SER A 50 -2.01 4.53 -16.36
C SER A 50 -2.77 5.85 -16.05
N SER A 51 -2.80 6.29 -14.79
CA SER A 51 -3.26 7.61 -14.35
C SER A 51 -2.69 7.90 -12.96
N VAL A 52 -2.81 9.15 -12.51
CA VAL A 52 -2.25 9.70 -11.25
C VAL A 52 -3.13 9.34 -10.04
N THR A 53 -3.52 8.06 -9.95
CA THR A 53 -4.49 7.55 -8.96
C THR A 53 -3.97 6.30 -8.25
N PRO A 54 -2.95 6.45 -7.37
CA PRO A 54 -2.44 5.38 -6.52
C PRO A 54 -3.44 4.95 -5.44
N GLU A 55 -4.56 5.68 -5.29
CA GLU A 55 -5.69 5.37 -4.41
C GLU A 55 -6.20 3.94 -4.57
N SER A 56 -6.09 3.37 -5.76
CA SER A 56 -6.31 1.94 -6.04
C SER A 56 -5.80 1.02 -4.92
N LEU A 57 -4.48 1.05 -4.70
CA LEU A 57 -3.79 0.24 -3.71
C LEU A 57 -4.10 0.73 -2.29
N ARG A 58 -4.18 2.06 -2.11
CA ARG A 58 -4.55 2.66 -0.81
C ARG A 58 -5.84 2.06 -0.25
N LYS A 59 -6.89 1.94 -1.07
CA LYS A 59 -8.19 1.45 -0.59
C LYS A 59 -8.11 0.02 -0.01
N ALA A 60 -7.13 -0.81 -0.41
CA ALA A 60 -6.84 -2.09 0.26
C ALA A 60 -6.40 -1.88 1.72
N ILE A 61 -5.54 -0.90 1.98
CA ILE A 61 -5.14 -0.48 3.34
C ILE A 61 -6.37 -0.02 4.12
N GLU A 62 -7.16 0.85 3.52
CA GLU A 62 -8.25 1.52 4.24
C GLU A 62 -9.37 0.53 4.57
N ALA A 63 -9.67 -0.41 3.68
CA ALA A 63 -10.76 -1.36 3.86
C ALA A 63 -10.54 -2.40 4.98
N VAL A 64 -9.31 -2.66 5.41
CA VAL A 64 -9.05 -3.61 6.51
C VAL A 64 -9.02 -2.95 7.91
N SER A 65 -8.89 -1.62 8.00
CA SER A 65 -8.93 -0.86 9.26
C SER A 65 -9.19 0.64 9.02
N PRO A 66 -10.41 1.01 8.60
CA PRO A 66 -10.76 2.39 8.25
C PRO A 66 -10.78 3.28 9.50
N GLY A 67 -10.26 4.51 9.37
CA GLY A 67 -10.10 5.46 10.47
C GLY A 67 -8.93 5.13 11.42
N LEU A 68 -8.42 3.90 11.39
CA LEU A 68 -7.23 3.50 12.13
C LEU A 68 -5.99 3.85 11.31
N TYR A 69 -5.83 3.24 10.13
CA TYR A 69 -4.60 3.31 9.34
C TYR A 69 -4.45 4.67 8.64
N ARG A 70 -3.69 5.58 9.27
CA ARG A 70 -3.40 6.96 8.80
C ARG A 70 -2.39 6.96 7.64
N VAL A 71 -2.67 6.17 6.61
CA VAL A 71 -1.70 5.89 5.55
C VAL A 71 -1.44 7.09 4.64
N SER A 72 -0.16 7.37 4.43
CA SER A 72 0.36 8.49 3.65
C SER A 72 0.99 8.02 2.33
N ILE A 73 0.62 8.65 1.22
CA ILE A 73 0.95 8.19 -0.15
C ILE A 73 1.84 9.24 -0.82
N THR A 74 2.87 8.78 -1.52
CA THR A 74 3.73 9.63 -2.36
C THR A 74 3.07 10.02 -3.69
N SER A 75 2.09 10.91 -3.67
CA SER A 75 1.48 11.55 -4.86
C SER A 75 0.72 12.85 -4.51
N GLU A 76 0.32 13.60 -5.53
CA GLU A 76 -0.10 14.99 -5.52
C GLU A 76 -1.44 15.24 -6.23
N VAL A 77 -2.54 15.06 -5.51
CA VAL A 77 -3.94 15.26 -5.95
C VAL A 77 -4.74 15.79 -4.76
N ASN A 1 6.82 -1.22 -18.53
CA ASN A 1 7.60 -0.62 -17.45
C ASN A 1 6.67 -0.32 -16.26
N ASP A 2 6.74 -1.15 -15.22
CA ASP A 2 5.97 -0.97 -13.99
C ASP A 2 6.39 0.32 -13.23
N SER A 3 5.53 0.76 -12.32
CA SER A 3 5.72 1.94 -11.49
C SER A 3 5.79 1.58 -10.01
N THR A 4 6.60 2.32 -9.24
CA THR A 4 6.73 2.14 -7.79
C THR A 4 5.88 3.10 -7.02
N ALA A 5 5.07 2.56 -6.11
CA ALA A 5 4.43 3.33 -5.05
C ALA A 5 4.84 2.75 -3.71
N THR A 6 4.80 3.62 -2.71
CA THR A 6 4.89 3.28 -1.30
C THR A 6 3.70 3.90 -0.60
N PHE A 7 3.35 3.27 0.51
CA PHE A 7 2.34 3.77 1.42
C PHE A 7 2.86 3.69 2.87
N ILE A 8 2.90 4.83 3.55
CA ILE A 8 3.54 5.06 4.87
C ILE A 8 2.50 5.01 5.97
N ILE A 9 2.40 3.85 6.62
CA ILE A 9 1.29 3.45 7.50
C ILE A 9 1.57 3.62 9.00
N ASP A 10 0.66 4.31 9.68
CA ASP A 10 0.55 4.33 11.16
C ASP A 10 -0.80 3.68 11.52
N GLY A 11 -0.79 2.36 11.65
CA GLY A 11 -1.98 1.52 11.77
C GLY A 11 -1.86 0.45 12.85
N MET A 12 -2.73 0.52 13.86
CA MET A 12 -2.90 -0.48 14.94
C MET A 12 -1.79 -0.45 16.00
N HIS A 13 -0.99 0.62 16.02
CA HIS A 13 0.10 0.96 16.95
C HIS A 13 1.41 0.23 16.62
N CYS A 14 1.33 -1.03 16.20
CA CYS A 14 2.44 -1.73 15.55
C CYS A 14 2.43 -1.33 14.04
N LYS A 15 3.24 -2.00 13.21
CA LYS A 15 3.29 -1.78 11.75
C LYS A 15 3.14 -3.12 10.96
N SER A 16 3.30 -4.26 11.63
CA SER A 16 3.29 -5.66 11.14
C SER A 16 2.04 -6.07 10.31
N CYS A 17 0.96 -5.30 10.46
CA CYS A 17 -0.25 -5.32 9.65
C CYS A 17 0.05 -5.26 8.14
N VAL A 18 1.21 -4.68 7.81
CA VAL A 18 1.83 -4.71 6.48
C VAL A 18 1.56 -6.02 5.75
N SER A 19 1.91 -7.19 6.30
CA SER A 19 1.87 -8.45 5.55
C SER A 19 0.43 -8.94 5.34
N ASN A 20 -0.44 -8.65 6.32
CA ASN A 20 -1.89 -8.86 6.22
C ASN A 20 -2.46 -8.07 5.02
N ILE A 21 -2.00 -6.82 4.89
CA ILE A 21 -2.34 -5.96 3.74
C ILE A 21 -1.63 -6.40 2.44
N GLU A 22 -0.36 -6.80 2.50
CA GLU A 22 0.44 -7.17 1.32
C GLU A 22 -0.16 -8.36 0.60
N SER A 23 -0.72 -9.29 1.37
CA SER A 23 -1.52 -10.40 0.85
C SER A 23 -2.59 -9.95 -0.17
N THR A 24 -3.47 -9.01 0.20
CA THR A 24 -4.52 -8.50 -0.71
C THR A 24 -3.98 -7.54 -1.77
N LEU A 25 -2.98 -6.73 -1.42
CA LEU A 25 -2.28 -5.84 -2.36
C LEU A 25 -1.71 -6.62 -3.54
N SER A 26 -1.00 -7.70 -3.25
CA SER A 26 -0.28 -8.51 -4.23
C SER A 26 -1.18 -9.38 -5.12
N ALA A 27 -2.50 -9.22 -4.99
CA ALA A 27 -3.52 -9.88 -5.80
C ALA A 27 -4.29 -8.90 -6.70
N LEU A 28 -3.97 -7.59 -6.67
CA LEU A 28 -4.78 -6.57 -7.33
C LEU A 28 -4.66 -6.63 -8.86
N GLN A 29 -5.61 -5.96 -9.52
CA GLN A 29 -5.90 -6.03 -10.96
C GLN A 29 -4.77 -5.63 -11.93
N TYR A 30 -3.63 -5.10 -11.44
CA TYR A 30 -2.59 -4.48 -12.28
C TYR A 30 -1.20 -4.36 -11.62
N VAL A 31 -0.85 -5.30 -10.73
CA VAL A 31 0.41 -5.36 -9.95
C VAL A 31 1.24 -6.59 -10.30
N SER A 32 2.57 -6.41 -10.28
CA SER A 32 3.56 -7.46 -10.60
C SER A 32 4.39 -7.92 -9.38
N SER A 33 4.71 -7.02 -8.44
CA SER A 33 5.30 -7.38 -7.15
C SER A 33 4.76 -6.50 -6.03
N ILE A 34 4.86 -7.02 -4.82
CA ILE A 34 4.65 -6.34 -3.55
C ILE A 34 5.98 -6.40 -2.84
N VAL A 35 6.22 -5.46 -1.93
CA VAL A 35 7.56 -5.18 -1.42
C VAL A 35 7.49 -4.43 -0.08
N VAL A 36 6.71 -4.97 0.87
CA VAL A 36 6.33 -4.39 2.17
C VAL A 36 7.50 -4.19 3.17
N SER A 37 7.35 -3.30 4.18
CA SER A 37 8.39 -2.96 5.20
C SER A 37 7.78 -2.90 6.61
N LEU A 38 7.93 -3.98 7.40
CA LEU A 38 7.17 -4.18 8.64
C LEU A 38 7.67 -3.40 9.86
N GLU A 39 8.99 -3.26 9.98
CA GLU A 39 9.70 -2.53 11.01
C GLU A 39 9.47 -1.02 10.89
N ASN A 40 9.41 -0.53 9.65
CA ASN A 40 9.15 0.84 9.27
C ASN A 40 7.67 1.06 9.02
N ARG A 41 7.40 2.28 8.56
CA ARG A 41 6.10 2.73 8.12
C ARG A 41 6.10 2.66 6.59
N SER A 42 6.07 1.47 6.00
CA SER A 42 6.12 1.38 4.53
C SER A 42 5.52 0.10 3.96
N ALA A 43 4.84 0.27 2.83
CA ALA A 43 4.30 -0.80 2.00
C ALA A 43 4.61 -0.47 0.53
N ILE A 44 5.69 -1.02 -0.05
CA ILE A 44 6.11 -0.70 -1.43
C ILE A 44 5.46 -1.70 -2.38
N VAL A 45 5.10 -1.29 -3.58
CA VAL A 45 4.41 -2.11 -4.59
C VAL A 45 4.92 -1.74 -5.99
N VAL A 46 4.94 -2.72 -6.91
CA VAL A 46 5.28 -2.55 -8.34
C VAL A 46 4.02 -2.81 -9.17
N TYR A 47 3.50 -1.79 -9.87
CA TYR A 47 2.18 -1.82 -10.53
C TYR A 47 2.03 -0.83 -11.71
N ASN A 48 0.90 -0.83 -12.43
CA ASN A 48 0.71 -0.05 -13.68
C ASN A 48 0.07 1.33 -13.44
N ALA A 49 0.84 2.36 -13.08
CA ALA A 49 0.36 3.72 -12.77
C ALA A 49 -0.14 4.54 -13.99
N SER A 50 -1.15 4.03 -14.71
CA SER A 50 -1.77 4.68 -15.88
C SER A 50 -2.65 5.91 -15.56
N SER A 51 -2.52 6.49 -14.36
CA SER A 51 -3.29 7.61 -13.80
C SER A 51 -2.77 7.94 -12.39
N VAL A 52 -2.97 9.17 -11.90
CA VAL A 52 -2.57 9.64 -10.56
C VAL A 52 -3.47 9.11 -9.42
N THR A 53 -3.81 7.81 -9.47
CA THR A 53 -4.81 7.17 -8.58
C THR A 53 -4.26 5.95 -7.84
N PRO A 54 -3.33 6.17 -6.90
CA PRO A 54 -2.78 5.14 -6.01
C PRO A 54 -3.80 4.66 -4.95
N GLU A 55 -5.02 5.23 -4.95
CA GLU A 55 -6.16 4.83 -4.14
C GLU A 55 -6.48 3.34 -4.22
N SER A 56 -6.35 2.71 -5.40
CA SER A 56 -6.58 1.26 -5.55
C SER A 56 -5.77 0.41 -4.57
N LEU A 57 -4.52 0.83 -4.29
CA LEU A 57 -3.62 0.18 -3.36
C LEU A 57 -3.86 0.66 -1.93
N ARG A 58 -4.07 1.98 -1.71
CA ARG A 58 -4.48 2.53 -0.41
C ARG A 58 -5.67 1.77 0.17
N LYS A 59 -6.69 1.48 -0.64
CA LYS A 59 -7.88 0.75 -0.18
C LYS A 59 -7.58 -0.67 0.33
N ALA A 60 -6.47 -1.31 -0.04
CA ALA A 60 -6.00 -2.54 0.62
C ALA A 60 -5.57 -2.29 2.06
N ILE A 61 -4.86 -1.19 2.33
CA ILE A 61 -4.53 -0.74 3.69
C ILE A 61 -5.83 -0.43 4.44
N GLU A 62 -6.76 0.26 3.81
CA GLU A 62 -7.98 0.69 4.49
C GLU A 62 -8.94 -0.46 4.75
N ALA A 63 -8.99 -1.47 3.89
CA ALA A 63 -9.94 -2.58 4.03
C ALA A 63 -9.77 -3.43 5.31
N VAL A 64 -8.62 -3.38 5.98
CA VAL A 64 -8.44 -4.03 7.29
C VAL A 64 -8.88 -3.12 8.45
N SER A 65 -8.81 -1.79 8.34
CA SER A 65 -9.43 -0.83 9.27
C SER A 65 -9.61 0.56 8.63
N PRO A 66 -10.76 0.83 8.00
CA PRO A 66 -10.94 2.03 7.18
C PRO A 66 -10.99 3.29 8.04
N GLY A 67 -10.23 4.30 7.61
CA GLY A 67 -10.13 5.60 8.26
C GLY A 67 -9.16 5.65 9.45
N LEU A 68 -8.86 4.51 10.10
CA LEU A 68 -7.91 4.50 11.23
C LEU A 68 -6.47 4.16 10.85
N TYR A 69 -6.20 3.53 9.69
CA TYR A 69 -4.81 3.41 9.26
C TYR A 69 -4.32 4.76 8.73
N ARG A 70 -3.49 5.44 9.52
CA ARG A 70 -2.88 6.73 9.17
C ARG A 70 -1.83 6.53 8.07
N VAL A 71 -2.28 6.24 6.86
CA VAL A 71 -1.39 5.98 5.72
C VAL A 71 -1.24 7.18 4.80
N SER A 72 0.00 7.57 4.56
CA SER A 72 0.38 8.62 3.61
C SER A 72 1.08 8.06 2.37
N ILE A 73 0.77 8.60 1.20
CA ILE A 73 1.22 8.09 -0.10
C ILE A 73 2.23 9.07 -0.71
N THR A 74 3.22 8.56 -1.46
CA THR A 74 4.19 9.40 -2.17
C THR A 74 3.78 9.51 -3.64
N SER A 75 3.15 10.62 -4.02
CA SER A 75 2.76 10.91 -5.41
C SER A 75 2.50 12.42 -5.64
N GLU A 76 2.38 12.82 -6.91
CA GLU A 76 1.90 14.13 -7.34
C GLU A 76 0.36 14.16 -7.31
N VAL A 77 -0.19 15.38 -7.45
CA VAL A 77 -1.57 15.84 -7.67
C VAL A 77 -1.87 17.15 -6.90
N ASN A 1 8.87 -0.80 -18.85
CA ASN A 1 9.04 -0.15 -17.54
C ASN A 1 7.76 -0.24 -16.68
N ASP A 2 7.94 -0.37 -15.37
CA ASP A 2 6.86 -0.33 -14.38
C ASP A 2 6.52 1.09 -13.91
N SER A 3 5.93 1.14 -12.73
CA SER A 3 5.70 2.28 -11.88
C SER A 3 5.58 1.77 -10.44
N THR A 4 5.93 2.60 -9.45
CA THR A 4 6.11 2.14 -8.06
C THR A 4 5.56 3.18 -7.11
N ALA A 5 4.70 2.75 -6.20
CA ALA A 5 4.16 3.58 -5.12
C ALA A 5 4.65 3.09 -3.75
N THR A 6 4.75 4.08 -2.85
CA THR A 6 4.95 3.93 -1.42
C THR A 6 3.73 4.50 -0.71
N PHE A 7 3.21 3.69 0.20
CA PHE A 7 2.19 4.04 1.17
C PHE A 7 2.79 3.89 2.57
N ILE A 8 2.66 4.90 3.45
CA ILE A 8 3.25 4.95 4.79
C ILE A 8 2.19 4.81 5.88
N ILE A 9 2.11 3.61 6.46
CA ILE A 9 1.01 3.10 7.31
C ILE A 9 1.32 3.22 8.80
N ASP A 10 0.50 3.98 9.53
CA ASP A 10 0.84 4.34 10.93
C ASP A 10 -0.30 4.27 11.98
N GLY A 11 -1.36 3.48 11.74
CA GLY A 11 -2.53 3.43 12.64
C GLY A 11 -2.40 2.57 13.91
N MET A 12 -1.33 1.78 14.01
CA MET A 12 -1.00 0.95 15.18
C MET A 12 0.51 1.05 15.47
N HIS A 13 0.97 0.53 16.61
CA HIS A 13 2.36 0.66 17.06
C HIS A 13 3.34 -0.09 16.14
N CYS A 14 3.29 -1.42 16.18
CA CYS A 14 3.96 -2.28 15.22
C CYS A 14 3.25 -2.17 13.84
N LYS A 15 4.01 -2.37 12.77
CA LYS A 15 3.46 -2.38 11.40
C LYS A 15 3.17 -3.82 10.93
N SER A 16 3.31 -4.84 11.78
CA SER A 16 3.03 -6.29 11.58
C SER A 16 1.78 -6.60 10.73
N CYS A 17 0.75 -5.77 10.91
CA CYS A 17 -0.46 -5.54 10.15
C CYS A 17 -0.28 -5.60 8.61
N VAL A 18 0.94 -5.28 8.17
CA VAL A 18 1.46 -5.33 6.81
C VAL A 18 1.09 -6.61 6.07
N SER A 19 1.35 -7.79 6.64
CA SER A 19 1.22 -9.03 5.87
C SER A 19 -0.25 -9.37 5.62
N ASN A 20 -1.13 -8.94 6.53
CA ASN A 20 -2.58 -8.96 6.33
C ASN A 20 -2.93 -8.15 5.06
N ILE A 21 -2.35 -6.95 4.92
CA ILE A 21 -2.57 -6.09 3.73
C ILE A 21 -1.78 -6.56 2.49
N GLU A 22 -0.59 -7.15 2.63
CA GLU A 22 0.26 -7.53 1.47
C GLU A 22 -0.55 -8.41 0.55
N SER A 23 -1.23 -9.42 1.08
CA SER A 23 -1.94 -10.40 0.24
C SER A 23 -3.12 -9.81 -0.54
N THR A 24 -3.62 -8.64 -0.13
CA THR A 24 -4.62 -7.89 -0.91
C THR A 24 -3.98 -7.21 -2.12
N LEU A 25 -2.81 -6.61 -1.91
CA LEU A 25 -2.00 -5.86 -2.88
C LEU A 25 -1.27 -6.78 -3.85
N SER A 26 -0.73 -7.88 -3.32
CA SER A 26 0.07 -8.94 -3.94
C SER A 26 -0.71 -9.78 -4.95
N ALA A 27 -2.02 -9.53 -5.06
CA ALA A 27 -2.95 -10.39 -5.80
C ALA A 27 -3.72 -9.65 -6.90
N LEU A 28 -3.35 -8.41 -7.23
CA LEU A 28 -4.12 -7.61 -8.18
C LEU A 28 -3.59 -7.91 -9.61
N GLN A 29 -4.45 -7.81 -10.62
CA GLN A 29 -4.11 -8.25 -11.99
C GLN A 29 -3.19 -7.28 -12.76
N TYR A 30 -2.41 -6.45 -12.05
CA TYR A 30 -1.68 -5.31 -12.61
C TYR A 30 -0.50 -4.87 -11.71
N VAL A 31 0.22 -5.82 -11.12
CA VAL A 31 1.33 -5.63 -10.16
C VAL A 31 2.44 -6.65 -10.43
N SER A 32 3.70 -6.21 -10.47
CA SER A 32 4.88 -7.08 -10.71
C SER A 32 5.65 -7.50 -9.45
N SER A 33 5.35 -6.87 -8.31
CA SER A 33 6.01 -7.09 -7.03
C SER A 33 5.25 -6.38 -5.91
N ILE A 34 5.27 -7.00 -4.75
CA ILE A 34 4.80 -6.42 -3.49
C ILE A 34 6.00 -6.46 -2.58
N VAL A 35 6.10 -5.42 -1.77
CA VAL A 35 7.33 -5.09 -1.07
C VAL A 35 6.95 -4.43 0.27
N VAL A 36 6.19 -5.19 1.06
CA VAL A 36 5.78 -4.83 2.43
C VAL A 36 6.98 -4.86 3.40
N SER A 37 7.13 -3.82 4.23
CA SER A 37 8.10 -3.72 5.33
C SER A 37 7.35 -3.74 6.67
N LEU A 38 7.77 -4.51 7.69
CA LEU A 38 6.91 -4.74 8.87
C LEU A 38 7.18 -3.96 10.15
N GLU A 39 8.42 -3.52 10.39
CA GLU A 39 8.70 -2.62 11.49
C GLU A 39 8.39 -1.21 11.01
N ASN A 40 9.03 -0.86 9.89
CA ASN A 40 8.78 0.35 9.15
C ASN A 40 7.37 0.40 8.63
N ARG A 41 6.97 1.62 8.35
CA ARG A 41 5.63 1.99 7.89
C ARG A 41 5.44 1.75 6.39
N SER A 42 6.39 1.12 5.70
CA SER A 42 6.45 1.12 4.25
C SER A 42 5.80 -0.08 3.56
N ALA A 43 4.65 0.19 2.96
CA ALA A 43 4.02 -0.74 2.04
C ALA A 43 4.37 -0.23 0.65
N ILE A 44 5.35 -0.87 0.03
CA ILE A 44 5.79 -0.57 -1.34
C ILE A 44 5.20 -1.65 -2.27
N VAL A 45 4.85 -1.23 -3.48
CA VAL A 45 4.27 -2.12 -4.50
C VAL A 45 4.73 -1.64 -5.89
N VAL A 46 5.04 -2.57 -6.79
CA VAL A 46 5.27 -2.31 -8.23
C VAL A 46 3.98 -2.60 -8.98
N TYR A 47 3.44 -1.65 -9.74
CA TYR A 47 2.07 -1.74 -10.31
C TYR A 47 1.76 -0.70 -11.41
N ASN A 48 0.61 -0.86 -12.09
CA ASN A 48 0.23 -0.06 -13.25
C ASN A 48 -0.33 1.33 -12.85
N ALA A 49 0.54 2.31 -12.61
CA ALA A 49 0.20 3.69 -12.23
C ALA A 49 -0.37 4.54 -13.39
N SER A 50 -1.25 3.96 -14.22
CA SER A 50 -1.77 4.54 -15.47
C SER A 50 -2.75 5.72 -15.29
N SER A 51 -2.77 6.36 -14.13
CA SER A 51 -3.61 7.49 -13.72
C SER A 51 -3.20 7.98 -12.32
N VAL A 52 -3.57 9.22 -11.96
CA VAL A 52 -3.22 9.89 -10.69
C VAL A 52 -4.05 9.36 -9.50
N THR A 53 -4.27 8.04 -9.47
CA THR A 53 -5.18 7.33 -8.58
C THR A 53 -4.47 6.17 -7.86
N PRO A 54 -3.49 6.49 -6.99
CA PRO A 54 -2.89 5.52 -6.07
C PRO A 54 -3.92 4.99 -5.06
N GLU A 55 -5.13 5.59 -5.06
CA GLU A 55 -6.36 5.12 -4.43
C GLU A 55 -6.50 3.59 -4.54
N SER A 56 -6.24 3.02 -5.72
CA SER A 56 -6.44 1.60 -6.04
C SER A 56 -5.80 0.66 -5.00
N LEU A 57 -4.58 0.95 -4.59
CA LEU A 57 -3.80 0.20 -3.62
C LEU A 57 -4.11 0.65 -2.18
N ARG A 58 -4.23 1.97 -1.93
CA ARG A 58 -4.65 2.48 -0.61
C ARG A 58 -5.95 1.83 -0.14
N LYS A 59 -6.89 1.57 -1.07
CA LYS A 59 -8.15 0.90 -0.77
C LYS A 59 -7.96 -0.42 0.01
N ALA A 60 -6.87 -1.16 -0.19
CA ALA A 60 -6.55 -2.36 0.60
C ALA A 60 -6.26 -2.03 2.08
N ILE A 61 -5.32 -1.13 2.33
CA ILE A 61 -4.95 -0.64 3.67
C ILE A 61 -6.19 -0.05 4.39
N GLU A 62 -6.93 0.83 3.71
CA GLU A 62 -8.02 1.61 4.29
C GLU A 62 -9.27 0.76 4.56
N ALA A 63 -9.46 -0.33 3.81
CA ALA A 63 -10.58 -1.24 4.00
C ALA A 63 -10.44 -2.21 5.19
N VAL A 64 -9.23 -2.49 5.69
CA VAL A 64 -9.05 -3.35 6.88
C VAL A 64 -9.18 -2.56 8.21
N SER A 65 -8.74 -1.29 8.24
CA SER A 65 -8.93 -0.42 9.42
C SER A 65 -9.28 1.04 8.98
N PRO A 66 -10.52 1.27 8.51
CA PRO A 66 -10.95 2.58 8.01
C PRO A 66 -10.97 3.61 9.14
N GLY A 67 -10.49 4.83 8.86
CA GLY A 67 -10.36 5.91 9.84
C GLY A 67 -9.21 5.72 10.84
N LEU A 68 -8.50 4.58 10.77
CA LEU A 68 -7.53 4.16 11.78
C LEU A 68 -6.11 4.10 11.20
N TYR A 69 -5.90 3.42 10.08
CA TYR A 69 -4.58 3.37 9.44
C TYR A 69 -4.21 4.72 8.82
N ARG A 70 -3.22 5.42 9.39
CA ARG A 70 -2.72 6.78 9.02
C ARG A 70 -2.04 6.89 7.64
N VAL A 71 -2.45 6.06 6.71
CA VAL A 71 -1.68 5.82 5.50
C VAL A 71 -1.53 7.03 4.57
N SER A 72 -0.27 7.42 4.42
CA SER A 72 0.18 8.59 3.66
C SER A 72 0.89 8.17 2.37
N ILE A 73 0.62 8.81 1.23
CA ILE A 73 1.03 8.32 -0.10
C ILE A 73 2.05 9.26 -0.73
N THR A 74 3.07 8.69 -1.38
CA THR A 74 4.05 9.41 -2.20
C THR A 74 3.54 9.55 -3.63
N SER A 75 2.93 10.68 -3.95
CA SER A 75 2.41 10.99 -5.28
C SER A 75 1.99 12.46 -5.38
N GLU A 76 2.14 13.06 -6.58
CA GLU A 76 1.60 14.39 -6.88
C GLU A 76 0.06 14.33 -6.95
N VAL A 77 -0.57 14.56 -5.80
CA VAL A 77 -2.03 14.65 -5.61
C VAL A 77 -2.34 15.29 -4.26
N ASN A 1 8.93 1.00 -16.87
CA ASN A 1 8.05 -0.06 -17.38
C ASN A 1 6.82 -0.04 -16.45
N ASP A 2 6.76 -0.91 -15.43
CA ASP A 2 5.79 -0.73 -14.34
C ASP A 2 6.20 0.49 -13.50
N SER A 3 5.23 1.02 -12.76
CA SER A 3 5.39 2.11 -11.81
C SER A 3 5.84 1.59 -10.43
N THR A 4 6.02 2.51 -9.47
CA THR A 4 6.26 2.17 -8.06
C THR A 4 5.70 3.25 -7.17
N ALA A 5 4.86 2.85 -6.22
CA ALA A 5 4.39 3.73 -5.14
C ALA A 5 4.80 3.19 -3.77
N THR A 6 4.84 4.13 -2.83
CA THR A 6 4.97 3.91 -1.40
C THR A 6 3.74 4.46 -0.70
N PHE A 7 3.17 3.64 0.18
CA PHE A 7 2.12 4.00 1.12
C PHE A 7 2.70 3.89 2.54
N ILE A 8 2.65 4.97 3.33
CA ILE A 8 3.24 5.04 4.69
C ILE A 8 2.15 5.02 5.75
N ILE A 9 2.11 3.94 6.52
CA ILE A 9 0.99 3.54 7.39
C ILE A 9 1.23 3.94 8.84
N ASP A 10 0.65 5.07 9.23
CA ASP A 10 0.59 5.51 10.63
C ASP A 10 -0.71 4.98 11.25
N GLY A 11 -0.60 3.76 11.75
CA GLY A 11 -1.75 2.97 12.19
C GLY A 11 -1.66 2.51 13.64
N MET A 12 -1.69 1.19 13.83
CA MET A 12 -1.40 0.56 15.11
C MET A 12 0.05 0.86 15.54
N HIS A 13 0.35 0.66 16.83
CA HIS A 13 1.72 0.85 17.33
C HIS A 13 2.68 -0.15 16.68
N CYS A 14 2.32 -1.43 16.72
CA CYS A 14 2.93 -2.48 15.91
C CYS A 14 2.39 -2.35 14.47
N LYS A 15 3.22 -2.67 13.46
CA LYS A 15 2.87 -2.48 12.04
C LYS A 15 2.86 -3.81 11.26
N SER A 16 2.96 -4.96 11.96
CA SER A 16 2.90 -6.34 11.40
C SER A 16 1.69 -6.62 10.50
N CYS A 17 0.60 -5.88 10.72
CA CYS A 17 -0.59 -5.69 9.94
C CYS A 17 -0.33 -5.60 8.41
N VAL A 18 0.86 -5.11 8.06
CA VAL A 18 1.42 -5.05 6.72
C VAL A 18 1.19 -6.29 5.86
N SER A 19 1.55 -7.50 6.29
CA SER A 19 1.56 -8.70 5.43
C SER A 19 0.15 -9.15 5.09
N ASN A 20 -0.78 -8.94 6.03
CA ASN A 20 -2.22 -9.08 5.84
C ASN A 20 -2.69 -8.19 4.67
N ILE A 21 -2.21 -6.93 4.64
CA ILE A 21 -2.47 -5.98 3.55
C ILE A 21 -1.74 -6.36 2.26
N GLU A 22 -0.45 -6.69 2.34
CA GLU A 22 0.41 -6.99 1.20
C GLU A 22 -0.12 -8.22 0.46
N SER A 23 -0.64 -9.23 1.17
CA SER A 23 -1.29 -10.37 0.53
C SER A 23 -2.43 -9.97 -0.43
N THR A 24 -3.31 -9.04 -0.03
CA THR A 24 -4.40 -8.58 -0.92
C THR A 24 -3.91 -7.67 -2.04
N LEU A 25 -2.91 -6.82 -1.74
CA LEU A 25 -2.21 -5.99 -2.74
C LEU A 25 -1.55 -6.84 -3.84
N SER A 26 -1.00 -7.99 -3.46
CA SER A 26 -0.28 -8.91 -4.33
C SER A 26 -1.14 -9.60 -5.41
N ALA A 27 -2.45 -9.43 -5.33
CA ALA A 27 -3.45 -10.15 -6.13
C ALA A 27 -4.27 -9.21 -7.04
N LEU A 28 -3.81 -7.97 -7.26
CA LEU A 28 -4.52 -6.96 -8.04
C LEU A 28 -4.22 -7.11 -9.54
N GLN A 29 -5.03 -6.49 -10.39
CA GLN A 29 -5.07 -6.77 -11.84
C GLN A 29 -3.90 -6.25 -12.68
N TYR A 30 -2.88 -5.60 -12.09
CA TYR A 30 -1.85 -4.88 -12.86
C TYR A 30 -0.54 -4.64 -12.05
N VAL A 31 -0.12 -5.63 -11.26
CA VAL A 31 1.02 -5.58 -10.31
C VAL A 31 2.08 -6.63 -10.67
N SER A 32 3.37 -6.27 -10.59
CA SER A 32 4.49 -7.18 -10.88
C SER A 32 5.26 -7.61 -9.63
N SER A 33 4.98 -6.97 -8.50
CA SER A 33 5.76 -7.09 -7.27
C SER A 33 5.07 -6.36 -6.12
N ILE A 34 5.35 -6.85 -4.92
CA ILE A 34 4.82 -6.40 -3.64
C ILE A 34 6.00 -6.51 -2.68
N VAL A 35 6.10 -5.54 -1.78
CA VAL A 35 7.35 -5.26 -1.05
C VAL A 35 7.07 -4.51 0.26
N VAL A 36 6.36 -5.18 1.17
CA VAL A 36 6.06 -4.62 2.51
C VAL A 36 7.27 -4.61 3.48
N SER A 37 7.26 -3.70 4.45
CA SER A 37 8.20 -3.58 5.59
C SER A 37 7.39 -3.50 6.89
N LEU A 38 7.61 -4.41 7.85
CA LEU A 38 6.71 -4.61 9.00
C LEU A 38 7.09 -3.90 10.29
N GLU A 39 8.37 -3.88 10.57
CA GLU A 39 9.04 -3.16 11.64
C GLU A 39 8.96 -1.63 11.47
N ASN A 40 8.84 -1.17 10.22
CA ASN A 40 8.74 0.22 9.83
C ASN A 40 7.28 0.70 9.88
N ARG A 41 6.70 0.99 8.71
CA ARG A 41 5.37 1.55 8.37
C ARG A 41 5.20 1.60 6.85
N SER A 42 5.95 0.79 6.11
CA SER A 42 6.09 0.97 4.65
C SER A 42 5.52 -0.17 3.84
N ALA A 43 4.58 0.15 2.94
CA ALA A 43 4.08 -0.76 1.93
C ALA A 43 4.50 -0.24 0.55
N ILE A 44 5.38 -0.96 -0.14
CA ILE A 44 5.86 -0.62 -1.48
C ILE A 44 5.37 -1.70 -2.44
N VAL A 45 5.05 -1.31 -3.67
CA VAL A 45 4.40 -2.17 -4.67
C VAL A 45 4.87 -1.74 -6.07
N VAL A 46 5.11 -2.71 -6.97
CA VAL A 46 5.33 -2.48 -8.41
C VAL A 46 4.02 -2.79 -9.13
N TYR A 47 3.53 -1.84 -9.93
CA TYR A 47 2.22 -1.91 -10.58
C TYR A 47 1.99 -0.77 -11.59
N ASN A 48 0.81 -0.68 -12.21
CA ASN A 48 0.49 0.41 -13.15
C ASN A 48 -0.03 1.66 -12.40
N ALA A 49 0.68 2.78 -12.55
CA ALA A 49 0.39 4.06 -11.92
C ALA A 49 1.09 5.22 -12.63
N SER A 50 0.49 6.39 -12.48
CA SER A 50 0.76 7.75 -12.97
C SER A 50 -0.57 8.32 -13.52
N SER A 51 -0.89 8.08 -14.78
CA SER A 51 -2.09 8.57 -15.49
C SER A 51 -3.38 7.80 -15.11
N VAL A 52 -3.55 7.47 -13.83
CA VAL A 52 -4.64 6.66 -13.23
C VAL A 52 -4.75 7.02 -11.74
N THR A 53 -5.56 6.30 -10.93
CA THR A 53 -5.66 6.48 -9.47
C THR A 53 -4.76 5.50 -8.71
N PRO A 54 -3.55 5.92 -8.27
CA PRO A 54 -2.65 5.10 -7.44
C PRO A 54 -3.30 4.79 -6.09
N GLU A 55 -4.11 5.72 -5.61
CA GLU A 55 -5.04 5.64 -4.47
C GLU A 55 -5.84 4.34 -4.36
N SER A 56 -6.11 3.70 -5.49
CA SER A 56 -6.66 2.34 -5.61
C SER A 56 -6.19 1.40 -4.49
N LEU A 57 -4.87 1.19 -4.44
CA LEU A 57 -4.21 0.23 -3.56
C LEU A 57 -4.39 0.59 -2.08
N ARG A 58 -4.53 1.89 -1.76
CA ARG A 58 -4.71 2.34 -0.38
C ARG A 58 -5.89 1.68 0.32
N LYS A 59 -6.93 1.35 -0.43
CA LYS A 59 -8.14 0.71 0.12
C LYS A 59 -7.85 -0.69 0.73
N ALA A 60 -6.77 -1.36 0.31
CA ALA A 60 -6.25 -2.57 0.96
C ALA A 60 -5.73 -2.31 2.38
N ILE A 61 -5.02 -1.18 2.59
CA ILE A 61 -4.60 -0.71 3.90
C ILE A 61 -5.84 -0.40 4.75
N GLU A 62 -6.81 0.31 4.17
CA GLU A 62 -7.95 0.81 4.94
C GLU A 62 -8.81 -0.33 5.45
N ALA A 63 -9.05 -1.35 4.63
CA ALA A 63 -10.05 -2.38 4.92
C ALA A 63 -9.78 -3.26 6.15
N VAL A 64 -8.57 -3.26 6.69
CA VAL A 64 -8.24 -3.90 7.98
C VAL A 64 -8.45 -2.95 9.17
N SER A 65 -8.21 -1.63 9.01
CA SER A 65 -8.31 -0.69 10.14
C SER A 65 -8.77 0.71 9.66
N PRO A 66 -10.00 0.84 9.13
CA PRO A 66 -10.46 2.04 8.44
C PRO A 66 -10.68 3.19 9.42
N GLY A 67 -10.21 4.38 9.04
CA GLY A 67 -10.24 5.59 9.90
C GLY A 67 -9.19 5.57 11.03
N LEU A 68 -8.55 4.43 11.27
CA LEU A 68 -7.42 4.30 12.20
C LEU A 68 -6.12 4.65 11.47
N TYR A 69 -5.87 4.02 10.32
CA TYR A 69 -4.57 4.09 9.63
C TYR A 69 -4.44 5.37 8.78
N ARG A 70 -3.64 6.33 9.27
CA ARG A 70 -3.27 7.65 8.70
C ARG A 70 -2.38 7.54 7.46
N VAL A 71 -2.68 6.60 6.58
CA VAL A 71 -1.74 6.22 5.53
C VAL A 71 -1.52 7.31 4.48
N SER A 72 -0.25 7.69 4.35
CA SER A 72 0.25 8.81 3.56
C SER A 72 0.90 8.31 2.27
N ILE A 73 0.31 8.71 1.14
CA ILE A 73 0.54 8.12 -0.18
C ILE A 73 1.36 9.05 -1.05
N THR A 74 2.25 8.47 -1.85
CA THR A 74 3.12 9.18 -2.79
C THR A 74 2.89 8.75 -4.22
N SER A 75 2.52 9.71 -5.07
CA SER A 75 2.32 9.68 -6.53
C SER A 75 1.59 10.98 -6.98
N GLU A 76 1.49 11.19 -8.29
CA GLU A 76 1.09 12.41 -8.99
C GLU A 76 -0.41 12.73 -8.86
N VAL A 77 -0.84 13.16 -7.66
CA VAL A 77 -2.24 13.45 -7.32
C VAL A 77 -2.36 14.83 -6.69
N ASN A 1 6.17 0.06 -18.21
CA ASN A 1 7.09 0.13 -17.07
C ASN A 1 6.34 -0.23 -15.75
N ASP A 2 6.74 0.32 -14.61
CA ASP A 2 6.06 0.21 -13.32
C ASP A 2 5.80 1.60 -12.73
N SER A 3 5.59 1.61 -11.43
CA SER A 3 5.60 2.79 -10.59
C SER A 3 5.72 2.30 -9.15
N THR A 4 6.93 2.47 -8.60
CA THR A 4 7.29 1.96 -7.28
C THR A 4 6.79 2.97 -6.26
N ALA A 5 5.54 2.79 -5.85
CA ALA A 5 4.89 3.61 -4.84
C ALA A 5 5.12 3.00 -3.48
N THR A 6 5.23 3.89 -2.49
CA THR A 6 5.27 3.59 -1.07
C THR A 6 4.03 4.20 -0.42
N PHE A 7 3.42 3.44 0.47
CA PHE A 7 2.30 3.85 1.29
C PHE A 7 2.75 3.78 2.76
N ILE A 8 2.69 4.90 3.47
CA ILE A 8 3.26 5.08 4.82
C ILE A 8 2.18 5.00 5.90
N ILE A 9 2.02 3.78 6.39
CA ILE A 9 0.93 3.29 7.24
C ILE A 9 1.14 3.69 8.69
N ASP A 10 0.81 4.93 9.00
CA ASP A 10 0.90 5.46 10.37
C ASP A 10 -0.37 5.08 11.15
N GLY A 11 -0.52 3.77 11.34
CA GLY A 11 -1.62 3.13 12.07
C GLY A 11 -1.18 2.24 13.21
N MET A 12 -2.17 1.80 13.99
CA MET A 12 -2.06 0.75 15.02
C MET A 12 -1.00 1.12 16.08
N HIS A 13 -0.08 0.21 16.37
CA HIS A 13 1.13 0.41 17.18
C HIS A 13 2.27 -0.35 16.49
N CYS A 14 2.13 -1.69 16.40
CA CYS A 14 2.93 -2.52 15.54
C CYS A 14 2.48 -2.30 14.07
N LYS A 15 3.39 -2.41 13.10
CA LYS A 15 3.04 -2.29 11.68
C LYS A 15 2.75 -3.66 11.03
N SER A 16 2.76 -4.74 11.83
CA SER A 16 2.39 -6.15 11.57
C SER A 16 1.20 -6.38 10.61
N CYS A 17 0.29 -5.41 10.61
CA CYS A 17 -0.79 -5.18 9.66
C CYS A 17 -0.35 -5.34 8.17
N VAL A 18 0.93 -5.02 7.92
CA VAL A 18 1.72 -5.20 6.69
C VAL A 18 1.24 -6.33 5.79
N SER A 19 1.41 -7.55 6.27
CA SER A 19 1.25 -8.72 5.44
C SER A 19 -0.22 -9.09 5.18
N ASN A 20 -1.18 -8.57 5.97
CA ASN A 20 -2.61 -8.73 5.63
C ASN A 20 -2.92 -8.01 4.31
N ILE A 21 -2.31 -6.84 4.15
CA ILE A 21 -2.42 -5.99 2.97
C ILE A 21 -1.71 -6.63 1.78
N GLU A 22 -0.47 -7.09 1.99
CA GLU A 22 0.42 -7.48 0.91
C GLU A 22 -0.19 -8.54 -0.01
N SER A 23 -0.72 -9.65 0.53
CA SER A 23 -1.15 -10.75 -0.33
C SER A 23 -2.45 -10.44 -1.10
N THR A 24 -3.31 -9.56 -0.58
CA THR A 24 -4.53 -9.12 -1.29
C THR A 24 -4.23 -8.11 -2.39
N LEU A 25 -3.22 -7.29 -2.16
CA LEU A 25 -2.69 -6.28 -3.07
C LEU A 25 -1.90 -6.92 -4.20
N SER A 26 -0.99 -7.81 -3.86
CA SER A 26 0.00 -8.44 -4.74
C SER A 26 -0.59 -9.42 -5.75
N ALA A 27 -1.89 -9.66 -5.68
CA ALA A 27 -2.63 -10.54 -6.56
C ALA A 27 -3.48 -9.76 -7.57
N LEU A 28 -3.42 -8.42 -7.58
CA LEU A 28 -4.34 -7.63 -8.40
C LEU A 28 -3.80 -7.55 -9.83
N GLN A 29 -4.69 -7.67 -10.81
CA GLN A 29 -4.41 -7.84 -12.24
C GLN A 29 -3.53 -6.78 -12.95
N TYR A 30 -3.04 -5.78 -12.22
CA TYR A 30 -2.22 -4.67 -12.72
C TYR A 30 -0.98 -4.40 -11.83
N VAL A 31 -0.63 -5.31 -10.90
CA VAL A 31 0.57 -5.29 -10.04
C VAL A 31 1.46 -6.50 -10.35
N SER A 32 2.78 -6.33 -10.19
CA SER A 32 3.81 -7.33 -10.48
C SER A 32 4.73 -7.68 -9.30
N SER A 33 4.76 -6.88 -8.23
CA SER A 33 5.47 -7.16 -6.98
C SER A 33 4.89 -6.28 -5.88
N ILE A 34 4.92 -6.82 -4.67
CA ILE A 34 4.60 -6.16 -3.42
C ILE A 34 5.84 -6.30 -2.57
N VAL A 35 6.08 -5.30 -1.74
CA VAL A 35 7.41 -5.11 -1.17
C VAL A 35 7.32 -4.40 0.20
N VAL A 36 6.61 -5.07 1.11
CA VAL A 36 6.34 -4.58 2.49
C VAL A 36 7.59 -4.51 3.39
N SER A 37 7.44 -3.81 4.51
CA SER A 37 8.44 -3.63 5.59
C SER A 37 7.69 -3.71 6.94
N LEU A 38 8.00 -4.68 7.83
CA LEU A 38 7.09 -5.02 8.94
C LEU A 38 7.01 -4.12 10.19
N GLU A 39 8.12 -3.55 10.65
CA GLU A 39 8.14 -2.67 11.82
C GLU A 39 8.00 -1.21 11.34
N ASN A 40 8.70 -0.89 10.25
CA ASN A 40 8.51 0.34 9.52
C ASN A 40 7.06 0.41 9.03
N ARG A 41 6.57 1.63 8.80
CA ARG A 41 5.25 1.85 8.23
C ARG A 41 5.23 1.73 6.69
N SER A 42 6.17 1.03 6.04
CA SER A 42 6.36 1.10 4.58
C SER A 42 5.88 -0.10 3.77
N ALA A 43 4.77 0.07 3.07
CA ALA A 43 4.28 -0.85 2.07
C ALA A 43 4.66 -0.34 0.68
N ILE A 44 5.67 -0.93 0.04
CA ILE A 44 6.09 -0.57 -1.32
C ILE A 44 5.44 -1.55 -2.30
N VAL A 45 5.11 -1.11 -3.51
CA VAL A 45 4.43 -1.93 -4.52
C VAL A 45 4.90 -1.54 -5.93
N VAL A 46 4.99 -2.51 -6.85
CA VAL A 46 5.29 -2.36 -8.29
C VAL A 46 4.01 -2.62 -9.10
N TYR A 47 3.52 -1.61 -9.84
CA TYR A 47 2.20 -1.64 -10.51
C TYR A 47 2.03 -0.60 -11.66
N ASN A 48 0.87 -0.62 -12.32
CA ASN A 48 0.54 0.23 -13.46
C ASN A 48 -0.13 1.54 -13.02
N ALA A 49 0.61 2.66 -12.99
CA ALA A 49 0.07 3.99 -12.66
C ALA A 49 -0.62 4.70 -13.84
N SER A 50 -1.34 3.96 -14.69
CA SER A 50 -2.03 4.47 -15.90
C SER A 50 -3.25 5.38 -15.63
N SER A 51 -3.36 5.90 -14.41
CA SER A 51 -4.38 6.83 -13.90
C SER A 51 -3.96 7.32 -12.51
N VAL A 52 -4.30 8.57 -12.16
CA VAL A 52 -3.86 9.28 -10.94
C VAL A 52 -4.62 8.87 -9.67
N THR A 53 -5.05 7.60 -9.59
CA THR A 53 -5.59 6.98 -8.37
C THR A 53 -4.65 5.88 -7.88
N PRO A 54 -3.48 6.26 -7.33
CA PRO A 54 -2.61 5.33 -6.60
C PRO A 54 -3.30 4.88 -5.30
N GLU A 55 -4.33 5.63 -4.86
CA GLU A 55 -5.25 5.28 -3.79
C GLU A 55 -6.04 3.98 -4.06
N SER A 56 -6.02 3.48 -5.30
CA SER A 56 -6.48 2.15 -5.68
C SER A 56 -5.91 1.05 -4.78
N LEU A 57 -4.60 1.10 -4.56
CA LEU A 57 -3.84 0.19 -3.71
C LEU A 57 -4.06 0.50 -2.23
N ARG A 58 -4.25 1.79 -1.93
CA ARG A 58 -4.46 2.31 -0.56
C ARG A 58 -5.67 1.65 0.10
N LYS A 59 -6.72 1.35 -0.68
CA LYS A 59 -7.91 0.66 -0.17
C LYS A 59 -7.57 -0.66 0.57
N ALA A 60 -6.54 -1.39 0.14
CA ALA A 60 -6.03 -2.59 0.82
C ALA A 60 -5.58 -2.33 2.26
N ILE A 61 -4.94 -1.17 2.51
CA ILE A 61 -4.56 -0.69 3.85
C ILE A 61 -5.81 -0.26 4.61
N GLU A 62 -6.65 0.52 3.94
CA GLU A 62 -7.83 1.13 4.56
C GLU A 62 -8.78 0.04 5.06
N ALA A 63 -8.77 -1.13 4.40
CA ALA A 63 -9.51 -2.31 4.80
C ALA A 63 -9.05 -3.00 6.09
N VAL A 64 -7.82 -2.79 6.61
CA VAL A 64 -7.41 -3.41 7.90
C VAL A 64 -7.86 -2.58 9.11
N SER A 65 -8.05 -1.26 8.93
CA SER A 65 -8.69 -0.36 9.92
C SER A 65 -9.02 1.02 9.32
N PRO A 66 -10.23 1.20 8.75
CA PRO A 66 -10.60 2.42 8.04
C PRO A 66 -10.80 3.58 9.01
N GLY A 67 -10.41 4.79 8.57
CA GLY A 67 -10.40 6.02 9.37
C GLY A 67 -9.25 6.10 10.38
N LEU A 68 -8.70 4.95 10.80
CA LEU A 68 -7.68 4.85 11.84
C LEU A 68 -6.27 5.03 11.28
N TYR A 69 -5.90 4.26 10.25
CA TYR A 69 -4.51 4.20 9.78
C TYR A 69 -4.19 5.41 8.86
N ARG A 70 -3.28 6.28 9.29
CA ARG A 70 -2.91 7.57 8.65
C ARG A 70 -2.11 7.43 7.34
N VAL A 71 -2.47 6.46 6.51
CA VAL A 71 -1.60 6.05 5.41
C VAL A 71 -1.36 7.14 4.36
N SER A 72 -0.11 7.54 4.26
CA SER A 72 0.39 8.67 3.44
C SER A 72 1.17 8.16 2.22
N ILE A 73 0.75 8.57 1.02
CA ILE A 73 1.15 7.93 -0.24
C ILE A 73 2.15 8.78 -1.03
N THR A 74 3.18 8.12 -1.57
CA THR A 74 4.12 8.72 -2.51
C THR A 74 3.58 8.70 -3.93
N SER A 75 3.17 9.86 -4.41
CA SER A 75 2.47 10.07 -5.67
C SER A 75 2.19 11.57 -5.86
N GLU A 76 2.07 12.05 -7.09
CA GLU A 76 1.64 13.40 -7.41
C GLU A 76 0.17 13.32 -7.86
N VAL A 77 -0.72 14.10 -7.22
CA VAL A 77 -2.18 14.05 -7.32
C VAL A 77 -2.84 15.30 -6.72
N ASN A 1 8.87 -0.43 -17.18
CA ASN A 1 8.47 0.97 -16.88
C ASN A 1 7.41 1.06 -15.75
N ASP A 2 7.16 -0.05 -15.04
CA ASP A 2 6.23 -0.17 -13.92
C ASP A 2 6.38 0.95 -12.88
N SER A 3 5.23 1.38 -12.39
CA SER A 3 5.12 2.33 -11.31
C SER A 3 5.47 1.67 -9.99
N THR A 4 6.55 2.14 -9.35
CA THR A 4 6.89 1.77 -7.97
C THR A 4 6.19 2.77 -7.06
N ALA A 5 5.43 2.31 -6.05
CA ALA A 5 4.80 3.17 -5.04
C ALA A 5 5.19 2.75 -3.62
N THR A 6 5.17 3.77 -2.73
CA THR A 6 5.30 3.66 -1.28
C THR A 6 4.01 4.14 -0.62
N PHE A 7 3.55 3.36 0.36
CA PHE A 7 2.48 3.74 1.29
C PHE A 7 3.03 3.64 2.72
N ILE A 8 2.94 4.75 3.48
CA ILE A 8 3.49 4.92 4.83
C ILE A 8 2.36 4.96 5.85
N ILE A 9 2.26 3.86 6.60
CA ILE A 9 1.14 3.48 7.46
C ILE A 9 1.38 3.87 8.92
N ASP A 10 0.81 5.00 9.34
CA ASP A 10 1.03 5.59 10.69
C ASP A 10 -0.04 5.22 11.74
N GLY A 11 -0.66 4.04 11.61
CA GLY A 11 -1.74 3.55 12.49
C GLY A 11 -1.21 2.89 13.78
N MET A 12 -1.17 1.56 13.78
CA MET A 12 -0.85 0.73 14.95
C MET A 12 0.61 0.87 15.45
N HIS A 13 0.86 0.39 16.67
CA HIS A 13 2.21 0.38 17.26
C HIS A 13 3.11 -0.65 16.56
N CYS A 14 2.67 -1.90 16.45
CA CYS A 14 3.25 -2.84 15.52
C CYS A 14 2.66 -2.48 14.13
N LYS A 15 3.46 -2.49 13.07
CA LYS A 15 2.92 -2.26 11.73
C LYS A 15 2.62 -3.62 11.05
N SER A 16 2.59 -4.72 11.80
CA SER A 16 2.26 -6.12 11.40
C SER A 16 1.19 -6.21 10.30
N CYS A 17 0.15 -5.40 10.49
CA CYS A 17 -0.90 -4.99 9.60
C CYS A 17 -0.51 -4.94 8.09
N VAL A 18 0.71 -4.45 7.83
CA VAL A 18 1.32 -4.22 6.51
C VAL A 18 1.17 -5.42 5.57
N SER A 19 1.38 -6.63 6.06
CA SER A 19 1.44 -7.82 5.21
C SER A 19 0.02 -8.33 4.84
N ASN A 20 -1.00 -8.07 5.68
CA ASN A 20 -2.41 -8.32 5.30
C ASN A 20 -2.72 -7.48 4.05
N ILE A 21 -2.27 -6.22 4.14
CA ILE A 21 -2.29 -5.22 3.07
C ILE A 21 -1.45 -5.67 1.88
N GLU A 22 -0.30 -6.33 2.09
CA GLU A 22 0.58 -6.76 1.02
C GLU A 22 -0.06 -7.88 0.20
N SER A 23 -0.63 -8.87 0.87
CA SER A 23 -1.41 -9.93 0.21
C SER A 23 -2.57 -9.39 -0.62
N THR A 24 -3.00 -8.14 -0.38
CA THR A 24 -3.98 -7.46 -1.20
C THR A 24 -3.36 -6.95 -2.51
N LEU A 25 -2.28 -6.16 -2.48
CA LEU A 25 -1.83 -5.51 -3.73
C LEU A 25 -1.25 -6.56 -4.69
N SER A 26 -0.61 -7.57 -4.13
CA SER A 26 -0.12 -8.78 -4.84
C SER A 26 -1.19 -9.60 -5.56
N ALA A 27 -2.45 -9.21 -5.40
CA ALA A 27 -3.60 -9.86 -6.04
C ALA A 27 -4.29 -8.97 -7.10
N LEU A 28 -3.80 -7.76 -7.38
CA LEU A 28 -4.53 -6.84 -8.25
C LEU A 28 -4.20 -7.12 -9.73
N GLN A 29 -5.10 -6.75 -10.62
CA GLN A 29 -5.07 -7.13 -12.04
C GLN A 29 -4.00 -6.39 -12.89
N TYR A 30 -2.96 -5.82 -12.27
CA TYR A 30 -2.04 -4.88 -12.93
C TYR A 30 -0.71 -4.66 -12.17
N VAL A 31 -0.15 -5.71 -11.56
CA VAL A 31 0.99 -5.61 -10.62
C VAL A 31 2.08 -6.65 -10.89
N SER A 32 3.34 -6.23 -10.71
CA SER A 32 4.55 -7.05 -10.85
C SER A 32 5.28 -7.34 -9.51
N SER A 33 4.98 -6.62 -8.42
CA SER A 33 5.56 -6.87 -7.08
C SER A 33 4.76 -6.17 -5.97
N ILE A 34 4.83 -6.74 -4.76
CA ILE A 34 4.41 -6.18 -3.47
C ILE A 34 5.55 -6.56 -2.53
N VAL A 35 5.86 -5.68 -1.59
CA VAL A 35 7.07 -5.77 -0.76
C VAL A 35 7.04 -4.87 0.46
N VAL A 36 6.52 -5.35 1.60
CA VAL A 36 6.33 -4.50 2.79
C VAL A 36 7.33 -4.76 3.95
N SER A 37 7.39 -3.79 4.87
CA SER A 37 8.16 -3.77 6.13
C SER A 37 7.19 -3.54 7.29
N LEU A 38 7.29 -4.29 8.41
CA LEU A 38 6.28 -4.31 9.49
C LEU A 38 6.73 -3.71 10.83
N GLU A 39 8.03 -3.80 11.11
CA GLU A 39 8.69 -3.10 12.17
C GLU A 39 8.62 -1.58 11.87
N ASN A 40 8.86 -1.25 10.60
CA ASN A 40 8.67 0.04 9.95
C ASN A 40 7.28 0.17 9.37
N ARG A 41 6.99 1.40 8.96
CA ARG A 41 5.67 1.82 8.52
C ARG A 41 5.47 1.70 7.01
N SER A 42 6.32 1.00 6.28
CA SER A 42 6.32 1.11 4.80
C SER A 42 5.91 -0.17 4.11
N ALA A 43 4.99 -0.03 3.16
CA ALA A 43 4.63 -1.05 2.19
C ALA A 43 5.14 -0.58 0.81
N ILE A 44 5.92 -1.35 0.03
CA ILE A 44 6.37 -0.90 -1.30
C ILE A 44 5.74 -1.82 -2.34
N VAL A 45 5.45 -1.33 -3.54
CA VAL A 45 4.66 -2.08 -4.55
C VAL A 45 5.16 -1.71 -5.95
N VAL A 46 5.02 -2.62 -6.93
CA VAL A 46 5.25 -2.35 -8.36
C VAL A 46 4.00 -2.72 -9.15
N TYR A 47 3.51 -1.80 -9.98
CA TYR A 47 2.20 -1.87 -10.65
C TYR A 47 2.07 -0.88 -11.82
N ASN A 48 0.86 -0.74 -12.39
CA ASN A 48 0.53 0.23 -13.43
C ASN A 48 -0.30 1.40 -12.88
N ALA A 49 0.30 2.59 -12.76
CA ALA A 49 -0.41 3.83 -12.48
C ALA A 49 -1.06 4.39 -13.76
N SER A 50 -2.09 3.70 -14.25
CA SER A 50 -2.87 4.05 -15.45
C SER A 50 -3.58 5.42 -15.37
N SER A 51 -3.50 6.06 -14.21
CA SER A 51 -3.85 7.43 -13.87
C SER A 51 -3.24 7.71 -12.48
N VAL A 52 -3.34 8.95 -11.99
CA VAL A 52 -2.86 9.38 -10.66
C VAL A 52 -3.80 8.91 -9.53
N THR A 53 -4.21 7.64 -9.61
CA THR A 53 -5.08 6.95 -8.63
C THR A 53 -4.40 5.70 -8.07
N PRO A 54 -3.30 5.89 -7.32
CA PRO A 54 -2.65 4.82 -6.54
C PRO A 54 -3.54 4.35 -5.37
N GLU A 55 -4.67 5.04 -5.12
CA GLU A 55 -5.52 4.81 -3.96
C GLU A 55 -6.22 3.45 -3.95
N SER A 56 -6.34 2.77 -5.10
CA SER A 56 -6.83 1.37 -5.17
C SER A 56 -6.00 0.41 -4.32
N LEU A 57 -4.70 0.67 -4.21
CA LEU A 57 -3.79 -0.07 -3.36
C LEU A 57 -4.01 0.36 -1.91
N ARG A 58 -4.18 1.67 -1.65
CA ARG A 58 -4.56 2.16 -0.32
C ARG A 58 -5.85 1.53 0.21
N LYS A 59 -6.82 1.24 -0.67
CA LYS A 59 -8.04 0.50 -0.30
C LYS A 59 -7.77 -0.82 0.46
N ALA A 60 -6.62 -1.47 0.27
CA ALA A 60 -6.18 -2.60 1.10
C ALA A 60 -6.08 -2.24 2.59
N ILE A 61 -5.53 -1.07 2.92
CA ILE A 61 -5.43 -0.59 4.31
C ILE A 61 -6.84 -0.46 4.90
N GLU A 62 -7.75 0.11 4.10
CA GLU A 62 -9.11 0.43 4.51
C GLU A 62 -9.95 -0.82 4.80
N ALA A 63 -9.50 -1.98 4.35
CA ALA A 63 -10.07 -3.27 4.71
C ALA A 63 -9.46 -3.93 5.96
N VAL A 64 -8.30 -3.46 6.47
CA VAL A 64 -7.83 -3.88 7.82
C VAL A 64 -8.42 -2.93 8.87
N SER A 65 -8.47 -1.61 8.63
CA SER A 65 -9.26 -0.67 9.45
C SER A 65 -9.51 0.67 8.72
N PRO A 66 -10.72 0.90 8.19
CA PRO A 66 -11.02 2.12 7.44
C PRO A 66 -11.00 3.34 8.35
N GLY A 67 -10.24 4.35 7.94
CA GLY A 67 -10.18 5.67 8.59
C GLY A 67 -9.23 5.82 9.78
N LEU A 68 -8.69 4.73 10.37
CA LEU A 68 -7.77 4.84 11.53
C LEU A 68 -6.28 4.72 11.19
N TYR A 69 -5.90 3.97 10.15
CA TYR A 69 -4.52 3.97 9.67
C TYR A 69 -4.23 5.26 8.90
N ARG A 70 -3.32 6.11 9.41
CA ARG A 70 -2.91 7.39 8.83
C ARG A 70 -2.04 7.24 7.56
N VAL A 71 -2.45 6.39 6.62
CA VAL A 71 -1.55 6.01 5.54
C VAL A 71 -1.37 7.10 4.50
N SER A 72 -0.11 7.45 4.28
CA SER A 72 0.39 8.50 3.40
C SER A 72 1.06 7.92 2.16
N ILE A 73 0.82 8.49 0.97
CA ILE A 73 1.19 7.90 -0.33
C ILE A 73 2.18 8.83 -1.06
N THR A 74 3.18 8.23 -1.71
CA THR A 74 4.10 8.96 -2.60
C THR A 74 3.48 9.15 -3.98
N SER A 75 2.87 10.29 -4.23
CA SER A 75 2.44 10.69 -5.59
C SER A 75 2.32 12.21 -5.71
N GLU A 76 2.09 12.69 -6.94
CA GLU A 76 1.69 14.05 -7.20
C GLU A 76 0.26 14.25 -6.68
N VAL A 77 0.00 15.51 -6.34
CA VAL A 77 -1.23 16.11 -5.80
C VAL A 77 -0.98 17.60 -5.53
N ASN A 1 7.16 -0.58 -18.54
CA ASN A 1 7.75 -0.03 -17.32
C ASN A 1 6.74 -0.24 -16.17
N ASP A 2 7.21 -0.24 -14.92
CA ASP A 2 6.35 -0.18 -13.74
C ASP A 2 6.03 1.27 -13.34
N SER A 3 5.28 1.36 -12.26
CA SER A 3 5.15 2.54 -11.45
C SER A 3 5.24 2.06 -10.01
N THR A 4 6.07 2.74 -9.21
CA THR A 4 6.37 2.33 -7.84
C THR A 4 5.85 3.38 -6.89
N ALA A 5 4.90 2.98 -6.07
CA ALA A 5 4.39 3.80 -4.97
C ALA A 5 4.93 3.30 -3.63
N THR A 6 4.99 4.25 -2.70
CA THR A 6 5.20 4.03 -1.28
C THR A 6 3.95 4.49 -0.59
N PHE A 7 3.40 3.65 0.28
CA PHE A 7 2.34 3.99 1.20
C PHE A 7 2.87 3.81 2.64
N ILE A 8 2.80 4.86 3.46
CA ILE A 8 3.34 4.86 4.84
C ILE A 8 2.24 4.71 5.89
N ILE A 9 2.13 3.48 6.37
CA ILE A 9 1.04 2.97 7.20
C ILE A 9 1.34 3.26 8.65
N ASP A 10 0.84 4.39 9.12
CA ASP A 10 0.84 4.73 10.54
C ASP A 10 -0.36 4.04 11.21
N GLY A 11 -0.21 2.72 11.32
CA GLY A 11 -1.22 1.74 11.70
C GLY A 11 -1.55 1.71 13.19
N MET A 12 -1.57 0.50 13.78
CA MET A 12 -1.97 0.25 15.17
C MET A 12 -0.89 0.68 16.20
N HIS A 13 0.01 1.58 15.78
CA HIS A 13 1.27 2.00 16.42
C HIS A 13 2.35 0.93 16.16
N CYS A 14 2.00 -0.34 16.36
CA CYS A 14 2.71 -1.47 15.79
C CYS A 14 2.40 -1.50 14.26
N LYS A 15 3.30 -2.11 13.49
CA LYS A 15 3.26 -2.08 12.02
C LYS A 15 3.18 -3.48 11.37
N SER A 16 3.27 -4.56 12.17
CA SER A 16 3.13 -5.99 11.75
C SER A 16 1.87 -6.30 10.91
N CYS A 17 0.88 -5.42 11.00
CA CYS A 17 -0.31 -5.25 10.20
C CYS A 17 -0.05 -5.35 8.68
N VAL A 18 1.20 -5.04 8.28
CA VAL A 18 1.73 -5.16 6.92
C VAL A 18 1.30 -6.45 6.22
N SER A 19 1.51 -7.63 6.81
CA SER A 19 1.34 -8.90 6.10
C SER A 19 -0.14 -9.21 5.85
N ASN A 20 -0.99 -8.76 6.78
CA ASN A 20 -2.44 -8.77 6.61
C ASN A 20 -2.79 -8.02 5.31
N ILE A 21 -2.30 -6.80 5.12
CA ILE A 21 -2.53 -6.02 3.89
C ILE A 21 -1.72 -6.53 2.67
N GLU A 22 -0.51 -7.07 2.85
CA GLU A 22 0.32 -7.55 1.73
C GLU A 22 -0.39 -8.65 0.95
N SER A 23 -1.16 -9.51 1.64
CA SER A 23 -1.97 -10.53 0.97
C SER A 23 -2.85 -9.96 -0.15
N THR A 24 -3.65 -8.93 0.15
CA THR A 24 -4.56 -8.35 -0.84
C THR A 24 -3.78 -7.53 -1.87
N LEU A 25 -2.77 -6.76 -1.44
CA LEU A 25 -1.84 -6.03 -2.31
C LEU A 25 -1.18 -6.91 -3.37
N SER A 26 -0.86 -8.15 -3.01
CA SER A 26 -0.29 -9.15 -3.89
C SER A 26 -1.24 -9.69 -4.97
N ALA A 27 -2.55 -9.44 -4.81
CA ALA A 27 -3.59 -10.02 -5.65
C ALA A 27 -4.18 -9.03 -6.68
N LEU A 28 -3.72 -7.78 -6.63
CA LEU A 28 -4.25 -6.70 -7.46
C LEU A 28 -3.69 -6.85 -8.88
N GLN A 29 -4.46 -7.48 -9.77
CA GLN A 29 -4.10 -7.97 -11.11
C GLN A 29 -3.13 -7.13 -11.96
N TYR A 30 -3.07 -5.81 -11.80
CA TYR A 30 -2.09 -4.93 -12.46
C TYR A 30 -0.68 -4.85 -11.81
N VAL A 31 -0.40 -5.60 -10.74
CA VAL A 31 0.88 -5.57 -9.99
C VAL A 31 1.82 -6.72 -10.37
N SER A 32 3.11 -6.38 -10.47
CA SER A 32 4.23 -7.28 -10.80
C SER A 32 5.14 -7.64 -9.61
N SER A 33 5.22 -6.80 -8.58
CA SER A 33 5.85 -7.13 -7.30
C SER A 33 5.16 -6.38 -6.16
N ILE A 34 5.13 -7.04 -5.01
CA ILE A 34 4.68 -6.52 -3.72
C ILE A 34 5.84 -6.65 -2.75
N VAL A 35 5.98 -5.63 -1.91
CA VAL A 35 7.24 -5.40 -1.20
C VAL A 35 6.99 -4.64 0.13
N VAL A 36 6.31 -5.33 1.04
CA VAL A 36 5.95 -4.86 2.41
C VAL A 36 7.18 -4.75 3.34
N SER A 37 7.15 -3.86 4.34
CA SER A 37 8.24 -3.59 5.31
C SER A 37 7.70 -3.56 6.77
N LEU A 38 7.88 -4.63 7.56
CA LEU A 38 7.19 -4.83 8.85
C LEU A 38 7.81 -4.08 10.04
N GLU A 39 9.14 -4.06 10.08
CA GLU A 39 9.95 -3.32 11.03
C GLU A 39 9.79 -1.80 10.88
N ASN A 40 9.49 -1.37 9.65
CA ASN A 40 9.17 -0.02 9.20
C ASN A 40 7.66 0.22 9.33
N ARG A 41 7.16 1.19 8.58
CA ARG A 41 5.73 1.47 8.37
C ARG A 41 5.47 1.59 6.88
N SER A 42 6.13 0.79 6.07
CA SER A 42 6.13 1.01 4.62
C SER A 42 5.53 -0.17 3.89
N ALA A 43 4.70 0.15 2.91
CA ALA A 43 4.19 -0.78 1.92
C ALA A 43 4.65 -0.25 0.56
N ILE A 44 5.58 -0.96 -0.07
CA ILE A 44 6.08 -0.68 -1.42
C ILE A 44 5.46 -1.70 -2.37
N VAL A 45 5.19 -1.28 -3.61
CA VAL A 45 4.46 -2.09 -4.61
C VAL A 45 4.85 -1.62 -6.03
N VAL A 46 4.98 -2.55 -6.99
CA VAL A 46 5.40 -2.33 -8.40
C VAL A 46 4.21 -2.69 -9.33
N TYR A 47 3.46 -1.70 -9.81
CA TYR A 47 2.15 -1.87 -10.48
C TYR A 47 1.95 -0.90 -11.68
N ASN A 48 0.78 -0.91 -12.36
CA ASN A 48 0.50 -0.01 -13.50
C ASN A 48 -0.18 1.30 -13.05
N ALA A 49 0.42 2.47 -13.33
CA ALA A 49 -0.17 3.78 -13.03
C ALA A 49 -0.83 4.44 -14.26
N SER A 50 -1.92 3.86 -14.75
CA SER A 50 -2.71 4.38 -15.89
C SER A 50 -3.41 5.74 -15.64
N SER A 51 -3.15 6.39 -14.49
CA SER A 51 -3.71 7.64 -13.97
C SER A 51 -3.05 7.94 -12.62
N VAL A 52 -3.08 9.20 -12.17
CA VAL A 52 -2.51 9.67 -10.88
C VAL A 52 -3.41 9.29 -9.69
N THR A 53 -3.78 8.01 -9.60
CA THR A 53 -4.71 7.48 -8.59
C THR A 53 -4.10 6.29 -7.85
N PRO A 54 -3.11 6.54 -6.98
CA PRO A 54 -2.55 5.52 -6.09
C PRO A 54 -3.61 5.03 -5.09
N GLU A 55 -4.76 5.74 -5.00
CA GLU A 55 -5.97 5.35 -4.30
C GLU A 55 -6.41 3.93 -4.67
N SER A 56 -6.19 3.49 -5.92
CA SER A 56 -6.50 2.13 -6.36
C SER A 56 -5.78 1.06 -5.51
N LEU A 57 -4.57 1.38 -5.06
CA LEU A 57 -3.68 0.53 -4.28
C LEU A 57 -3.78 0.82 -2.78
N ARG A 58 -3.90 2.09 -2.38
CA ARG A 58 -4.22 2.48 -0.99
C ARG A 58 -5.49 1.77 -0.49
N LYS A 59 -6.49 1.58 -1.36
CA LYS A 59 -7.72 0.81 -1.10
C LYS A 59 -7.53 -0.51 -0.33
N ALA A 60 -6.41 -1.19 -0.52
CA ALA A 60 -5.98 -2.38 0.21
C ALA A 60 -5.92 -2.20 1.73
N ILE A 61 -5.40 -1.05 2.20
CA ILE A 61 -5.37 -0.66 3.62
C ILE A 61 -6.80 -0.35 4.08
N GLU A 62 -7.50 0.43 3.26
CA GLU A 62 -8.81 1.03 3.57
C GLU A 62 -9.90 -0.01 3.78
N ALA A 63 -9.65 -1.23 3.33
CA ALA A 63 -10.56 -2.34 3.55
C ALA A 63 -10.37 -3.07 4.88
N VAL A 64 -9.27 -2.85 5.60
CA VAL A 64 -9.04 -3.45 6.93
C VAL A 64 -9.09 -2.44 8.07
N SER A 65 -8.76 -1.15 7.85
CA SER A 65 -8.82 -0.12 8.92
C SER A 65 -8.79 1.34 8.43
N PRO A 66 -9.81 1.80 7.68
CA PRO A 66 -9.90 3.17 7.16
C PRO A 66 -10.18 4.23 8.23
N GLY A 67 -10.60 3.78 9.41
CA GLY A 67 -10.83 4.62 10.60
C GLY A 67 -9.68 4.57 11.61
N LEU A 68 -8.53 4.00 11.24
CA LEU A 68 -7.41 3.74 12.17
C LEU A 68 -6.05 3.99 11.53
N TYR A 69 -5.79 3.38 10.36
CA TYR A 69 -4.45 3.37 9.76
C TYR A 69 -4.23 4.63 8.92
N ARG A 70 -3.40 5.54 9.47
CA ARG A 70 -3.09 6.89 9.00
C ARG A 70 -2.21 6.91 7.72
N VAL A 71 -2.55 6.10 6.73
CA VAL A 71 -1.62 5.82 5.64
C VAL A 71 -1.32 7.02 4.72
N SER A 72 -0.04 7.39 4.70
CA SER A 72 0.49 8.61 4.08
C SER A 72 1.26 8.28 2.78
N ILE A 73 0.76 8.82 1.66
CA ILE A 73 1.07 8.39 0.29
C ILE A 73 1.88 9.44 -0.46
N THR A 74 2.82 8.99 -1.29
CA THR A 74 3.55 9.83 -2.26
C THR A 74 2.96 9.63 -3.65
N SER A 75 2.62 10.72 -4.33
CA SER A 75 2.04 10.81 -5.68
C SER A 75 1.48 12.22 -5.97
N GLU A 76 1.98 12.80 -7.06
CA GLU A 76 1.85 14.24 -7.34
C GLU A 76 2.08 14.59 -8.83
N VAL A 77 1.32 13.97 -9.74
CA VAL A 77 1.54 14.03 -11.20
C VAL A 77 0.31 14.64 -11.90
N ASN A 1 6.53 -0.72 -19.16
CA ASN A 1 6.94 0.07 -17.98
C ASN A 1 6.07 -0.33 -16.76
N ASP A 2 6.53 -0.01 -15.55
CA ASP A 2 5.76 -0.12 -14.31
C ASP A 2 5.11 1.22 -13.93
N SER A 3 4.88 1.35 -12.63
CA SER A 3 4.51 2.53 -11.89
C SER A 3 4.86 2.21 -10.44
N THR A 4 5.81 2.95 -9.84
CA THR A 4 6.32 2.68 -8.49
C THR A 4 5.76 3.69 -7.50
N ALA A 5 5.26 3.16 -6.39
CA ALA A 5 4.79 3.93 -5.23
C ALA A 5 5.20 3.28 -3.92
N THR A 6 5.23 4.12 -2.88
CA THR A 6 5.37 3.80 -1.45
C THR A 6 4.18 4.40 -0.71
N PHE A 7 3.64 3.63 0.22
CA PHE A 7 2.60 4.03 1.14
C PHE A 7 3.16 3.85 2.56
N ILE A 8 3.11 4.92 3.38
CA ILE A 8 3.68 4.94 4.74
C ILE A 8 2.61 4.85 5.81
N ILE A 9 2.58 3.74 6.54
CA ILE A 9 1.45 3.29 7.38
C ILE A 9 1.65 3.53 8.87
N ASP A 10 0.83 4.43 9.42
CA ASP A 10 0.74 4.71 10.84
C ASP A 10 -0.65 4.40 11.43
N GLY A 11 -1.31 3.37 10.88
CA GLY A 11 -2.48 2.73 11.45
C GLY A 11 -2.04 1.64 12.41
N MET A 12 -2.64 1.62 13.62
CA MET A 12 -2.23 0.80 14.77
C MET A 12 -0.89 1.26 15.37
N HIS A 13 -0.48 0.70 16.51
CA HIS A 13 0.84 0.98 17.08
C HIS A 13 1.93 0.13 16.40
N CYS A 14 1.79 -1.19 16.42
CA CYS A 14 2.63 -2.13 15.72
C CYS A 14 2.31 -2.13 14.21
N LYS A 15 3.33 -2.29 13.36
CA LYS A 15 3.12 -2.29 11.90
C LYS A 15 2.94 -3.70 11.31
N SER A 16 2.98 -4.76 12.12
CA SER A 16 2.68 -6.16 11.73
C SER A 16 1.39 -6.32 10.91
N CYS A 17 0.41 -5.43 11.10
CA CYS A 17 -0.76 -5.21 10.28
C CYS A 17 -0.49 -5.26 8.76
N VAL A 18 0.73 -4.84 8.37
CA VAL A 18 1.19 -4.89 7.01
C VAL A 18 0.95 -6.24 6.32
N SER A 19 1.05 -7.39 7.00
CA SER A 19 0.94 -8.68 6.30
C SER A 19 -0.51 -8.99 5.89
N ASN A 20 -1.50 -8.40 6.57
CA ASN A 20 -2.89 -8.42 6.08
C ASN A 20 -2.92 -7.67 4.73
N ILE A 21 -2.24 -6.52 4.73
CA ILE A 21 -2.20 -5.55 3.64
C ILE A 21 -1.43 -6.10 2.44
N GLU A 22 -0.25 -6.70 2.63
CA GLU A 22 0.62 -7.25 1.59
C GLU A 22 -0.14 -8.27 0.74
N SER A 23 -0.73 -9.27 1.39
CA SER A 23 -1.53 -10.29 0.70
C SER A 23 -2.81 -9.75 0.04
N THR A 24 -3.38 -8.65 0.56
CA THR A 24 -4.56 -7.99 -0.05
C THR A 24 -4.17 -7.25 -1.32
N LEU A 25 -2.99 -6.64 -1.30
CA LEU A 25 -2.36 -5.91 -2.40
C LEU A 25 -1.83 -6.85 -3.48
N SER A 26 -1.20 -7.93 -3.07
CA SER A 26 -0.48 -8.91 -3.89
C SER A 26 -1.40 -9.78 -4.78
N ALA A 27 -2.70 -9.52 -4.70
CA ALA A 27 -3.75 -10.12 -5.50
C ALA A 27 -4.29 -9.17 -6.58
N LEU A 28 -3.79 -7.93 -6.68
CA LEU A 28 -4.42 -6.93 -7.54
C LEU A 28 -3.95 -7.21 -8.98
N GLN A 29 -4.90 -7.40 -9.90
CA GLN A 29 -4.73 -7.94 -11.26
C GLN A 29 -3.48 -7.52 -12.06
N TYR A 30 -2.96 -6.31 -11.84
CA TYR A 30 -1.86 -5.66 -12.57
C TYR A 30 -0.52 -5.52 -11.81
N VAL A 31 -0.43 -5.87 -10.51
CA VAL A 31 0.84 -5.68 -9.75
C VAL A 31 1.90 -6.70 -10.19
N SER A 32 3.14 -6.24 -10.31
CA SER A 32 4.30 -7.04 -10.75
C SER A 32 5.34 -7.28 -9.64
N SER A 33 5.32 -6.47 -8.59
CA SER A 33 6.04 -6.67 -7.34
C SER A 33 5.34 -5.87 -6.25
N ILE A 34 5.31 -6.47 -5.08
CA ILE A 34 4.59 -6.09 -3.86
C ILE A 34 5.60 -6.40 -2.79
N VAL A 35 5.80 -5.43 -1.91
CA VAL A 35 7.05 -5.40 -1.15
C VAL A 35 6.88 -4.73 0.22
N VAL A 36 6.53 -5.58 1.18
CA VAL A 36 6.16 -5.20 2.57
C VAL A 36 7.35 -5.08 3.56
N SER A 37 7.31 -4.04 4.42
CA SER A 37 8.26 -3.80 5.54
C SER A 37 7.48 -3.72 6.87
N LEU A 38 7.56 -4.73 7.75
CA LEU A 38 6.65 -4.85 8.90
C LEU A 38 7.05 -4.19 10.21
N GLU A 39 8.35 -4.12 10.46
CA GLU A 39 8.93 -3.50 11.65
C GLU A 39 8.77 -1.98 11.60
N ASN A 40 8.79 -1.47 10.37
CA ASN A 40 8.92 -0.09 9.97
C ASN A 40 7.56 0.60 9.90
N ARG A 41 7.09 0.88 8.69
CA ARG A 41 5.81 1.45 8.27
C ARG A 41 5.75 1.60 6.76
N SER A 42 6.37 0.70 6.00
CA SER A 42 6.56 0.93 4.56
C SER A 42 6.06 -0.21 3.67
N ALA A 43 5.07 0.10 2.83
CA ALA A 43 4.61 -0.78 1.77
C ALA A 43 5.06 -0.17 0.44
N ILE A 44 5.98 -0.82 -0.27
CA ILE A 44 6.43 -0.41 -1.61
C ILE A 44 5.75 -1.35 -2.60
N VAL A 45 5.46 -0.86 -3.82
CA VAL A 45 4.78 -1.65 -4.84
C VAL A 45 5.19 -1.18 -6.25
N VAL A 46 5.30 -2.14 -7.17
CA VAL A 46 5.46 -2.01 -8.63
C VAL A 46 4.13 -2.47 -9.27
N TYR A 47 3.41 -1.56 -9.93
CA TYR A 47 2.02 -1.76 -10.41
C TYR A 47 1.72 -0.97 -11.71
N ASN A 48 0.45 -0.63 -11.98
CA ASN A 48 0.07 0.27 -13.08
C ASN A 48 -0.69 1.49 -12.54
N ALA A 49 -0.17 2.71 -12.73
CA ALA A 49 -0.85 3.95 -12.39
C ALA A 49 -1.45 4.59 -13.65
N SER A 50 -2.63 4.15 -14.05
CA SER A 50 -3.36 4.55 -15.27
C SER A 50 -3.77 6.04 -15.34
N SER A 51 -3.46 6.82 -14.31
CA SER A 51 -3.84 8.19 -13.97
C SER A 51 -3.36 8.51 -12.55
N VAL A 52 -3.50 9.75 -12.07
CA VAL A 52 -2.96 10.25 -10.78
C VAL A 52 -3.68 9.70 -9.51
N THR A 53 -4.17 8.46 -9.54
CA THR A 53 -4.91 7.78 -8.47
C THR A 53 -4.17 6.53 -7.97
N PRO A 54 -3.09 6.70 -7.19
CA PRO A 54 -2.35 5.60 -6.58
C PRO A 54 -3.18 4.92 -5.46
N GLU A 55 -4.26 5.58 -5.02
CA GLU A 55 -5.15 5.16 -3.94
C GLU A 55 -5.81 3.79 -4.15
N SER A 56 -5.75 3.27 -5.39
CA SER A 56 -6.07 1.89 -5.77
C SER A 56 -5.46 0.86 -4.81
N LEU A 57 -4.19 1.04 -4.46
CA LEU A 57 -3.43 0.20 -3.57
C LEU A 57 -3.70 0.55 -2.11
N ARG A 58 -4.02 1.82 -1.82
CA ARG A 58 -4.40 2.26 -0.48
C ARG A 58 -5.61 1.47 0.04
N LYS A 59 -6.54 1.09 -0.83
CA LYS A 59 -7.64 0.15 -0.49
C LYS A 59 -7.16 -1.10 0.30
N ALA A 60 -5.98 -1.66 0.00
CA ALA A 60 -5.41 -2.80 0.75
C ALA A 60 -5.00 -2.46 2.18
N ILE A 61 -4.51 -1.23 2.40
CA ILE A 61 -4.23 -0.71 3.74
C ILE A 61 -5.55 -0.53 4.48
N GLU A 62 -6.49 0.14 3.84
CA GLU A 62 -7.75 0.50 4.49
C GLU A 62 -8.54 -0.75 4.87
N ALA A 63 -8.47 -1.83 4.09
CA ALA A 63 -9.27 -3.03 4.30
C ALA A 63 -9.05 -3.79 5.63
N VAL A 64 -8.02 -3.47 6.41
CA VAL A 64 -7.86 -3.98 7.79
C VAL A 64 -8.59 -3.13 8.82
N SER A 65 -8.77 -1.83 8.57
CA SER A 65 -9.50 -0.88 9.41
C SER A 65 -9.64 0.48 8.67
N PRO A 66 -10.70 0.66 7.86
CA PRO A 66 -10.80 1.77 6.92
C PRO A 66 -11.05 3.10 7.62
N GLY A 67 -10.21 4.09 7.28
CA GLY A 67 -10.21 5.42 7.86
C GLY A 67 -9.35 5.54 9.11
N LEU A 68 -9.01 4.43 9.78
CA LEU A 68 -8.16 4.44 10.97
C LEU A 68 -6.68 4.53 10.62
N TYR A 69 -6.29 4.08 9.41
CA TYR A 69 -4.90 3.94 9.03
C TYR A 69 -4.37 5.26 8.46
N ARG A 70 -3.40 5.85 9.16
CA ARG A 70 -2.81 7.18 8.91
C ARG A 70 -1.94 7.25 7.64
N VAL A 71 -2.25 6.46 6.62
CA VAL A 71 -1.31 6.19 5.55
C VAL A 71 -1.06 7.34 4.55
N SER A 72 0.22 7.68 4.36
CA SER A 72 0.70 8.75 3.47
C SER A 72 1.42 8.22 2.23
N ILE A 73 1.00 8.64 1.04
CA ILE A 73 1.38 8.00 -0.23
C ILE A 73 2.33 8.89 -1.04
N THR A 74 3.36 8.26 -1.60
CA THR A 74 4.27 8.89 -2.56
C THR A 74 3.66 8.89 -3.95
N SER A 75 3.42 10.08 -4.47
CA SER A 75 2.71 10.36 -5.72
C SER A 75 2.62 11.87 -5.92
N GLU A 76 2.69 12.35 -7.16
CA GLU A 76 2.77 13.76 -7.50
C GLU A 76 1.47 14.21 -8.15
N VAL A 77 0.83 15.24 -7.59
CA VAL A 77 -0.48 15.79 -7.97
C VAL A 77 -0.74 17.04 -7.12
N ASN A 1 9.30 -1.52 -17.53
CA ASN A 1 9.63 -0.37 -16.68
C ASN A 1 8.41 0.04 -15.84
N ASP A 2 8.10 -0.76 -14.83
CA ASP A 2 6.97 -0.59 -13.92
C ASP A 2 7.08 0.66 -13.03
N SER A 3 5.92 1.08 -12.53
CA SER A 3 5.74 2.19 -11.59
C SER A 3 5.69 1.65 -10.16
N THR A 4 6.55 2.11 -9.24
CA THR A 4 6.42 1.81 -7.81
C THR A 4 5.91 3.02 -7.03
N ALA A 5 5.11 2.75 -6.01
CA ALA A 5 4.67 3.73 -5.00
C ALA A 5 4.96 3.22 -3.59
N THR A 6 5.01 4.16 -2.65
CA THR A 6 5.15 3.92 -1.20
C THR A 6 3.91 4.45 -0.49
N PHE A 7 3.47 3.72 0.53
CA PHE A 7 2.41 4.10 1.45
C PHE A 7 2.92 3.91 2.90
N ILE A 8 2.84 4.96 3.72
CA ILE A 8 3.44 5.06 5.07
C ILE A 8 2.35 5.04 6.12
N ILE A 9 2.23 3.89 6.78
CA ILE A 9 1.11 3.47 7.63
C ILE A 9 1.35 3.78 9.11
N ASP A 10 0.71 4.84 9.60
CA ASP A 10 0.81 5.29 10.99
C ASP A 10 -0.45 4.96 11.82
N GLY A 11 -0.82 3.67 11.79
CA GLY A 11 -1.96 3.10 12.54
C GLY A 11 -1.56 2.38 13.82
N MET A 12 -1.69 1.05 13.82
CA MET A 12 -1.63 0.14 14.98
C MET A 12 -0.30 0.04 15.77
N HIS A 13 0.67 0.91 15.52
CA HIS A 13 1.99 1.05 16.19
C HIS A 13 3.01 -0.06 15.86
N CYS A 14 2.58 -1.32 15.72
CA CYS A 14 3.45 -2.46 15.42
C CYS A 14 3.82 -2.53 13.91
N LYS A 15 2.88 -2.14 13.05
CA LYS A 15 2.89 -2.23 11.58
C LYS A 15 2.95 -3.66 11.01
N SER A 16 2.96 -4.74 11.81
CA SER A 16 2.78 -6.14 11.33
C SER A 16 1.56 -6.29 10.39
N CYS A 17 0.60 -5.37 10.54
CA CYS A 17 -0.49 -5.01 9.65
C CYS A 17 -0.13 -5.18 8.15
N VAL A 18 1.13 -4.87 7.83
CA VAL A 18 1.75 -4.97 6.52
C VAL A 18 1.34 -6.21 5.75
N SER A 19 1.51 -7.42 6.30
CA SER A 19 1.34 -8.66 5.53
C SER A 19 -0.14 -8.96 5.26
N ASN A 20 -1.00 -8.56 6.20
CA ASN A 20 -2.46 -8.56 6.05
C ASN A 20 -2.88 -7.68 4.87
N ILE A 21 -2.25 -6.51 4.75
CA ILE A 21 -2.38 -5.59 3.62
C ILE A 21 -1.73 -6.14 2.32
N GLU A 22 -0.50 -6.67 2.38
CA GLU A 22 0.27 -7.13 1.23
C GLU A 22 -0.43 -8.30 0.52
N SER A 23 -1.11 -9.14 1.30
CA SER A 23 -2.01 -10.21 0.83
C SER A 23 -2.96 -9.75 -0.28
N THR A 24 -3.66 -8.63 -0.07
CA THR A 24 -4.55 -8.01 -1.07
C THR A 24 -3.75 -7.35 -2.17
N LEU A 25 -2.76 -6.52 -1.82
CA LEU A 25 -1.97 -5.75 -2.78
C LEU A 25 -1.32 -6.63 -3.86
N SER A 26 -0.74 -7.74 -3.43
CA SER A 26 0.01 -8.70 -4.25
C SER A 26 -0.85 -9.59 -5.14
N ALA A 27 -2.14 -9.27 -5.25
CA ALA A 27 -3.12 -10.01 -6.05
C ALA A 27 -3.93 -9.12 -7.01
N LEU A 28 -3.64 -7.81 -7.13
CA LEU A 28 -4.50 -6.92 -7.91
C LEU A 28 -4.15 -7.05 -9.40
N GLN A 29 -5.14 -6.86 -10.27
CA GLN A 29 -5.07 -7.19 -11.72
C GLN A 29 -3.99 -6.46 -12.52
N TYR A 30 -3.32 -5.46 -11.93
CA TYR A 30 -2.34 -4.60 -12.60
C TYR A 30 -1.00 -4.45 -11.86
N VAL A 31 -0.70 -5.30 -10.86
CA VAL A 31 0.57 -5.27 -10.12
C VAL A 31 1.57 -6.29 -10.66
N SER A 32 2.86 -5.98 -10.51
CA SER A 32 3.97 -6.91 -10.81
C SER A 32 4.75 -7.37 -9.57
N SER A 33 4.78 -6.60 -8.48
CA SER A 33 5.43 -6.99 -7.21
C SER A 33 4.80 -6.26 -6.02
N ILE A 34 4.98 -6.84 -4.85
CA ILE A 34 4.68 -6.25 -3.55
C ILE A 34 6.00 -6.25 -2.79
N VAL A 35 6.18 -5.27 -1.92
CA VAL A 35 7.49 -4.94 -1.39
C VAL A 35 7.35 -4.27 0.00
N VAL A 36 6.56 -4.91 0.87
CA VAL A 36 6.22 -4.49 2.26
C VAL A 36 7.44 -4.48 3.22
N SER A 37 7.45 -3.64 4.28
CA SER A 37 8.44 -3.67 5.38
C SER A 37 7.75 -3.53 6.76
N LEU A 38 7.76 -4.59 7.59
CA LEU A 38 6.90 -4.69 8.78
C LEU A 38 7.21 -3.79 9.98
N GLU A 39 8.48 -3.63 10.37
CA GLU A 39 8.86 -2.85 11.55
C GLU A 39 8.80 -1.35 11.25
N ASN A 40 9.05 -1.03 9.98
CA ASN A 40 8.93 0.29 9.41
C ASN A 40 7.46 0.72 9.39
N ARG A 41 7.18 1.86 8.77
CA ARG A 41 5.82 2.26 8.44
C ARG A 41 5.45 1.82 7.02
N SER A 42 6.27 1.08 6.30
CA SER A 42 6.15 1.05 4.84
C SER A 42 5.50 -0.15 4.18
N ALA A 43 4.73 0.19 3.15
CA ALA A 43 4.23 -0.72 2.14
C ALA A 43 4.68 -0.14 0.80
N ILE A 44 5.43 -0.89 0.00
CA ILE A 44 5.84 -0.49 -1.36
C ILE A 44 5.24 -1.51 -2.34
N VAL A 45 4.85 -1.07 -3.53
CA VAL A 45 4.12 -1.91 -4.49
C VAL A 45 4.54 -1.50 -5.90
N VAL A 46 4.82 -2.48 -6.76
CA VAL A 46 5.13 -2.27 -8.19
C VAL A 46 3.89 -2.61 -9.02
N TYR A 47 3.45 -1.69 -9.89
CA TYR A 47 2.15 -1.74 -10.60
C TYR A 47 2.07 -0.80 -11.83
N ASN A 48 0.87 -0.63 -12.39
CA ASN A 48 0.59 0.20 -13.57
C ASN A 48 -0.14 1.51 -13.21
N ALA A 49 0.60 2.59 -12.95
CA ALA A 49 0.08 3.91 -12.55
C ALA A 49 -0.50 4.75 -13.71
N SER A 50 -1.22 4.13 -14.65
CA SER A 50 -1.80 4.81 -15.82
C SER A 50 -2.97 5.77 -15.47
N SER A 51 -3.60 5.58 -14.33
CA SER A 51 -4.53 6.54 -13.73
C SER A 51 -3.90 7.12 -12.46
N VAL A 52 -4.07 8.41 -12.20
CA VAL A 52 -3.52 9.11 -11.01
C VAL A 52 -4.35 8.78 -9.75
N THR A 53 -4.47 7.48 -9.47
CA THR A 53 -5.21 6.88 -8.35
C THR A 53 -4.37 5.80 -7.67
N PRO A 54 -3.27 6.20 -7.02
CA PRO A 54 -2.46 5.31 -6.19
C PRO A 54 -3.28 4.76 -5.00
N GLU A 55 -4.41 5.40 -4.67
CA GLU A 55 -5.29 4.96 -3.59
C GLU A 55 -5.91 3.57 -3.80
N SER A 56 -5.80 3.01 -5.01
CA SER A 56 -6.09 1.61 -5.37
C SER A 56 -5.42 0.59 -4.44
N LEU A 57 -4.16 0.84 -4.12
CA LEU A 57 -3.39 0.03 -3.17
C LEU A 57 -3.82 0.39 -1.74
N ARG A 58 -4.03 1.69 -1.46
CA ARG A 58 -4.57 2.17 -0.19
C ARG A 58 -5.90 1.49 0.18
N LYS A 59 -6.71 1.05 -0.79
CA LYS A 59 -7.90 0.21 -0.53
C LYS A 59 -7.63 -1.04 0.34
N ALA A 60 -6.46 -1.69 0.22
CA ALA A 60 -5.98 -2.75 1.12
C ALA A 60 -5.74 -2.29 2.54
N ILE A 61 -5.22 -1.08 2.74
CA ILE A 61 -5.12 -0.50 4.09
C ILE A 61 -6.54 -0.27 4.64
N GLU A 62 -7.45 0.28 3.83
CA GLU A 62 -8.75 0.78 4.27
C GLU A 62 -9.75 -0.34 4.49
N ALA A 63 -9.87 -1.30 3.58
CA ALA A 63 -10.84 -2.39 3.76
C ALA A 63 -10.45 -3.36 4.86
N VAL A 64 -9.24 -3.23 5.39
CA VAL A 64 -8.74 -3.88 6.58
C VAL A 64 -9.08 -3.03 7.79
N SER A 65 -8.76 -1.74 7.77
CA SER A 65 -9.23 -0.84 8.81
C SER A 65 -9.53 0.60 8.34
N PRO A 66 -10.80 0.94 8.01
CA PRO A 66 -11.11 2.19 7.34
C PRO A 66 -10.94 3.38 8.28
N GLY A 67 -10.09 4.32 7.87
CA GLY A 67 -9.85 5.59 8.55
C GLY A 67 -8.91 5.56 9.77
N LEU A 68 -8.67 4.41 10.42
CA LEU A 68 -7.74 4.36 11.57
C LEU A 68 -6.28 4.42 11.15
N TYR A 69 -5.94 3.77 10.05
CA TYR A 69 -4.60 3.81 9.49
C TYR A 69 -4.32 5.20 8.89
N ARG A 70 -3.44 5.99 9.51
CA ARG A 70 -2.99 7.34 9.07
C ARG A 70 -2.12 7.33 7.81
N VAL A 71 -2.46 6.49 6.82
CA VAL A 71 -1.53 6.18 5.75
C VAL A 71 -1.28 7.34 4.78
N SER A 72 0.00 7.68 4.63
CA SER A 72 0.50 8.79 3.79
C SER A 72 1.23 8.26 2.56
N ILE A 73 0.85 8.73 1.37
CA ILE A 73 1.24 8.09 0.11
C ILE A 73 2.24 8.94 -0.66
N THR A 74 3.27 8.28 -1.17
CA THR A 74 4.26 8.83 -2.10
C THR A 74 3.86 8.43 -3.51
N SER A 75 3.34 9.40 -4.24
CA SER A 75 2.94 9.38 -5.66
C SER A 75 2.47 10.81 -6.05
N GLU A 76 2.50 11.10 -7.34
CA GLU A 76 2.37 12.40 -7.99
C GLU A 76 0.93 12.95 -7.99
N VAL A 77 0.47 13.32 -6.78
CA VAL A 77 -0.77 14.06 -6.52
C VAL A 77 -0.70 14.79 -5.17
N ASN A 1 8.55 -1.15 -18.32
CA ASN A 1 8.61 0.31 -18.00
C ASN A 1 7.49 0.65 -17.00
N ASP A 2 7.68 0.17 -15.77
CA ASP A 2 6.70 0.11 -14.68
C ASP A 2 6.59 1.42 -13.86
N SER A 3 5.71 1.37 -12.87
CA SER A 3 5.64 2.36 -11.79
C SER A 3 5.93 1.68 -10.45
N THR A 4 6.19 2.49 -9.43
CA THR A 4 6.35 2.02 -8.04
C THR A 4 5.91 3.14 -7.14
N ALA A 5 5.16 2.76 -6.10
CA ALA A 5 4.79 3.63 -5.00
C ALA A 5 5.13 2.97 -3.67
N THR A 6 5.26 3.85 -2.68
CA THR A 6 5.32 3.53 -1.26
C THR A 6 4.09 4.16 -0.60
N PHE A 7 3.36 3.32 0.12
CA PHE A 7 2.28 3.73 1.02
C PHE A 7 2.82 3.62 2.46
N ILE A 8 2.65 4.64 3.28
CA ILE A 8 3.16 4.70 4.66
C ILE A 8 2.04 4.52 5.68
N ILE A 9 1.94 3.28 6.17
CA ILE A 9 0.85 2.72 6.98
C ILE A 9 1.13 2.97 8.45
N ASP A 10 0.80 4.19 8.88
CA ASP A 10 0.93 4.58 10.29
C ASP A 10 -0.34 4.17 11.05
N GLY A 11 -0.22 3.44 12.16
CA GLY A 11 -1.36 3.20 13.07
C GLY A 11 -0.94 2.54 14.39
N MET A 12 -0.89 1.21 14.38
CA MET A 12 -0.44 0.38 15.49
C MET A 12 1.06 0.59 15.80
N HIS A 13 1.52 0.17 16.98
CA HIS A 13 2.94 0.27 17.37
C HIS A 13 3.82 -0.73 16.62
N CYS A 14 3.42 -2.01 16.57
CA CYS A 14 3.96 -2.93 15.58
C CYS A 14 3.17 -2.62 14.29
N LYS A 15 3.75 -2.72 13.11
CA LYS A 15 3.01 -2.50 11.86
C LYS A 15 2.84 -3.84 11.14
N SER A 16 2.79 -4.96 11.88
CA SER A 16 2.41 -6.33 11.43
C SER A 16 1.25 -6.29 10.42
N CYS A 17 0.35 -5.36 10.70
CA CYS A 17 -0.72 -4.77 9.93
C CYS A 17 -0.46 -4.70 8.39
N VAL A 18 0.79 -4.39 8.01
CA VAL A 18 1.26 -4.14 6.64
C VAL A 18 1.09 -5.36 5.72
N SER A 19 1.54 -6.56 6.12
CA SER A 19 1.49 -7.77 5.30
C SER A 19 0.07 -8.36 5.22
N ASN A 20 -0.75 -8.14 6.26
CA ASN A 20 -2.20 -8.40 6.23
C ASN A 20 -2.81 -7.64 5.03
N ILE A 21 -2.41 -6.38 4.86
CA ILE A 21 -2.69 -5.59 3.66
C ILE A 21 -2.02 -6.18 2.41
N GLU A 22 -0.72 -6.51 2.45
CA GLU A 22 0.06 -6.88 1.28
C GLU A 22 -0.51 -8.14 0.60
N SER A 23 -1.09 -9.04 1.40
CA SER A 23 -1.83 -10.22 0.95
C SER A 23 -2.87 -9.91 -0.14
N THR A 24 -3.66 -8.83 0.00
CA THR A 24 -4.61 -8.42 -1.04
C THR A 24 -3.94 -7.74 -2.23
N LEU A 25 -2.89 -6.96 -1.98
CA LEU A 25 -2.13 -6.21 -3.00
C LEU A 25 -1.43 -7.15 -3.98
N SER A 26 -0.86 -8.21 -3.44
CA SER A 26 -0.27 -9.34 -4.17
C SER A 26 -1.30 -10.21 -4.91
N ALA A 27 -2.58 -9.86 -4.82
CA ALA A 27 -3.69 -10.52 -5.51
C ALA A 27 -4.44 -9.54 -6.45
N LEU A 28 -3.92 -8.32 -6.68
CA LEU A 28 -4.46 -7.43 -7.69
C LEU A 28 -3.91 -7.88 -9.06
N GLN A 29 -4.20 -7.15 -10.13
CA GLN A 29 -3.87 -7.60 -11.50
C GLN A 29 -2.74 -6.79 -12.11
N TYR A 30 -2.88 -5.47 -12.26
CA TYR A 30 -1.85 -4.62 -12.89
C TYR A 30 -0.59 -4.34 -12.02
N VAL A 31 -0.17 -5.32 -11.22
CA VAL A 31 0.86 -5.31 -10.17
C VAL A 31 1.93 -6.35 -10.52
N SER A 32 3.22 -6.07 -10.33
CA SER A 32 4.31 -6.99 -10.71
C SER A 32 5.20 -7.39 -9.52
N SER A 33 4.91 -6.90 -8.33
CA SER A 33 5.73 -7.12 -7.14
C SER A 33 4.95 -6.74 -5.88
N ILE A 34 5.50 -7.08 -4.71
CA ILE A 34 5.00 -6.63 -3.42
C ILE A 34 6.17 -6.71 -2.44
N VAL A 35 6.28 -5.72 -1.55
CA VAL A 35 7.52 -5.43 -0.83
C VAL A 35 7.30 -4.58 0.45
N VAL A 36 6.36 -4.96 1.32
CA VAL A 36 6.03 -4.17 2.53
C VAL A 36 7.07 -4.21 3.69
N SER A 37 6.92 -3.39 4.74
CA SER A 37 7.85 -3.20 5.87
C SER A 37 7.10 -2.90 7.19
N LEU A 38 7.20 -3.79 8.18
CA LEU A 38 6.32 -3.83 9.36
C LEU A 38 6.90 -3.26 10.66
N GLU A 39 8.21 -3.25 10.76
CA GLU A 39 8.96 -2.62 11.84
C GLU A 39 8.84 -1.08 11.73
N ASN A 40 8.90 -0.59 10.49
CA ASN A 40 8.66 0.78 10.07
C ASN A 40 7.14 0.96 9.99
N ARG A 41 6.63 1.34 8.82
CA ARG A 41 5.23 1.62 8.51
C ARG A 41 5.12 1.66 6.99
N SER A 42 5.75 0.75 6.26
CA SER A 42 5.86 0.88 4.80
C SER A 42 5.16 -0.23 4.05
N ALA A 43 4.65 0.09 2.87
CA ALA A 43 4.17 -0.89 1.91
C ALA A 43 4.65 -0.43 0.52
N ILE A 44 5.62 -1.14 -0.07
CA ILE A 44 6.20 -0.80 -1.37
C ILE A 44 5.71 -1.84 -2.37
N VAL A 45 5.37 -1.42 -3.59
CA VAL A 45 4.65 -2.26 -4.55
C VAL A 45 5.01 -1.79 -5.98
N VAL A 46 5.29 -2.69 -6.93
CA VAL A 46 5.39 -2.38 -8.38
C VAL A 46 4.03 -2.57 -9.01
N TYR A 47 3.60 -1.64 -9.86
CA TYR A 47 2.31 -1.66 -10.55
C TYR A 47 2.24 -0.64 -11.72
N ASN A 48 1.09 -0.56 -12.42
CA ASN A 48 0.92 0.25 -13.62
C ASN A 48 0.14 1.54 -13.35
N ALA A 49 0.84 2.65 -13.10
CA ALA A 49 0.25 3.94 -12.72
C ALA A 49 -0.37 4.74 -13.89
N SER A 50 -1.07 4.08 -14.82
CA SER A 50 -1.65 4.66 -16.04
C SER A 50 -2.85 5.62 -15.79
N SER A 51 -3.01 6.14 -14.57
CA SER A 51 -4.08 7.05 -14.14
C SER A 51 -3.72 7.64 -12.75
N VAL A 52 -4.34 8.78 -12.37
CA VAL A 52 -3.94 9.59 -11.19
C VAL A 52 -4.40 8.99 -9.85
N THR A 53 -4.81 7.71 -9.81
CA THR A 53 -5.33 7.04 -8.62
C THR A 53 -4.41 5.92 -8.10
N PRO A 54 -3.28 6.28 -7.47
CA PRO A 54 -2.46 5.32 -6.74
C PRO A 54 -3.24 4.80 -5.51
N GLU A 55 -4.31 5.50 -5.12
CA GLU A 55 -5.27 5.05 -4.13
C GLU A 55 -5.98 3.73 -4.50
N SER A 56 -5.89 3.28 -5.76
CA SER A 56 -6.29 1.94 -6.22
C SER A 56 -5.77 0.81 -5.31
N LEU A 57 -4.56 0.99 -4.76
CA LEU A 57 -3.95 0.12 -3.75
C LEU A 57 -4.21 0.58 -2.32
N ARG A 58 -4.37 1.89 -2.05
CA ARG A 58 -4.84 2.40 -0.75
C ARG A 58 -6.16 1.74 -0.32
N LYS A 59 -7.05 1.45 -1.27
CA LYS A 59 -8.28 0.65 -1.10
C LYS A 59 -8.08 -0.60 -0.21
N ALA A 60 -6.91 -1.26 -0.27
CA ALA A 60 -6.56 -2.35 0.64
C ALA A 60 -6.51 -1.93 2.13
N ILE A 61 -5.77 -0.87 2.45
CA ILE A 61 -5.57 -0.41 3.84
C ILE A 61 -6.88 0.16 4.38
N GLU A 62 -7.52 1.01 3.58
CA GLU A 62 -8.79 1.70 3.89
C GLU A 62 -9.97 0.74 3.97
N ALA A 63 -9.80 -0.45 3.44
CA ALA A 63 -10.73 -1.56 3.66
C ALA A 63 -10.50 -2.27 5.00
N VAL A 64 -9.27 -2.69 5.33
CA VAL A 64 -9.07 -3.52 6.53
C VAL A 64 -9.26 -2.73 7.82
N SER A 65 -8.87 -1.45 7.87
CA SER A 65 -9.16 -0.57 9.02
C SER A 65 -8.98 0.95 8.73
N PRO A 66 -9.97 1.63 8.12
CA PRO A 66 -9.85 3.05 7.77
C PRO A 66 -9.87 4.01 8.96
N GLY A 67 -10.29 3.53 10.12
CA GLY A 67 -10.42 4.31 11.35
C GLY A 67 -9.13 4.42 12.17
N LEU A 68 -8.08 3.67 11.80
CA LEU A 68 -6.81 3.62 12.52
C LEU A 68 -5.60 3.90 11.62
N TYR A 69 -5.52 3.27 10.43
CA TYR A 69 -4.29 3.39 9.64
C TYR A 69 -4.26 4.65 8.76
N ARG A 70 -3.46 5.63 9.19
CA ARG A 70 -3.12 6.94 8.62
C ARG A 70 -2.37 6.87 7.28
N VAL A 71 -2.72 5.92 6.41
CA VAL A 71 -1.85 5.62 5.27
C VAL A 71 -1.67 6.76 4.26
N SER A 72 -0.39 7.09 4.10
CA SER A 72 0.10 8.25 3.34
C SER A 72 0.83 7.82 2.07
N ILE A 73 0.50 8.39 0.92
CA ILE A 73 0.95 7.89 -0.39
C ILE A 73 1.99 8.84 -1.02
N THR A 74 3.05 8.24 -1.56
CA THR A 74 4.07 8.92 -2.37
C THR A 74 3.53 9.32 -3.74
N SER A 75 2.82 10.44 -3.79
CA SER A 75 2.40 11.10 -5.02
C SER A 75 1.98 12.56 -4.82
N GLU A 76 2.70 13.46 -5.48
CA GLU A 76 2.57 14.91 -5.35
C GLU A 76 1.86 15.51 -6.56
N VAL A 77 0.63 15.06 -6.85
CA VAL A 77 -0.14 15.40 -8.04
C VAL A 77 -1.62 15.36 -7.68
N ASN A 1 7.13 -0.86 -18.47
CA ASN A 1 7.66 -0.35 -17.20
C ASN A 1 6.52 -0.09 -16.21
N ASP A 2 6.64 -0.59 -14.98
CA ASP A 2 5.70 -0.34 -13.88
C ASP A 2 5.95 1.00 -13.17
N SER A 3 4.94 1.43 -12.44
CA SER A 3 5.00 2.54 -11.48
C SER A 3 5.28 2.00 -10.08
N THR A 4 6.07 2.73 -9.27
CA THR A 4 6.34 2.33 -7.88
C THR A 4 5.47 3.18 -6.98
N ALA A 5 4.63 2.53 -6.16
CA ALA A 5 3.89 3.18 -5.09
C ALA A 5 4.44 2.81 -3.72
N THR A 6 4.39 3.80 -2.84
CA THR A 6 4.67 3.74 -1.42
C THR A 6 3.43 4.17 -0.66
N PHE A 7 3.03 3.35 0.32
CA PHE A 7 2.03 3.66 1.33
C PHE A 7 2.67 3.53 2.73
N ILE A 8 2.65 4.60 3.53
CA ILE A 8 3.28 4.65 4.87
C ILE A 8 2.24 4.63 5.98
N ILE A 9 2.17 3.52 6.73
CA ILE A 9 1.08 3.13 7.65
C ILE A 9 1.38 3.35 9.12
N ASP A 10 0.57 4.18 9.79
CA ASP A 10 0.82 4.55 11.20
C ASP A 10 -0.33 4.32 12.21
N GLY A 11 -1.39 3.59 11.86
CA GLY A 11 -2.61 3.49 12.68
C GLY A 11 -2.43 2.79 14.03
N MET A 12 -2.20 1.47 13.99
CA MET A 12 -1.93 0.65 15.18
C MET A 12 -0.52 0.86 15.75
N HIS A 13 0.32 1.57 15.00
CA HIS A 13 1.72 1.93 15.30
C HIS A 13 2.68 0.74 15.53
N CYS A 14 2.21 -0.51 15.64
CA CYS A 14 3.01 -1.72 15.65
C CYS A 14 3.54 -2.08 14.24
N LYS A 15 2.88 -1.54 13.19
CA LYS A 15 3.29 -1.51 11.77
C LYS A 15 3.13 -2.87 11.05
N SER A 16 3.29 -3.97 11.78
CA SER A 16 3.07 -5.40 11.42
C SER A 16 1.75 -5.70 10.67
N CYS A 17 0.77 -4.80 10.75
CA CYS A 17 -0.42 -4.70 9.92
C CYS A 17 -0.12 -4.94 8.42
N VAL A 18 1.08 -4.51 8.00
CA VAL A 18 1.69 -4.72 6.69
C VAL A 18 1.36 -6.08 6.06
N SER A 19 1.63 -7.22 6.72
CA SER A 19 1.58 -8.55 6.07
C SER A 19 0.14 -9.02 5.82
N ASN A 20 -0.77 -8.57 6.68
CA ASN A 20 -2.21 -8.76 6.51
C ASN A 20 -2.65 -8.11 5.18
N ILE A 21 -2.20 -6.88 4.95
CA ILE A 21 -2.48 -6.12 3.71
C ILE A 21 -1.67 -6.62 2.50
N GLU A 22 -0.39 -6.95 2.68
CA GLU A 22 0.53 -7.34 1.60
C GLU A 22 -0.07 -8.48 0.79
N SER A 23 -0.70 -9.41 1.52
CA SER A 23 -1.35 -10.60 0.97
C SER A 23 -2.32 -10.23 -0.17
N THR A 24 -3.17 -9.21 -0.01
CA THR A 24 -4.05 -8.72 -1.09
C THR A 24 -3.34 -7.91 -2.15
N LEU A 25 -2.43 -7.02 -1.73
CA LEU A 25 -1.62 -6.19 -2.61
C LEU A 25 -0.84 -7.02 -3.64
N SER A 26 -0.39 -8.20 -3.22
CA SER A 26 0.32 -9.19 -4.02
C SER A 26 -0.42 -9.69 -5.26
N ALA A 27 -1.74 -9.51 -5.32
CA ALA A 27 -2.63 -10.14 -6.28
C ALA A 27 -3.67 -9.16 -6.88
N LEU A 28 -3.37 -7.85 -6.84
CA LEU A 28 -4.27 -6.84 -7.39
C LEU A 28 -4.22 -6.79 -8.93
N GLN A 29 -5.16 -6.01 -9.47
CA GLN A 29 -5.57 -5.89 -10.88
C GLN A 29 -4.46 -5.81 -11.94
N TYR A 30 -3.26 -5.35 -11.58
CA TYR A 30 -2.12 -5.17 -12.50
C TYR A 30 -0.77 -4.95 -11.77
N VAL A 31 -0.40 -5.84 -10.83
CA VAL A 31 0.89 -5.79 -10.10
C VAL A 31 1.90 -6.83 -10.62
N SER A 32 3.18 -6.48 -10.54
CA SER A 32 4.29 -7.38 -10.85
C SER A 32 5.14 -7.80 -9.64
N SER A 33 5.19 -7.00 -8.58
CA SER A 33 5.83 -7.31 -7.30
C SER A 33 5.15 -6.55 -6.17
N ILE A 34 5.26 -7.13 -4.99
CA ILE A 34 4.81 -6.58 -3.71
C ILE A 34 6.02 -6.62 -2.80
N VAL A 35 6.15 -5.59 -1.97
CA VAL A 35 7.43 -5.27 -1.36
C VAL A 35 7.23 -4.54 -0.01
N VAL A 36 6.42 -5.15 0.87
CA VAL A 36 6.16 -4.68 2.25
C VAL A 36 7.44 -4.69 3.14
N SER A 37 7.51 -3.83 4.16
CA SER A 37 8.60 -3.73 5.18
C SER A 37 7.93 -3.58 6.56
N LEU A 38 8.06 -4.58 7.45
CA LEU A 38 7.21 -4.74 8.65
C LEU A 38 7.72 -4.12 9.94
N GLU A 39 9.02 -4.15 10.13
CA GLU A 39 9.75 -3.43 11.16
C GLU A 39 9.56 -1.91 10.96
N ASN A 40 9.32 -1.53 9.71
CA ASN A 40 8.89 -0.24 9.25
C ASN A 40 7.37 -0.19 9.10
N ARG A 41 6.97 1.02 8.75
CA ARG A 41 5.61 1.45 8.43
C ARG A 41 5.37 1.41 6.92
N SER A 42 6.05 0.56 6.15
CA SER A 42 6.01 0.69 4.69
C SER A 42 5.38 -0.49 3.96
N ALA A 43 4.56 -0.15 2.98
CA ALA A 43 4.00 -1.06 2.00
C ALA A 43 4.36 -0.52 0.62
N ILE A 44 5.28 -1.18 -0.08
CA ILE A 44 5.76 -0.79 -1.41
C ILE A 44 5.20 -1.79 -2.42
N VAL A 45 4.89 -1.34 -3.62
CA VAL A 45 4.30 -2.17 -4.67
C VAL A 45 4.85 -1.74 -6.04
N VAL A 46 5.06 -2.72 -6.93
CA VAL A 46 5.36 -2.53 -8.36
C VAL A 46 4.12 -2.94 -9.15
N TYR A 47 3.54 -2.01 -9.92
CA TYR A 47 2.22 -2.14 -10.57
C TYR A 47 1.96 -1.01 -11.59
N ASN A 48 0.82 -1.06 -12.29
CA ASN A 48 0.52 -0.04 -13.31
C ASN A 48 -0.15 1.23 -12.76
N ALA A 49 0.42 2.39 -13.06
CA ALA A 49 -0.19 3.70 -12.86
C ALA A 49 0.44 4.72 -13.83
N SER A 50 -0.13 4.81 -15.02
CA SER A 50 0.28 5.72 -16.11
C SER A 50 -0.52 7.03 -16.13
N SER A 51 -1.80 7.00 -15.74
CA SER A 51 -2.69 8.16 -15.58
C SER A 51 -3.82 7.77 -14.62
N VAL A 52 -3.42 7.37 -13.41
CA VAL A 52 -4.22 6.74 -12.35
C VAL A 52 -3.66 7.21 -11.02
N THR A 53 -4.52 7.44 -10.01
CA THR A 53 -4.14 7.91 -8.67
C THR A 53 -3.74 6.70 -7.79
N PRO A 54 -2.55 6.73 -7.15
CA PRO A 54 -2.07 5.63 -6.30
C PRO A 54 -3.00 5.37 -5.10
N GLU A 55 -3.81 6.36 -4.72
CA GLU A 55 -4.94 6.24 -3.78
C GLU A 55 -5.89 5.08 -4.10
N SER A 56 -5.85 4.58 -5.32
CA SER A 56 -6.45 3.31 -5.76
C SER A 56 -6.14 2.15 -4.80
N LEU A 57 -4.86 1.79 -4.70
CA LEU A 57 -4.35 0.66 -3.91
C LEU A 57 -4.57 0.88 -2.42
N ARG A 58 -4.58 2.15 -1.96
CA ARG A 58 -4.84 2.53 -0.56
C ARG A 58 -6.06 1.82 0.03
N LYS A 59 -7.12 1.64 -0.78
CA LYS A 59 -8.33 0.91 -0.37
C LYS A 59 -8.02 -0.47 0.23
N ALA A 60 -6.97 -1.19 -0.22
CA ALA A 60 -6.50 -2.45 0.33
C ALA A 60 -6.04 -2.34 1.80
N ILE A 61 -5.24 -1.31 2.10
CA ILE A 61 -4.83 -0.94 3.46
C ILE A 61 -6.06 -0.56 4.28
N GLU A 62 -6.84 0.39 3.79
CA GLU A 62 -7.88 1.03 4.58
C GLU A 62 -9.03 0.07 4.89
N ALA A 63 -9.40 -0.80 3.94
CA ALA A 63 -10.60 -1.64 4.08
C ALA A 63 -10.51 -2.72 5.18
N VAL A 64 -9.32 -2.96 5.75
CA VAL A 64 -9.13 -3.84 6.92
C VAL A 64 -9.05 -3.07 8.24
N SER A 65 -8.85 -1.74 8.24
CA SER A 65 -8.90 -0.90 9.44
C SER A 65 -9.23 0.58 9.10
N PRO A 66 -10.46 0.84 8.61
CA PRO A 66 -10.83 2.13 8.04
C PRO A 66 -11.00 3.17 9.14
N GLY A 67 -10.33 4.33 8.95
CA GLY A 67 -10.27 5.41 9.95
C GLY A 67 -9.23 5.17 11.06
N LEU A 68 -8.65 3.96 11.14
CA LEU A 68 -7.59 3.61 12.09
C LEU A 68 -6.22 3.88 11.45
N TYR A 69 -5.99 3.30 10.27
CA TYR A 69 -4.70 3.36 9.60
C TYR A 69 -4.38 4.77 9.08
N ARG A 70 -3.47 5.45 9.79
CA ARG A 70 -2.85 6.70 9.36
C ARG A 70 -1.92 6.42 8.16
N VAL A 71 -2.47 6.01 7.00
CA VAL A 71 -1.63 5.69 5.85
C VAL A 71 -1.47 6.86 4.87
N SER A 72 -0.22 7.21 4.57
CA SER A 72 0.16 8.33 3.70
C SER A 72 0.83 7.86 2.40
N ILE A 73 0.41 8.38 1.25
CA ILE A 73 0.79 7.87 -0.07
C ILE A 73 1.67 8.87 -0.80
N THR A 74 2.73 8.39 -1.46
CA THR A 74 3.53 9.20 -2.39
C THR A 74 2.65 9.48 -3.61
N SER A 75 2.00 10.65 -3.62
CA SER A 75 0.93 10.98 -4.55
C SER A 75 1.03 12.40 -5.10
N GLU A 76 1.02 12.49 -6.42
CA GLU A 76 1.07 13.73 -7.21
C GLU A 76 -0.38 14.13 -7.56
N VAL A 77 -1.18 14.38 -6.51
CA VAL A 77 -2.64 14.53 -6.60
C VAL A 77 -3.10 15.70 -5.74
N ASN A 1 8.35 -0.43 -18.05
CA ASN A 1 8.21 0.91 -17.45
C ASN A 1 7.24 0.88 -16.24
N ASP A 2 7.44 -0.12 -15.36
CA ASP A 2 6.61 -0.40 -14.20
C ASP A 2 6.61 0.77 -13.20
N SER A 3 5.46 1.06 -12.62
CA SER A 3 5.28 2.24 -11.79
C SER A 3 5.41 1.95 -10.30
N THR A 4 6.04 2.84 -9.54
CA THR A 4 6.31 2.67 -8.10
C THR A 4 5.44 3.59 -7.25
N ALA A 5 4.84 2.99 -6.22
CA ALA A 5 4.16 3.69 -5.14
C ALA A 5 4.69 3.22 -3.80
N THR A 6 4.65 4.16 -2.85
CA THR A 6 4.87 3.96 -1.42
C THR A 6 3.61 4.37 -0.69
N PHE A 7 3.22 3.53 0.26
CA PHE A 7 2.18 3.82 1.23
C PHE A 7 2.75 3.59 2.65
N ILE A 8 2.78 4.64 3.48
CA ILE A 8 3.32 4.60 4.85
C ILE A 8 2.19 4.61 5.87
N ILE A 9 2.01 3.48 6.53
CA ILE A 9 0.84 3.10 7.33
C ILE A 9 1.02 3.45 8.81
N ASP A 10 0.50 4.61 9.18
CA ASP A 10 0.50 5.07 10.57
C ASP A 10 -0.80 4.63 11.26
N GLY A 11 -0.78 3.38 11.68
CA GLY A 11 -1.92 2.68 12.27
C GLY A 11 -1.76 2.39 13.75
N MET A 12 -1.36 1.15 14.02
CA MET A 12 -1.13 0.57 15.34
C MET A 12 0.33 0.71 15.80
N HIS A 13 0.62 0.35 17.06
CA HIS A 13 1.99 0.35 17.57
C HIS A 13 2.86 -0.77 16.96
N CYS A 14 2.26 -1.94 16.73
CA CYS A 14 2.82 -2.97 15.86
C CYS A 14 2.37 -2.60 14.42
N LYS A 15 3.24 -2.80 13.42
CA LYS A 15 2.96 -2.41 12.02
C LYS A 15 2.87 -3.65 11.10
N SER A 16 3.02 -4.85 11.67
CA SER A 16 2.83 -6.19 11.08
C SER A 16 1.51 -6.40 10.32
N CYS A 17 0.53 -5.53 10.57
CA CYS A 17 -0.71 -5.31 9.84
C CYS A 17 -0.45 -5.23 8.31
N VAL A 18 0.68 -4.62 7.94
CA VAL A 18 1.27 -4.59 6.59
C VAL A 18 1.16 -5.92 5.83
N SER A 19 1.43 -7.08 6.44
CA SER A 19 1.49 -8.37 5.74
C SER A 19 0.09 -8.87 5.36
N ASN A 20 -0.87 -8.60 6.25
CA ASN A 20 -2.31 -8.80 6.01
C ASN A 20 -2.76 -7.91 4.84
N ILE A 21 -2.21 -6.69 4.76
CA ILE A 21 -2.38 -5.84 3.58
C ILE A 21 -1.69 -6.42 2.34
N GLU A 22 -0.38 -6.70 2.39
CA GLU A 22 0.45 -7.16 1.27
C GLU A 22 -0.27 -8.28 0.55
N SER A 23 -0.70 -9.31 1.28
CA SER A 23 -1.30 -10.49 0.64
C SER A 23 -2.62 -10.22 -0.10
N THR A 24 -3.36 -9.15 0.26
CA THR A 24 -4.56 -8.75 -0.49
C THR A 24 -4.24 -7.87 -1.68
N LEU A 25 -3.18 -7.07 -1.53
CA LEU A 25 -2.78 -6.01 -2.44
C LEU A 25 -1.85 -6.46 -3.56
N SER A 26 -0.98 -7.39 -3.23
CA SER A 26 -0.14 -8.14 -4.14
C SER A 26 -0.95 -9.13 -4.98
N ALA A 27 -2.25 -9.23 -4.66
CA ALA A 27 -3.24 -10.06 -5.36
C ALA A 27 -4.15 -9.23 -6.29
N LEU A 28 -3.80 -7.97 -6.56
CA LEU A 28 -4.60 -7.07 -7.39
C LEU A 28 -4.25 -7.22 -8.89
N GLN A 29 -4.95 -6.48 -9.75
CA GLN A 29 -4.62 -6.44 -11.18
C GLN A 29 -3.27 -5.72 -11.38
N TYR A 30 -2.58 -5.96 -12.50
CA TYR A 30 -1.39 -5.25 -13.01
C TYR A 30 -0.14 -5.07 -12.09
N VAL A 31 -0.21 -5.42 -10.81
CA VAL A 31 0.93 -5.44 -9.87
C VAL A 31 1.97 -6.51 -10.25
N SER A 32 3.24 -6.11 -10.38
CA SER A 32 4.38 -7.01 -10.69
C SER A 32 5.18 -7.44 -9.45
N SER A 33 4.96 -6.81 -8.30
CA SER A 33 5.66 -7.03 -7.05
C SER A 33 5.04 -6.17 -5.95
N ILE A 34 5.08 -6.70 -4.73
CA ILE A 34 4.78 -5.95 -3.52
C ILE A 34 6.03 -6.11 -2.68
N VAL A 35 6.29 -5.06 -1.91
CA VAL A 35 7.60 -4.83 -1.32
C VAL A 35 7.43 -4.13 0.05
N VAL A 36 6.62 -4.75 0.92
CA VAL A 36 6.39 -4.32 2.32
C VAL A 36 7.68 -4.28 3.18
N SER A 37 7.69 -3.41 4.20
CA SER A 37 8.66 -3.29 5.31
C SER A 37 7.82 -3.16 6.59
N LEU A 38 7.82 -4.22 7.43
CA LEU A 38 6.83 -4.42 8.49
C LEU A 38 7.20 -3.85 9.86
N GLU A 39 8.45 -3.97 10.23
CA GLU A 39 9.11 -3.36 11.38
C GLU A 39 9.02 -1.83 11.36
N ASN A 40 9.02 -1.27 10.15
CA ASN A 40 8.91 0.15 9.84
C ASN A 40 7.45 0.60 9.97
N ARG A 41 6.70 0.54 8.87
CA ARG A 41 5.32 1.00 8.59
C ARG A 41 5.11 1.12 7.07
N SER A 42 5.80 0.36 6.24
CA SER A 42 5.85 0.64 4.80
C SER A 42 5.28 -0.46 3.92
N ALA A 43 4.56 -0.03 2.88
CA ALA A 43 4.15 -0.88 1.78
C ALA A 43 4.65 -0.21 0.49
N ILE A 44 5.70 -0.75 -0.13
CA ILE A 44 6.11 -0.35 -1.48
C ILE A 44 5.54 -1.35 -2.46
N VAL A 45 5.23 -0.92 -3.68
CA VAL A 45 4.55 -1.74 -4.70
C VAL A 45 5.04 -1.41 -6.12
N VAL A 46 5.06 -2.40 -7.01
CA VAL A 46 5.28 -2.26 -8.46
C VAL A 46 3.97 -2.57 -9.18
N TYR A 47 3.48 -1.70 -10.07
CA TYR A 47 2.13 -1.77 -10.65
C TYR A 47 1.89 -0.73 -11.77
N ASN A 48 0.65 -0.63 -12.30
CA ASN A 48 0.30 0.41 -13.29
C ASN A 48 -0.20 1.70 -12.61
N ALA A 49 0.51 2.82 -12.84
CA ALA A 49 0.12 4.16 -12.41
C ALA A 49 0.83 5.25 -13.23
N SER A 50 0.14 6.38 -13.34
CA SER A 50 0.43 7.67 -14.01
C SER A 50 -0.93 8.35 -14.25
N SER A 51 -1.57 8.14 -15.40
CA SER A 51 -2.96 8.52 -15.71
C SER A 51 -3.99 7.61 -15.00
N VAL A 52 -3.81 7.40 -13.69
CA VAL A 52 -4.49 6.38 -12.89
C VAL A 52 -4.56 6.84 -11.43
N THR A 53 -5.64 6.49 -10.71
CA THR A 53 -5.80 6.71 -9.26
C THR A 53 -4.97 5.71 -8.43
N PRO A 54 -3.90 6.16 -7.74
CA PRO A 54 -3.07 5.28 -6.89
C PRO A 54 -3.80 4.80 -5.63
N GLU A 55 -4.91 5.47 -5.26
CA GLU A 55 -5.81 5.02 -4.20
C GLU A 55 -6.30 3.57 -4.38
N SER A 56 -6.30 3.05 -5.62
CA SER A 56 -6.51 1.65 -5.98
C SER A 56 -5.94 0.65 -4.96
N LEU A 57 -4.62 0.69 -4.80
CA LEU A 57 -3.86 -0.18 -3.90
C LEU A 57 -4.12 0.21 -2.46
N ARG A 58 -4.15 1.53 -2.17
CA ARG A 58 -4.32 2.03 -0.81
C ARG A 58 -5.60 1.51 -0.15
N LYS A 59 -6.69 1.36 -0.91
CA LYS A 59 -7.95 0.81 -0.39
C LYS A 59 -7.79 -0.58 0.28
N ALA A 60 -6.75 -1.35 -0.05
CA ALA A 60 -6.32 -2.54 0.71
C ALA A 60 -6.04 -2.18 2.18
N ILE A 61 -5.17 -1.18 2.42
CA ILE A 61 -4.85 -0.66 3.76
C ILE A 61 -6.11 -0.29 4.55
N GLU A 62 -7.02 0.42 3.89
CA GLU A 62 -8.18 1.01 4.56
C GLU A 62 -9.09 -0.09 5.13
N ALA A 63 -9.34 -1.15 4.36
CA ALA A 63 -10.38 -2.13 4.64
C ALA A 63 -10.28 -2.88 5.97
N VAL A 64 -9.07 -2.96 6.54
CA VAL A 64 -8.82 -3.67 7.80
C VAL A 64 -8.87 -2.73 9.02
N SER A 65 -8.84 -1.41 8.84
CA SER A 65 -9.02 -0.40 9.89
C SER A 65 -9.23 1.02 9.31
N PRO A 66 -10.42 1.29 8.72
CA PRO A 66 -10.68 2.55 8.04
C PRO A 66 -10.78 3.69 9.05
N GLY A 67 -10.07 4.79 8.77
CA GLY A 67 -9.98 5.96 9.66
C GLY A 67 -8.96 5.83 10.78
N LEU A 68 -8.43 4.63 11.04
CA LEU A 68 -7.36 4.39 12.03
C LEU A 68 -5.98 4.49 11.38
N TYR A 69 -5.81 3.83 10.23
CA TYR A 69 -4.53 3.73 9.54
C TYR A 69 -4.29 4.98 8.67
N ARG A 70 -3.56 5.95 9.22
CA ARG A 70 -3.19 7.29 8.69
C ARG A 70 -2.26 7.23 7.46
N VAL A 71 -2.56 6.35 6.51
CA VAL A 71 -1.59 6.00 5.49
C VAL A 71 -1.22 7.15 4.54
N SER A 72 0.08 7.43 4.49
CA SER A 72 0.70 8.57 3.80
C SER A 72 1.36 8.13 2.50
N ILE A 73 0.88 8.69 1.38
CA ILE A 73 1.10 8.14 0.03
C ILE A 73 2.05 9.00 -0.83
N THR A 74 2.94 8.31 -1.54
CA THR A 74 3.79 8.86 -2.60
C THR A 74 3.39 8.21 -3.90
N SER A 75 2.91 9.00 -4.85
CA SER A 75 2.29 8.60 -6.12
C SER A 75 1.93 9.86 -6.92
N GLU A 76 1.65 9.71 -8.21
CA GLU A 76 1.08 10.73 -9.08
C GLU A 76 -0.45 10.64 -9.20
N VAL A 77 -1.03 11.62 -9.88
CA VAL A 77 -2.48 11.72 -10.22
C VAL A 77 -2.75 12.84 -11.24
N ASN A 1 8.91 -1.34 -16.99
CA ASN A 1 7.91 -0.35 -17.44
C ASN A 1 6.77 -0.15 -16.41
N ASP A 2 7.00 -0.56 -15.16
CA ASP A 2 6.16 -0.32 -14.00
C ASP A 2 6.40 1.06 -13.39
N SER A 3 5.53 1.40 -12.46
CA SER A 3 5.72 2.52 -11.57
C SER A 3 5.63 2.02 -10.14
N THR A 4 6.27 2.77 -9.24
CA THR A 4 6.29 2.49 -7.81
C THR A 4 5.31 3.38 -7.09
N ALA A 5 4.90 2.89 -5.93
CA ALA A 5 4.21 3.66 -4.91
C ALA A 5 4.64 3.13 -3.55
N THR A 6 4.74 4.07 -2.61
CA THR A 6 4.93 3.80 -1.19
C THR A 6 3.75 4.39 -0.44
N PHE A 7 3.25 3.62 0.52
CA PHE A 7 2.19 3.99 1.43
C PHE A 7 2.73 3.79 2.85
N ILE A 8 2.79 4.87 3.63
CA ILE A 8 3.37 4.92 4.98
C ILE A 8 2.26 4.85 6.01
N ILE A 9 2.19 3.70 6.64
CA ILE A 9 1.06 3.23 7.47
C ILE A 9 1.33 3.45 8.94
N ASP A 10 0.56 4.34 9.55
CA ASP A 10 0.50 4.42 11.01
C ASP A 10 -0.75 3.64 11.46
N GLY A 11 -0.51 2.34 11.64
CA GLY A 11 -1.55 1.33 11.91
C GLY A 11 -2.06 1.39 13.35
N MET A 12 -2.17 0.22 14.00
CA MET A 12 -2.54 0.15 15.43
C MET A 12 -1.46 0.82 16.31
N HIS A 13 -0.22 0.42 16.08
CA HIS A 13 1.05 0.99 16.53
C HIS A 13 2.17 0.03 16.07
N CYS A 14 2.05 -1.24 16.44
CA CYS A 14 2.83 -2.32 15.89
C CYS A 14 2.60 -2.34 14.36
N LYS A 15 3.68 -2.31 13.57
CA LYS A 15 3.55 -2.09 12.13
C LYS A 15 3.25 -3.40 11.36
N SER A 16 3.23 -4.54 12.06
CA SER A 16 2.82 -5.89 11.62
C SER A 16 1.49 -5.93 10.85
N CYS A 17 0.62 -4.93 11.07
CA CYS A 17 -0.55 -4.59 10.27
C CYS A 17 -0.24 -4.65 8.74
N VAL A 18 0.98 -4.23 8.36
CA VAL A 18 1.59 -4.39 7.00
C VAL A 18 1.36 -5.76 6.36
N SER A 19 1.61 -6.85 7.07
CA SER A 19 1.68 -8.21 6.51
C SER A 19 0.31 -8.73 6.13
N ASN A 20 -0.71 -8.31 6.88
CA ASN A 20 -2.12 -8.54 6.60
C ASN A 20 -2.54 -7.83 5.30
N ILE A 21 -1.97 -6.64 5.09
CA ILE A 21 -2.19 -5.86 3.86
C ILE A 21 -1.31 -6.35 2.68
N GLU A 22 -0.11 -6.88 2.91
CA GLU A 22 0.87 -7.16 1.85
C GLU A 22 0.30 -8.07 0.77
N SER A 23 -0.28 -9.19 1.19
CA SER A 23 -0.76 -10.17 0.21
C SER A 23 -1.96 -9.63 -0.58
N THR A 24 -2.63 -8.60 -0.05
CA THR A 24 -3.74 -7.91 -0.70
C THR A 24 -3.27 -7.07 -1.88
N LEU A 25 -2.24 -6.22 -1.74
CA LEU A 25 -1.82 -5.34 -2.85
C LEU A 25 -1.32 -6.20 -4.01
N SER A 26 -0.64 -7.28 -3.64
CA SER A 26 -0.20 -8.37 -4.52
C SER A 26 -1.27 -8.86 -5.51
N ALA A 27 -2.54 -8.79 -5.10
CA ALA A 27 -3.66 -9.40 -5.81
C ALA A 27 -4.47 -8.41 -6.66
N LEU A 28 -4.13 -7.12 -6.65
CA LEU A 28 -4.94 -6.04 -7.25
C LEU A 28 -4.89 -5.95 -8.79
N GLN A 29 -4.59 -7.07 -9.45
CA GLN A 29 -4.58 -7.39 -10.89
C GLN A 29 -3.66 -6.51 -11.75
N TYR A 30 -3.79 -5.19 -11.76
CA TYR A 30 -2.96 -4.29 -12.56
C TYR A 30 -1.57 -4.03 -11.91
N VAL A 31 -1.00 -5.07 -11.30
CA VAL A 31 0.19 -5.06 -10.42
C VAL A 31 1.17 -6.17 -10.80
N SER A 32 2.45 -5.86 -10.70
CA SER A 32 3.56 -6.78 -11.02
C SER A 32 4.30 -7.27 -9.77
N SER A 33 4.35 -6.48 -8.70
CA SER A 33 4.87 -6.92 -7.41
C SER A 33 4.34 -6.13 -6.21
N ILE A 34 4.54 -6.72 -5.04
CA ILE A 34 4.29 -6.15 -3.72
C ILE A 34 5.59 -6.27 -2.92
N VAL A 35 5.86 -5.27 -2.08
CA VAL A 35 7.20 -5.05 -1.54
C VAL A 35 7.16 -4.34 -0.16
N VAL A 36 6.35 -4.84 0.80
CA VAL A 36 6.25 -4.33 2.20
C VAL A 36 7.60 -4.29 2.96
N SER A 37 7.73 -3.36 3.93
CA SER A 37 8.82 -3.27 4.92
C SER A 37 8.15 -3.19 6.31
N LEU A 38 8.24 -4.28 7.08
CA LEU A 38 7.39 -4.54 8.24
C LEU A 38 7.89 -4.06 9.61
N GLU A 39 9.20 -4.05 9.79
CA GLU A 39 9.90 -3.45 10.91
C GLU A 39 9.80 -1.92 10.86
N ASN A 40 9.60 -1.42 9.65
CA ASN A 40 9.27 -0.05 9.29
C ASN A 40 7.75 0.15 9.23
N ARG A 41 7.35 1.38 8.93
CA ARG A 41 5.95 1.79 8.77
C ARG A 41 5.53 1.75 7.28
N SER A 42 6.05 0.84 6.46
CA SER A 42 5.93 1.01 5.00
C SER A 42 5.38 -0.18 4.22
N ALA A 43 4.57 0.16 3.21
CA ALA A 43 4.15 -0.73 2.16
C ALA A 43 4.63 -0.15 0.82
N ILE A 44 5.42 -0.89 0.04
CA ILE A 44 5.80 -0.51 -1.33
C ILE A 44 5.13 -1.51 -2.28
N VAL A 45 4.77 -1.04 -3.47
CA VAL A 45 4.04 -1.82 -4.49
C VAL A 45 4.52 -1.39 -5.88
N VAL A 46 4.54 -2.32 -6.84
CA VAL A 46 5.00 -2.12 -8.22
C VAL A 46 3.83 -2.47 -9.14
N TYR A 47 3.41 -1.54 -9.99
CA TYR A 47 2.15 -1.65 -10.74
C TYR A 47 2.19 -0.98 -12.12
N ASN A 48 1.05 -1.04 -12.81
CA ASN A 48 0.94 -0.65 -14.22
C ASN A 48 0.71 0.85 -14.35
N ALA A 49 1.67 1.56 -14.95
CA ALA A 49 1.72 3.02 -14.96
C ALA A 49 0.86 3.69 -16.06
N SER A 50 -0.25 3.07 -16.43
CA SER A 50 -1.25 3.62 -17.36
C SER A 50 -2.18 4.67 -16.71
N SER A 51 -1.83 5.22 -15.55
CA SER A 51 -2.68 6.15 -14.77
C SER A 51 -1.85 6.92 -13.73
N VAL A 52 -2.53 7.69 -12.87
CA VAL A 52 -1.99 8.43 -11.72
C VAL A 52 -2.86 8.17 -10.47
N THR A 53 -3.47 6.97 -10.40
CA THR A 53 -4.47 6.57 -9.39
C THR A 53 -3.96 5.44 -8.48
N PRO A 54 -3.17 5.79 -7.45
CA PRO A 54 -2.64 4.86 -6.45
C PRO A 54 -3.66 4.52 -5.35
N GLU A 55 -4.81 5.20 -5.31
CA GLU A 55 -5.80 5.08 -4.25
C GLU A 55 -6.46 3.68 -4.19
N SER A 56 -6.56 2.95 -5.29
CA SER A 56 -6.95 1.53 -5.35
C SER A 56 -6.10 0.68 -4.39
N LEU A 57 -4.77 0.86 -4.43
CA LEU A 57 -3.83 0.18 -3.54
C LEU A 57 -4.03 0.65 -2.08
N ARG A 58 -4.24 1.96 -1.86
CA ARG A 58 -4.59 2.52 -0.55
C ARG A 58 -5.86 1.88 0.03
N LYS A 59 -6.93 1.71 -0.78
CA LYS A 59 -8.15 1.03 -0.39
C LYS A 59 -7.96 -0.34 0.26
N ALA A 60 -6.94 -1.11 -0.10
CA ALA A 60 -6.57 -2.34 0.62
C ALA A 60 -6.21 -2.04 2.09
N ILE A 61 -5.30 -1.10 2.35
CA ILE A 61 -4.96 -0.60 3.69
C ILE A 61 -6.25 -0.13 4.39
N GLU A 62 -7.03 0.72 3.73
CA GLU A 62 -8.17 1.43 4.32
C GLU A 62 -9.25 0.44 4.74
N ALA A 63 -9.58 -0.51 3.88
CA ALA A 63 -10.72 -1.40 4.06
C ALA A 63 -10.55 -2.45 5.16
N VAL A 64 -9.31 -2.75 5.59
CA VAL A 64 -9.07 -3.72 6.68
C VAL A 64 -9.09 -3.08 8.08
N SER A 65 -8.91 -1.76 8.20
CA SER A 65 -9.07 -1.01 9.46
C SER A 65 -9.33 0.48 9.19
N PRO A 66 -10.54 0.82 8.69
CA PRO A 66 -10.89 2.20 8.31
C PRO A 66 -10.96 3.07 9.57
N GLY A 67 -10.44 4.29 9.46
CA GLY A 67 -10.31 5.22 10.59
C GLY A 67 -9.15 4.90 11.55
N LEU A 68 -8.52 3.73 11.41
CA LEU A 68 -7.40 3.28 12.25
C LEU A 68 -6.06 3.56 11.58
N TYR A 69 -5.90 3.09 10.34
CA TYR A 69 -4.62 3.10 9.63
C TYR A 69 -4.39 4.47 8.93
N ARG A 70 -3.63 5.33 9.59
CA ARG A 70 -3.27 6.72 9.26
C ARG A 70 -2.33 6.85 8.05
N VAL A 71 -2.61 6.11 6.98
CA VAL A 71 -1.65 5.93 5.88
C VAL A 71 -1.45 7.14 4.97
N SER A 72 -0.19 7.55 4.78
CA SER A 72 0.24 8.67 3.93
C SER A 72 1.03 8.20 2.70
N ILE A 73 0.65 8.67 1.51
CA ILE A 73 1.06 8.11 0.21
C ILE A 73 2.02 9.01 -0.56
N THR A 74 2.99 8.39 -1.24
CA THR A 74 3.92 9.08 -2.15
C THR A 74 3.26 9.44 -3.48
N SER A 75 2.38 10.44 -3.45
CA SER A 75 1.75 11.00 -4.65
C SER A 75 1.21 12.40 -4.44
N GLU A 76 1.93 13.37 -4.99
CA GLU A 76 1.66 14.81 -4.86
C GLU A 76 0.53 15.26 -5.80
N VAL A 77 -0.63 14.60 -5.70
CA VAL A 77 -1.75 14.70 -6.64
C VAL A 77 -3.06 14.68 -5.86
N ASN A 1 8.56 -0.98 -17.91
CA ASN A 1 8.31 0.34 -17.32
C ASN A 1 7.08 0.37 -16.39
N ASP A 2 7.09 -0.46 -15.36
CA ASP A 2 6.13 -0.38 -14.25
C ASP A 2 6.29 0.92 -13.45
N SER A 3 5.24 1.28 -12.73
CA SER A 3 5.29 2.37 -11.76
C SER A 3 5.60 1.86 -10.36
N THR A 4 6.38 2.64 -9.62
CA THR A 4 6.66 2.38 -8.19
C THR A 4 5.79 3.32 -7.36
N ALA A 5 5.15 2.78 -6.32
CA ALA A 5 4.51 3.56 -5.27
C ALA A 5 4.91 3.01 -3.90
N THR A 6 4.96 3.94 -2.94
CA THR A 6 5.10 3.67 -1.51
C THR A 6 3.91 4.27 -0.78
N PHE A 7 3.35 3.49 0.14
CA PHE A 7 2.33 3.87 1.08
C PHE A 7 2.89 3.66 2.48
N ILE A 8 2.92 4.71 3.31
CA ILE A 8 3.48 4.67 4.66
C ILE A 8 2.38 4.53 5.70
N ILE A 9 2.27 3.33 6.26
CA ILE A 9 1.12 2.81 7.02
C ILE A 9 1.36 2.82 8.52
N ASP A 10 0.76 3.78 9.22
CA ASP A 10 0.81 3.80 10.70
C ASP A 10 -0.55 3.37 11.28
N GLY A 11 -0.63 2.09 11.63
CA GLY A 11 -1.85 1.42 12.12
C GLY A 11 -1.68 0.77 13.49
N MET A 12 -2.69 0.89 14.37
CA MET A 12 -2.87 0.18 15.67
C MET A 12 -1.86 0.50 16.79
N HIS A 13 -0.61 0.78 16.41
CA HIS A 13 0.61 1.25 17.12
C HIS A 13 1.83 0.43 16.68
N CYS A 14 1.69 -0.89 16.53
CA CYS A 14 2.67 -1.74 15.89
C CYS A 14 2.64 -1.50 14.35
N LYS A 15 3.25 -2.39 13.56
CA LYS A 15 3.08 -2.38 12.09
C LYS A 15 2.67 -3.74 11.49
N SER A 16 2.36 -4.77 12.31
CA SER A 16 1.91 -6.10 11.83
C SER A 16 0.79 -6.05 10.77
N CYS A 17 -0.05 -5.01 10.86
CA CYS A 17 -1.05 -4.53 9.92
C CYS A 17 -0.61 -4.64 8.44
N VAL A 18 0.65 -4.27 8.20
CA VAL A 18 1.30 -4.09 6.90
C VAL A 18 1.59 -5.43 6.20
N SER A 19 1.84 -6.51 6.93
CA SER A 19 1.95 -7.86 6.34
C SER A 19 0.57 -8.40 5.94
N ASN A 20 -0.46 -8.17 6.76
CA ASN A 20 -1.85 -8.45 6.39
C ASN A 20 -2.21 -7.70 5.09
N ILE A 21 -1.79 -6.43 4.99
CA ILE A 21 -1.89 -5.65 3.75
C ILE A 21 -1.03 -6.20 2.61
N GLU A 22 0.18 -6.73 2.84
CA GLU A 22 0.93 -7.36 1.75
C GLU A 22 0.07 -8.42 1.08
N SER A 23 -0.58 -9.32 1.83
CA SER A 23 -1.42 -10.38 1.24
C SER A 23 -2.59 -9.87 0.39
N THR A 24 -3.01 -8.61 0.60
CA THR A 24 -3.97 -7.92 -0.27
C THR A 24 -3.30 -7.41 -1.54
N LEU A 25 -2.23 -6.62 -1.36
CA LEU A 25 -1.44 -5.94 -2.39
C LEU A 25 -0.75 -6.91 -3.35
N SER A 26 -0.30 -8.04 -2.85
CA SER A 26 0.44 -9.05 -3.58
C SER A 26 -0.36 -9.81 -4.67
N ALA A 27 -1.65 -9.49 -4.81
CA ALA A 27 -2.58 -10.16 -5.73
C ALA A 27 -3.47 -9.18 -6.54
N LEU A 28 -3.18 -7.87 -6.53
CA LEU A 28 -4.06 -6.88 -7.15
C LEU A 28 -4.00 -6.87 -8.69
N GLN A 29 -5.03 -6.23 -9.27
CA GLN A 29 -5.42 -6.26 -10.68
C GLN A 29 -4.35 -5.89 -11.72
N TYR A 30 -3.20 -5.31 -11.35
CA TYR A 30 -2.11 -4.94 -12.27
C TYR A 30 -0.75 -4.72 -11.59
N VAL A 31 -0.37 -5.60 -10.66
CA VAL A 31 0.92 -5.54 -9.92
C VAL A 31 1.89 -6.62 -10.40
N SER A 32 3.16 -6.23 -10.52
CA SER A 32 4.27 -7.09 -10.98
C SER A 32 5.19 -7.55 -9.83
N SER A 33 5.39 -6.71 -8.81
CA SER A 33 6.04 -7.06 -7.56
C SER A 33 5.38 -6.31 -6.39
N ILE A 34 5.49 -6.92 -5.22
CA ILE A 34 5.11 -6.35 -3.93
C ILE A 34 6.36 -6.38 -3.08
N VAL A 35 6.46 -5.39 -2.20
CA VAL A 35 7.74 -5.05 -1.57
C VAL A 35 7.50 -4.35 -0.22
N VAL A 36 6.62 -4.90 0.63
CA VAL A 36 6.37 -4.44 2.01
C VAL A 36 7.61 -4.55 2.92
N SER A 37 7.75 -3.61 3.86
CA SER A 37 8.68 -3.63 5.00
C SER A 37 7.84 -3.85 6.26
N LEU A 38 7.96 -5.02 6.90
CA LEU A 38 7.04 -5.45 7.97
C LEU A 38 7.32 -4.85 9.35
N GLU A 39 8.57 -4.45 9.56
CA GLU A 39 9.09 -3.87 10.78
C GLU A 39 8.81 -2.36 10.87
N ASN A 40 8.76 -1.69 9.72
CA ASN A 40 8.30 -0.31 9.57
C ASN A 40 6.86 -0.20 9.09
N ARG A 41 6.48 1.07 9.00
CA ARG A 41 5.23 1.57 8.43
C ARG A 41 5.29 1.62 6.91
N SER A 42 5.75 0.60 6.18
CA SER A 42 6.00 0.76 4.73
C SER A 42 5.47 -0.37 3.85
N ALA A 43 4.66 0.00 2.86
CA ALA A 43 4.26 -0.87 1.76
C ALA A 43 4.77 -0.26 0.46
N ILE A 44 5.76 -0.89 -0.16
CA ILE A 44 6.19 -0.53 -1.52
C ILE A 44 5.58 -1.56 -2.48
N VAL A 45 5.18 -1.11 -3.67
CA VAL A 45 4.56 -1.95 -4.70
C VAL A 45 5.04 -1.51 -6.09
N VAL A 46 5.19 -2.47 -7.01
CA VAL A 46 5.43 -2.24 -8.44
C VAL A 46 4.15 -2.63 -9.19
N TYR A 47 3.57 -1.71 -9.97
CA TYR A 47 2.23 -1.82 -10.57
C TYR A 47 1.96 -0.88 -11.75
N ASN A 48 0.76 -0.92 -12.35
CA ASN A 48 0.39 -0.11 -13.51
C ASN A 48 -0.33 1.20 -13.14
N ALA A 49 0.39 2.33 -13.12
CA ALA A 49 -0.16 3.66 -12.87
C ALA A 49 -0.89 4.23 -14.09
N SER A 50 -1.96 3.55 -14.55
CA SER A 50 -2.74 3.95 -15.74
C SER A 50 -3.58 5.23 -15.56
N SER A 51 -3.47 5.91 -14.41
CA SER A 51 -4.04 7.23 -14.11
C SER A 51 -3.49 7.73 -12.76
N VAL A 52 -3.78 8.99 -12.41
CA VAL A 52 -3.31 9.71 -11.21
C VAL A 52 -4.03 9.24 -9.92
N THR A 53 -4.43 7.97 -9.88
CA THR A 53 -5.17 7.34 -8.79
C THR A 53 -4.40 6.15 -8.21
N PRO A 54 -3.30 6.43 -7.49
CA PRO A 54 -2.56 5.41 -6.75
C PRO A 54 -3.42 4.81 -5.62
N GLU A 55 -4.54 5.45 -5.26
CA GLU A 55 -5.43 4.96 -4.21
C GLU A 55 -6.08 3.62 -4.49
N SER A 56 -6.02 3.12 -5.72
CA SER A 56 -6.39 1.74 -6.08
C SER A 56 -5.73 0.70 -5.16
N LEU A 57 -4.54 1.00 -4.65
CA LEU A 57 -3.79 0.24 -3.66
C LEU A 57 -4.09 0.71 -2.23
N ARG A 58 -4.25 2.02 -1.98
CA ARG A 58 -4.69 2.55 -0.66
C ARG A 58 -5.95 1.81 -0.19
N LYS A 59 -6.88 1.51 -1.11
CA LYS A 59 -8.07 0.67 -0.88
C LYS A 59 -7.81 -0.60 -0.06
N ALA A 60 -6.66 -1.27 -0.21
CA ALA A 60 -6.26 -2.40 0.63
C ALA A 60 -6.08 -2.00 2.10
N ILE A 61 -5.25 -0.98 2.35
CA ILE A 61 -4.92 -0.48 3.69
C ILE A 61 -6.19 0.04 4.39
N GLU A 62 -6.97 0.86 3.68
CA GLU A 62 -8.16 1.54 4.20
C GLU A 62 -9.27 0.54 4.52
N ALA A 63 -9.41 -0.50 3.72
CA ALA A 63 -10.49 -1.48 3.89
C ALA A 63 -10.35 -2.43 5.09
N VAL A 64 -9.14 -2.67 5.59
CA VAL A 64 -8.98 -3.53 6.79
C VAL A 64 -9.15 -2.74 8.10
N SER A 65 -8.96 -1.41 8.09
CA SER A 65 -9.17 -0.53 9.25
C SER A 65 -9.37 0.95 8.84
N PRO A 66 -10.57 1.30 8.34
CA PRO A 66 -10.86 2.65 7.88
C PRO A 66 -10.90 3.61 9.07
N GLY A 67 -10.33 4.80 8.90
CA GLY A 67 -10.20 5.82 9.93
C GLY A 67 -9.08 5.55 10.96
N LEU A 68 -8.43 4.38 10.92
CA LEU A 68 -7.40 3.99 11.88
C LEU A 68 -6.01 4.14 11.27
N TYR A 69 -5.76 3.50 10.13
CA TYR A 69 -4.42 3.41 9.57
C TYR A 69 -4.04 4.72 8.86
N ARG A 70 -3.09 5.46 9.44
CA ARG A 70 -2.54 6.78 9.06
C ARG A 70 -1.82 6.85 7.70
N VAL A 71 -2.26 6.03 6.74
CA VAL A 71 -1.47 5.79 5.54
C VAL A 71 -1.23 7.00 4.64
N SER A 72 0.05 7.27 4.42
CA SER A 72 0.57 8.40 3.65
C SER A 72 1.10 7.95 2.28
N ILE A 73 0.73 8.63 1.19
CA ILE A 73 1.01 8.19 -0.19
C ILE A 73 1.93 9.23 -0.83
N THR A 74 3.05 8.78 -1.41
CA THR A 74 3.98 9.66 -2.13
C THR A 74 3.63 9.72 -3.60
N SER A 75 2.80 10.69 -4.00
CA SER A 75 2.34 10.94 -5.37
C SER A 75 1.66 12.32 -5.45
N GLU A 76 1.64 12.97 -6.63
CA GLU A 76 0.87 14.18 -6.87
C GLU A 76 -0.63 13.87 -6.80
N VAL A 77 -1.31 14.35 -5.76
CA VAL A 77 -2.74 14.19 -5.47
C VAL A 77 -3.21 15.42 -4.70
N ASN A 1 9.52 -1.36 -17.05
CA ASN A 1 8.83 -0.09 -17.29
C ASN A 1 7.67 0.11 -16.28
N ASP A 2 7.61 -0.74 -15.27
CA ASP A 2 6.61 -0.81 -14.21
C ASP A 2 6.69 0.44 -13.30
N SER A 3 5.55 0.89 -12.78
CA SER A 3 5.46 2.05 -11.87
C SER A 3 5.64 1.65 -10.40
N THR A 4 5.72 2.61 -9.46
CA THR A 4 6.08 2.32 -8.05
C THR A 4 5.44 3.31 -7.10
N ALA A 5 5.15 2.83 -5.89
CA ALA A 5 4.62 3.61 -4.77
C ALA A 5 4.96 2.96 -3.43
N THR A 6 4.98 3.84 -2.43
CA THR A 6 5.04 3.55 -1.01
C THR A 6 3.76 4.07 -0.40
N PHE A 7 3.17 3.28 0.50
CA PHE A 7 2.03 3.67 1.30
C PHE A 7 2.46 3.61 2.78
N ILE A 8 2.42 4.76 3.46
CA ILE A 8 2.94 4.94 4.82
C ILE A 8 1.83 4.87 5.85
N ILE A 9 1.78 3.72 6.51
CA ILE A 9 0.68 3.27 7.37
C ILE A 9 0.88 3.75 8.81
N ASP A 10 0.36 4.93 9.14
CA ASP A 10 0.51 5.54 10.48
C ASP A 10 -0.44 4.96 11.55
N GLY A 11 -0.83 3.68 11.39
CA GLY A 11 -1.90 3.02 12.16
C GLY A 11 -1.54 2.71 13.61
N MET A 12 -1.18 1.45 13.87
CA MET A 12 -0.82 0.92 15.19
C MET A 12 0.67 1.15 15.51
N HIS A 13 1.10 0.82 16.73
CA HIS A 13 2.51 0.97 17.12
C HIS A 13 3.39 -0.13 16.50
N CYS A 14 2.91 -1.38 16.48
CA CYS A 14 3.45 -2.42 15.65
C CYS A 14 2.95 -2.10 14.21
N LYS A 15 3.76 -2.30 13.16
CA LYS A 15 3.30 -2.14 11.77
C LYS A 15 3.17 -3.50 11.05
N SER A 16 3.21 -4.59 11.83
CA SER A 16 2.94 -6.00 11.50
C SER A 16 1.69 -6.22 10.64
N CYS A 17 0.71 -5.33 10.80
CA CYS A 17 -0.47 -5.07 10.02
C CYS A 17 -0.25 -5.25 8.50
N VAL A 18 0.93 -4.82 8.06
CA VAL A 18 1.43 -4.94 6.70
C VAL A 18 1.22 -6.31 6.09
N SER A 19 1.45 -7.39 6.84
CA SER A 19 1.43 -8.76 6.29
C SER A 19 0.01 -9.20 5.94
N ASN A 20 -0.94 -8.78 6.78
CA ASN A 20 -2.36 -8.95 6.56
C ASN A 20 -2.83 -8.18 5.31
N ILE A 21 -2.20 -7.03 5.04
CA ILE A 21 -2.42 -6.24 3.82
C ILE A 21 -1.58 -6.72 2.61
N GLU A 22 -0.39 -7.31 2.80
CA GLU A 22 0.59 -7.58 1.73
C GLU A 22 0.01 -8.49 0.66
N SER A 23 -0.62 -9.57 1.12
CA SER A 23 -1.13 -10.59 0.20
C SER A 23 -2.30 -10.06 -0.62
N THR A 24 -3.00 -9.05 -0.08
CA THR A 24 -4.07 -8.34 -0.79
C THR A 24 -3.45 -7.50 -1.90
N LEU A 25 -2.50 -6.62 -1.56
CA LEU A 25 -1.73 -5.77 -2.48
C LEU A 25 -1.09 -6.55 -3.63
N SER A 26 -0.66 -7.77 -3.34
CA SER A 26 0.03 -8.64 -4.28
C SER A 26 -0.77 -9.03 -5.53
N ALA A 27 -2.10 -8.86 -5.50
CA ALA A 27 -2.98 -9.45 -6.52
C ALA A 27 -4.16 -8.56 -6.97
N LEU A 28 -4.21 -7.31 -6.53
CA LEU A 28 -5.38 -6.44 -6.69
C LEU A 28 -5.82 -6.21 -8.14
N GLN A 29 -4.89 -5.75 -8.97
CA GLN A 29 -5.15 -5.21 -10.31
C GLN A 29 -3.83 -5.33 -11.10
N TYR A 30 -3.48 -4.31 -11.89
CA TYR A 30 -2.23 -4.13 -12.64
C TYR A 30 -0.90 -4.11 -11.83
N VAL A 31 -0.69 -5.03 -10.89
CA VAL A 31 0.49 -5.16 -10.02
C VAL A 31 1.48 -6.19 -10.59
N SER A 32 2.79 -5.94 -10.48
CA SER A 32 3.86 -6.84 -10.91
C SER A 32 4.73 -7.29 -9.72
N SER A 33 4.64 -6.61 -8.56
CA SER A 33 5.47 -6.88 -7.40
C SER A 33 4.91 -6.22 -6.14
N ILE A 34 5.27 -6.78 -5.01
CA ILE A 34 4.79 -6.38 -3.68
C ILE A 34 5.98 -6.48 -2.73
N VAL A 35 6.07 -5.50 -1.83
CA VAL A 35 7.32 -5.23 -1.10
C VAL A 35 7.07 -4.52 0.26
N VAL A 36 6.33 -5.22 1.12
CA VAL A 36 5.99 -4.76 2.50
C VAL A 36 7.19 -4.76 3.48
N SER A 37 7.26 -3.75 4.35
CA SER A 37 8.17 -3.60 5.51
C SER A 37 7.33 -3.46 6.79
N LEU A 38 7.63 -4.17 7.89
CA LEU A 38 6.73 -4.29 9.06
C LEU A 38 7.18 -3.58 10.33
N GLU A 39 8.49 -3.46 10.51
CA GLU A 39 9.14 -2.71 11.56
C GLU A 39 8.83 -1.21 11.41
N ASN A 40 9.02 -0.70 10.18
CA ASN A 40 8.58 0.58 9.70
C ASN A 40 7.14 0.44 9.18
N ARG A 41 6.59 1.54 8.64
CA ARG A 41 5.22 1.61 8.14
C ARG A 41 5.13 1.53 6.61
N SER A 42 6.13 0.98 5.95
CA SER A 42 6.26 1.08 4.49
C SER A 42 5.74 -0.14 3.74
N ALA A 43 4.58 0.01 3.13
CA ALA A 43 4.05 -0.94 2.18
C ALA A 43 4.45 -0.47 0.78
N ILE A 44 5.41 -1.13 0.12
CA ILE A 44 5.86 -0.75 -1.23
C ILE A 44 5.29 -1.75 -2.24
N VAL A 45 4.98 -1.27 -3.44
CA VAL A 45 4.34 -2.07 -4.50
C VAL A 45 4.84 -1.61 -5.87
N VAL A 46 4.95 -2.53 -6.83
CA VAL A 46 5.18 -2.24 -8.26
C VAL A 46 3.90 -2.56 -9.04
N TYR A 47 3.48 -1.67 -9.95
CA TYR A 47 2.15 -1.70 -10.58
C TYR A 47 2.04 -0.68 -11.75
N ASN A 48 0.84 -0.40 -12.30
CA ASN A 48 0.68 0.64 -13.33
C ASN A 48 0.28 2.02 -12.74
N ALA A 49 1.02 3.07 -13.09
CA ALA A 49 0.68 4.47 -12.84
C ALA A 49 1.46 5.40 -13.77
N SER A 50 0.77 6.47 -14.16
CA SER A 50 1.10 7.49 -15.17
C SER A 50 -0.11 8.42 -15.29
N SER A 51 -1.28 7.89 -15.66
CA SER A 51 -2.50 8.66 -15.90
C SER A 51 -3.71 7.92 -15.28
N VAL A 52 -3.75 7.80 -13.95
CA VAL A 52 -4.68 6.95 -13.19
C VAL A 52 -4.61 7.30 -11.70
N THR A 53 -5.53 6.81 -10.88
CA THR A 53 -5.49 6.88 -9.40
C THR A 53 -4.73 5.67 -8.82
N PRO A 54 -3.46 5.83 -8.40
CA PRO A 54 -2.65 4.75 -7.83
C PRO A 54 -3.15 4.33 -6.44
N GLU A 55 -3.91 5.18 -5.76
CA GLU A 55 -4.49 4.91 -4.44
C GLU A 55 -5.58 3.82 -4.44
N SER A 56 -5.82 3.21 -5.58
CA SER A 56 -6.61 1.97 -5.75
C SER A 56 -6.11 0.86 -4.81
N LEU A 57 -4.79 0.81 -4.64
CA LEU A 57 -4.05 -0.07 -3.73
C LEU A 57 -4.31 0.27 -2.26
N ARG A 58 -4.48 1.56 -1.96
CA ARG A 58 -4.68 2.07 -0.59
C ARG A 58 -5.86 1.39 0.09
N LYS A 59 -6.94 1.12 -0.66
CA LYS A 59 -8.13 0.49 -0.11
C LYS A 59 -7.81 -0.83 0.63
N ALA A 60 -6.79 -1.59 0.20
CA ALA A 60 -6.34 -2.82 0.85
C ALA A 60 -5.85 -2.61 2.29
N ILE A 61 -5.20 -1.47 2.53
CA ILE A 61 -4.86 -0.98 3.88
C ILE A 61 -6.13 -0.55 4.60
N GLU A 62 -6.94 0.29 3.94
CA GLU A 62 -8.05 0.99 4.59
C GLU A 62 -9.11 0.01 5.08
N ALA A 63 -9.51 -0.93 4.22
CA ALA A 63 -10.67 -1.79 4.43
C ALA A 63 -10.53 -2.81 5.56
N VAL A 64 -9.32 -2.97 6.11
CA VAL A 64 -9.04 -3.89 7.23
C VAL A 64 -8.87 -3.16 8.58
N SER A 65 -8.83 -1.83 8.60
CA SER A 65 -8.86 -0.98 9.81
C SER A 65 -9.16 0.49 9.45
N PRO A 66 -10.40 0.79 9.00
CA PRO A 66 -10.79 2.11 8.54
C PRO A 66 -10.86 3.06 9.74
N GLY A 67 -10.35 4.29 9.56
CA GLY A 67 -10.22 5.30 10.62
C GLY A 67 -9.01 5.08 11.55
N LEU A 68 -8.44 3.88 11.59
CA LEU A 68 -7.21 3.58 12.34
C LEU A 68 -5.98 3.84 11.48
N TYR A 69 -5.91 3.21 10.30
CA TYR A 69 -4.71 3.26 9.46
C TYR A 69 -4.66 4.55 8.63
N ARG A 70 -3.97 5.56 9.19
CA ARG A 70 -3.75 6.92 8.66
C ARG A 70 -2.82 6.96 7.44
N VAL A 71 -3.06 6.09 6.47
CA VAL A 71 -2.09 5.78 5.42
C VAL A 71 -1.91 6.86 4.33
N SER A 72 -0.66 7.31 4.21
CA SER A 72 -0.20 8.45 3.39
C SER A 72 0.66 7.96 2.20
N ILE A 73 0.26 8.34 0.98
CA ILE A 73 0.71 7.69 -0.26
C ILE A 73 1.65 8.56 -1.09
N THR A 74 2.74 7.95 -1.56
CA THR A 74 3.69 8.56 -2.50
C THR A 74 3.40 8.08 -3.91
N SER A 75 3.19 9.00 -4.83
CA SER A 75 2.97 8.73 -6.26
C SER A 75 2.80 10.02 -7.04
N GLU A 76 3.38 10.11 -8.24
CA GLU A 76 3.29 11.28 -9.09
C GLU A 76 1.91 11.35 -9.78
N VAL A 77 1.02 12.16 -9.20
CA VAL A 77 -0.31 12.54 -9.71
C VAL A 77 -0.96 13.62 -8.83
N ASN A 1 10.13 -0.24 -17.36
CA ASN A 1 9.64 1.10 -16.96
C ASN A 1 8.27 1.05 -16.23
N ASP A 2 8.12 0.16 -15.24
CA ASP A 2 6.97 0.13 -14.32
C ASP A 2 6.97 1.33 -13.36
N SER A 3 5.88 1.49 -12.61
CA SER A 3 5.74 2.45 -11.52
C SER A 3 6.08 1.79 -10.17
N THR A 4 6.17 2.60 -9.12
CA THR A 4 6.34 2.14 -7.74
C THR A 4 5.61 3.10 -6.83
N ALA A 5 4.90 2.55 -5.85
CA ALA A 5 4.22 3.31 -4.79
C ALA A 5 4.63 2.78 -3.43
N THR A 6 4.69 3.72 -2.48
CA THR A 6 4.83 3.47 -1.05
C THR A 6 3.60 4.02 -0.36
N PHE A 7 3.11 3.27 0.61
CA PHE A 7 2.02 3.61 1.50
C PHE A 7 2.54 3.43 2.94
N ILE A 8 2.66 4.50 3.71
CA ILE A 8 3.27 4.48 5.07
C ILE A 8 2.22 4.61 6.16
N ILE A 9 2.18 3.69 7.11
CA ILE A 9 1.09 3.54 8.06
C ILE A 9 1.56 3.72 9.50
N ASP A 10 1.45 4.96 9.99
CA ASP A 10 1.63 5.30 11.41
C ASP A 10 0.38 4.88 12.26
N GLY A 11 -0.31 3.81 11.83
CA GLY A 11 -1.64 3.43 12.30
C GLY A 11 -1.76 2.40 13.41
N MET A 12 -0.65 1.81 13.85
CA MET A 12 -0.69 0.63 14.72
C MET A 12 0.65 0.41 15.45
N HIS A 13 0.61 -0.32 16.55
CA HIS A 13 1.75 -0.47 17.48
C HIS A 13 2.86 -1.36 16.87
N CYS A 14 2.63 -2.67 16.71
CA CYS A 14 3.47 -3.50 15.88
C CYS A 14 2.98 -3.25 14.45
N LYS A 15 3.87 -2.87 13.52
CA LYS A 15 3.41 -2.59 12.15
C LYS A 15 3.24 -3.87 11.30
N SER A 16 3.33 -5.06 11.94
CA SER A 16 3.02 -6.42 11.46
C SER A 16 1.85 -6.49 10.46
N CYS A 17 0.78 -5.77 10.81
CA CYS A 17 -0.41 -5.39 10.08
C CYS A 17 -0.20 -5.07 8.58
N VAL A 18 0.96 -4.53 8.21
CA VAL A 18 1.39 -4.32 6.81
C VAL A 18 1.24 -5.59 5.96
N SER A 19 1.49 -6.77 6.52
CA SER A 19 1.46 -8.03 5.77
C SER A 19 0.05 -8.55 5.49
N ASN A 20 -0.93 -8.23 6.36
CA ASN A 20 -2.36 -8.41 6.04
C ASN A 20 -2.69 -7.64 4.74
N ILE A 21 -2.14 -6.43 4.67
CA ILE A 21 -2.18 -5.60 3.45
C ILE A 21 -1.37 -6.21 2.29
N GLU A 22 -0.18 -6.78 2.52
CA GLU A 22 0.72 -7.31 1.47
C GLU A 22 -0.02 -8.30 0.56
N SER A 23 -0.68 -9.28 1.17
CA SER A 23 -1.39 -10.32 0.42
C SER A 23 -2.50 -9.72 -0.44
N THR A 24 -3.12 -8.63 0.02
CA THR A 24 -4.21 -7.94 -0.69
C THR A 24 -3.63 -7.20 -1.91
N LEU A 25 -2.56 -6.42 -1.69
CA LEU A 25 -1.81 -5.69 -2.72
C LEU A 25 -1.25 -6.60 -3.80
N SER A 26 -0.83 -7.79 -3.42
CA SER A 26 -0.28 -8.81 -4.32
C SER A 26 -1.24 -9.27 -5.45
N ALA A 27 -2.54 -9.00 -5.28
CA ALA A 27 -3.60 -9.54 -6.14
C ALA A 27 -4.27 -8.49 -7.05
N LEU A 28 -3.89 -7.21 -6.94
CA LEU A 28 -4.61 -6.07 -7.54
C LEU A 28 -4.46 -5.89 -9.06
N GLN A 29 -4.11 -6.95 -9.78
CA GLN A 29 -4.11 -7.07 -11.25
C GLN A 29 -2.96 -6.30 -11.91
N TYR A 30 -3.02 -4.96 -11.99
CA TYR A 30 -2.03 -4.15 -12.71
C TYR A 30 -0.71 -3.92 -11.94
N VAL A 31 -0.24 -4.97 -11.26
CA VAL A 31 0.91 -5.03 -10.32
C VAL A 31 1.93 -6.06 -10.84
N SER A 32 3.23 -5.74 -10.71
CA SER A 32 4.34 -6.60 -11.12
C SER A 32 5.22 -6.98 -9.94
N SER A 33 5.05 -6.34 -8.78
CA SER A 33 5.80 -6.66 -7.57
C SER A 33 5.14 -6.07 -6.32
N ILE A 34 5.48 -6.62 -5.16
CA ILE A 34 4.86 -6.34 -3.87
C ILE A 34 5.97 -6.48 -2.82
N VAL A 35 6.02 -5.54 -1.85
CA VAL A 35 7.26 -5.30 -1.09
C VAL A 35 7.12 -4.61 0.29
N VAL A 36 6.15 -5.02 1.11
CA VAL A 36 5.89 -4.37 2.44
C VAL A 36 7.05 -4.46 3.48
N SER A 37 6.99 -3.65 4.54
CA SER A 37 8.03 -3.43 5.59
C SER A 37 7.37 -3.24 6.97
N LEU A 38 7.44 -4.24 7.85
CA LEU A 38 6.66 -4.30 9.10
C LEU A 38 7.38 -3.80 10.34
N GLU A 39 8.69 -4.03 10.39
CA GLU A 39 9.60 -3.47 11.36
C GLU A 39 9.50 -1.92 11.36
N ASN A 40 9.27 -1.33 10.19
CA ASN A 40 9.01 0.07 9.94
C ASN A 40 7.52 0.37 10.07
N ARG A 41 6.81 0.49 8.95
CA ARG A 41 5.44 0.96 8.79
C ARG A 41 5.08 1.07 7.30
N SER A 42 5.75 0.34 6.43
CA SER A 42 5.64 0.56 5.00
C SER A 42 4.91 -0.57 4.31
N ALA A 43 4.19 -0.24 3.23
CA ALA A 43 3.69 -1.21 2.29
C ALA A 43 4.05 -0.66 0.91
N ILE A 44 4.82 -1.41 0.11
CA ILE A 44 5.42 -0.92 -1.13
C ILE A 44 5.05 -1.87 -2.26
N VAL A 45 4.88 -1.35 -3.47
CA VAL A 45 4.36 -2.10 -4.62
C VAL A 45 4.92 -1.58 -5.94
N VAL A 46 5.20 -2.48 -6.91
CA VAL A 46 5.45 -2.11 -8.32
C VAL A 46 4.16 -2.41 -9.07
N TYR A 47 3.73 -1.46 -9.89
CA TYR A 47 2.45 -1.47 -10.61
C TYR A 47 2.54 -0.51 -11.81
N ASN A 48 1.45 -0.12 -12.47
CA ASN A 48 1.52 0.86 -13.57
C ASN A 48 0.81 2.18 -13.20
N ALA A 49 1.40 3.33 -13.57
CA ALA A 49 0.89 4.68 -13.32
C ALA A 49 1.30 5.57 -14.49
N SER A 50 0.39 6.40 -14.97
CA SER A 50 0.44 7.18 -16.23
C SER A 50 -0.89 7.91 -16.55
N SER A 51 -1.76 8.13 -15.55
CA SER A 51 -3.17 8.59 -15.57
C SER A 51 -4.14 7.46 -15.14
N VAL A 52 -3.82 6.71 -14.09
CA VAL A 52 -4.65 5.62 -13.53
C VAL A 52 -4.68 5.71 -11.99
N THR A 53 -5.59 4.97 -11.34
CA THR A 53 -5.93 5.14 -9.92
C THR A 53 -5.23 4.20 -8.93
N PRO A 54 -4.10 4.61 -8.30
CA PRO A 54 -3.47 3.87 -7.19
C PRO A 54 -4.34 3.87 -5.93
N GLU A 55 -5.46 4.62 -5.92
CA GLU A 55 -6.55 4.54 -4.94
C GLU A 55 -6.99 3.09 -4.68
N SER A 56 -6.86 2.25 -5.71
CA SER A 56 -6.95 0.80 -5.68
C SER A 56 -6.15 0.15 -4.54
N LEU A 57 -4.83 0.36 -4.56
CA LEU A 57 -3.86 -0.19 -3.61
C LEU A 57 -4.10 0.43 -2.23
N ARG A 58 -4.28 1.75 -2.21
CA ARG A 58 -4.58 2.55 -1.01
C ARG A 58 -5.71 1.90 -0.20
N LYS A 59 -6.86 1.64 -0.84
CA LYS A 59 -8.02 0.96 -0.23
C LYS A 59 -7.70 -0.35 0.50
N ALA A 60 -6.72 -1.13 0.06
CA ALA A 60 -6.26 -2.33 0.77
C ALA A 60 -5.83 -2.04 2.20
N ILE A 61 -5.21 -0.87 2.44
CA ILE A 61 -4.88 -0.41 3.79
C ILE A 61 -6.14 0.08 4.50
N GLU A 62 -6.95 0.86 3.81
CA GLU A 62 -8.04 1.57 4.48
C GLU A 62 -9.11 0.60 4.98
N ALA A 63 -9.43 -0.41 4.16
CA ALA A 63 -10.57 -1.30 4.37
C ALA A 63 -10.45 -2.21 5.59
N VAL A 64 -9.24 -2.38 6.12
CA VAL A 64 -8.99 -3.17 7.35
C VAL A 64 -9.05 -2.31 8.63
N SER A 65 -8.94 -0.99 8.55
CA SER A 65 -9.07 -0.08 9.72
C SER A 65 -9.29 1.40 9.31
N PRO A 66 -10.46 1.72 8.73
CA PRO A 66 -10.72 3.03 8.14
C PRO A 66 -10.86 4.10 9.23
N GLY A 67 -10.14 5.21 9.06
CA GLY A 67 -10.06 6.30 10.05
C GLY A 67 -9.07 6.06 11.19
N LEU A 68 -8.56 4.83 11.33
CA LEU A 68 -7.55 4.47 12.33
C LEU A 68 -6.15 4.61 11.73
N TYR A 69 -5.91 3.95 10.60
CA TYR A 69 -4.57 3.83 10.03
C TYR A 69 -4.11 5.16 9.42
N ARG A 70 -3.02 5.72 9.95
CA ARG A 70 -2.49 7.05 9.61
C ARG A 70 -1.69 7.01 8.28
N VAL A 71 -2.31 6.52 7.21
CA VAL A 71 -1.59 6.21 5.96
C VAL A 71 -1.15 7.45 5.21
N SER A 72 0.08 7.37 4.75
CA SER A 72 0.69 8.33 3.87
C SER A 72 1.10 7.69 2.54
N ILE A 73 0.24 7.89 1.55
CA ILE A 73 0.40 7.44 0.16
C ILE A 73 1.08 8.48 -0.74
N THR A 74 1.98 7.98 -1.61
CA THR A 74 2.54 8.68 -2.77
C THR A 74 1.76 8.17 -3.99
N SER A 75 1.25 9.05 -4.85
CA SER A 75 0.30 8.67 -5.90
C SER A 75 0.24 9.60 -7.13
N GLU A 76 -0.64 9.25 -8.08
CA GLU A 76 -1.13 10.14 -9.12
C GLU A 76 -2.28 10.95 -8.46
N VAL A 77 -2.82 11.96 -9.15
CA VAL A 77 -3.81 12.90 -8.62
C VAL A 77 -4.79 13.26 -9.75
N ASN A 1 7.82 -1.86 -18.25
CA ASN A 1 7.77 -0.58 -17.54
C ASN A 1 6.68 -0.59 -16.45
N ASP A 2 6.98 -1.20 -15.31
CA ASP A 2 6.18 -1.05 -14.10
C ASP A 2 6.41 0.32 -13.46
N SER A 3 5.53 0.70 -12.54
CA SER A 3 5.71 1.89 -11.71
C SER A 3 6.16 1.53 -10.28
N THR A 4 6.21 2.53 -9.40
CA THR A 4 6.58 2.34 -7.99
C THR A 4 5.83 3.33 -7.11
N ALA A 5 5.33 2.83 -5.99
CA ALA A 5 4.75 3.63 -4.92
C ALA A 5 5.09 3.04 -3.55
N THR A 6 5.18 3.95 -2.58
CA THR A 6 5.27 3.69 -1.14
C THR A 6 4.06 4.29 -0.49
N PHE A 7 3.49 3.52 0.43
CA PHE A 7 2.36 3.84 1.26
C PHE A 7 2.83 3.71 2.71
N ILE A 8 2.69 4.79 3.47
CA ILE A 8 3.22 4.89 4.85
C ILE A 8 2.08 4.77 5.85
N ILE A 9 2.12 3.69 6.62
CA ILE A 9 0.99 3.25 7.46
C ILE A 9 1.31 3.49 8.93
N ASP A 10 0.76 4.56 9.49
CA ASP A 10 0.77 4.80 10.92
C ASP A 10 -0.49 4.19 11.57
N GLY A 11 -0.32 3.44 12.66
CA GLY A 11 -1.40 2.80 13.42
C GLY A 11 -0.86 2.07 14.64
N MET A 12 -1.25 0.80 14.81
CA MET A 12 -0.66 -0.11 15.81
C MET A 12 0.88 -0.09 15.73
N HIS A 13 1.53 0.21 16.86
CA HIS A 13 2.96 0.53 16.97
C HIS A 13 3.96 -0.55 16.50
N CYS A 14 3.52 -1.81 16.37
CA CYS A 14 4.27 -2.89 15.78
C CYS A 14 4.42 -2.75 14.24
N LYS A 15 3.44 -2.15 13.56
CA LYS A 15 3.26 -2.07 12.09
C LYS A 15 3.23 -3.45 11.37
N SER A 16 3.33 -4.58 12.08
CA SER A 16 3.17 -5.96 11.55
C SER A 16 1.86 -6.19 10.76
N CYS A 17 0.91 -5.27 10.93
CA CYS A 17 -0.27 -5.02 10.14
C CYS A 17 -0.02 -5.13 8.62
N VAL A 18 1.21 -4.76 8.22
CA VAL A 18 1.69 -4.80 6.84
C VAL A 18 1.33 -6.09 6.10
N SER A 19 1.57 -7.26 6.68
CA SER A 19 1.45 -8.53 5.94
C SER A 19 -0.02 -8.89 5.67
N ASN A 20 -0.89 -8.53 6.62
CA ASN A 20 -2.34 -8.60 6.45
C ASN A 20 -2.76 -7.85 5.17
N ILE A 21 -2.23 -6.64 4.96
CA ILE A 21 -2.47 -5.87 3.73
C ILE A 21 -1.58 -6.27 2.53
N GLU A 22 -0.35 -6.78 2.71
CA GLU A 22 0.55 -7.08 1.58
C GLU A 22 -0.08 -8.11 0.64
N SER A 23 -0.78 -9.11 1.20
CA SER A 23 -1.45 -10.12 0.36
C SER A 23 -2.47 -9.51 -0.59
N THR A 24 -3.13 -8.42 -0.17
CA THR A 24 -4.10 -7.67 -0.98
C THR A 24 -3.34 -6.86 -2.04
N LEU A 25 -2.35 -6.08 -1.60
CA LEU A 25 -1.47 -5.28 -2.46
C LEU A 25 -0.75 -6.12 -3.52
N SER A 26 -0.48 -7.38 -3.22
CA SER A 26 0.14 -8.35 -4.11
C SER A 26 -0.83 -9.07 -5.06
N ALA A 27 -2.12 -8.74 -5.05
CA ALA A 27 -3.15 -9.46 -5.81
C ALA A 27 -4.07 -8.58 -6.66
N LEU A 28 -3.93 -7.26 -6.59
CA LEU A 28 -4.88 -6.29 -7.17
C LEU A 28 -4.68 -6.00 -8.67
N GLN A 29 -5.76 -5.56 -9.31
CA GLN A 29 -5.97 -4.97 -10.65
C GLN A 29 -4.99 -5.23 -11.80
N TYR A 30 -3.69 -5.09 -11.57
CA TYR A 30 -2.60 -5.03 -12.56
C TYR A 30 -1.19 -5.12 -11.94
N VAL A 31 -1.06 -5.57 -10.68
CA VAL A 31 0.18 -5.46 -9.89
C VAL A 31 1.14 -6.64 -10.11
N SER A 32 2.44 -6.36 -10.08
CA SER A 32 3.53 -7.26 -10.48
C SER A 32 4.42 -7.74 -9.32
N SER A 33 4.76 -6.86 -8.37
CA SER A 33 5.45 -7.22 -7.12
C SER A 33 4.90 -6.39 -5.97
N ILE A 34 5.05 -6.95 -4.79
CA ILE A 34 4.79 -6.32 -3.49
C ILE A 34 6.06 -6.41 -2.70
N VAL A 35 6.27 -5.41 -1.85
CA VAL A 35 7.58 -5.14 -1.28
C VAL A 35 7.42 -4.40 0.07
N VAL A 36 6.57 -4.96 0.96
CA VAL A 36 6.33 -4.52 2.36
C VAL A 36 7.62 -4.60 3.24
N SER A 37 7.66 -3.83 4.34
CA SER A 37 8.66 -3.93 5.44
C SER A 37 7.93 -3.62 6.76
N LEU A 38 8.06 -4.50 7.78
CA LEU A 38 7.12 -4.53 8.92
C LEU A 38 7.47 -3.75 10.19
N GLU A 39 8.72 -3.81 10.65
CA GLU A 39 9.20 -3.08 11.82
C GLU A 39 9.19 -1.56 11.58
N ASN A 40 9.31 -1.20 10.31
CA ASN A 40 9.14 0.11 9.71
C ASN A 40 7.67 0.56 9.74
N ARG A 41 7.29 1.39 8.78
CA ARG A 41 5.91 1.83 8.55
C ARG A 41 5.58 1.81 7.06
N SER A 42 6.28 0.97 6.28
CA SER A 42 6.30 1.08 4.82
C SER A 42 5.80 -0.14 4.07
N ALA A 43 4.80 0.11 3.23
CA ALA A 43 4.31 -0.82 2.23
C ALA A 43 4.73 -0.27 0.85
N ILE A 44 5.59 -0.99 0.13
CA ILE A 44 6.06 -0.60 -1.21
C ILE A 44 5.51 -1.63 -2.21
N VAL A 45 5.20 -1.21 -3.44
CA VAL A 45 4.54 -2.06 -4.46
C VAL A 45 5.00 -1.65 -5.88
N VAL A 46 5.08 -2.62 -6.81
CA VAL A 46 5.41 -2.44 -8.24
C VAL A 46 4.18 -2.83 -9.07
N TYR A 47 3.55 -1.86 -9.74
CA TYR A 47 2.22 -1.96 -10.38
C TYR A 47 2.06 -1.05 -11.63
N ASN A 48 0.87 -1.04 -12.26
CA ASN A 48 0.65 -0.38 -13.55
C ASN A 48 0.06 1.05 -13.43
N ALA A 49 0.91 2.09 -13.45
CA ALA A 49 0.49 3.49 -13.42
C ALA A 49 -0.02 3.98 -14.79
N SER A 50 -1.10 3.38 -15.27
CA SER A 50 -1.79 3.81 -16.50
C SER A 50 -2.68 5.06 -16.29
N SER A 51 -2.84 5.56 -15.07
CA SER A 51 -3.53 6.81 -14.76
C SER A 51 -3.19 7.29 -13.33
N VAL A 52 -3.62 8.51 -12.98
CA VAL A 52 -3.25 9.28 -11.78
C VAL A 52 -4.02 8.85 -10.51
N THR A 53 -4.06 7.53 -10.25
CA THR A 53 -4.63 6.98 -9.01
C THR A 53 -3.74 5.90 -8.42
N PRO A 54 -2.59 6.29 -7.83
CA PRO A 54 -1.78 5.39 -7.01
C PRO A 54 -2.57 4.99 -5.75
N GLU A 55 -3.58 5.76 -5.35
CA GLU A 55 -4.53 5.41 -4.28
C GLU A 55 -5.37 4.15 -4.59
N SER A 56 -5.28 3.62 -5.81
CA SER A 56 -5.79 2.32 -6.22
C SER A 56 -5.44 1.20 -5.24
N LEU A 57 -4.18 1.20 -4.79
CA LEU A 57 -3.59 0.29 -3.82
C LEU A 57 -3.97 0.69 -2.39
N ARG A 58 -4.10 1.99 -2.12
CA ARG A 58 -4.48 2.54 -0.79
C ARG A 58 -5.78 1.91 -0.28
N LYS A 59 -6.76 1.75 -1.18
CA LYS A 59 -8.00 0.99 -0.96
C LYS A 59 -7.83 -0.32 -0.15
N ALA A 60 -6.73 -1.05 -0.35
CA ALA A 60 -6.42 -2.29 0.37
C ALA A 60 -6.36 -2.12 1.90
N ILE A 61 -5.77 -1.02 2.38
CA ILE A 61 -5.78 -0.67 3.81
C ILE A 61 -7.22 -0.36 4.24
N GLU A 62 -7.92 0.46 3.45
CA GLU A 62 -9.22 1.03 3.83
C GLU A 62 -10.27 -0.04 4.03
N ALA A 63 -10.16 -1.13 3.26
CA ALA A 63 -11.07 -2.25 3.34
C ALA A 63 -10.78 -3.24 4.47
N VAL A 64 -9.59 -3.24 5.08
CA VAL A 64 -9.36 -4.00 6.33
C VAL A 64 -9.76 -3.18 7.56
N SER A 65 -9.56 -1.85 7.55
CA SER A 65 -9.86 -1.02 8.72
C SER A 65 -10.05 0.46 8.35
N PRO A 66 -11.24 0.84 7.83
CA PRO A 66 -11.51 2.21 7.41
C PRO A 66 -11.49 3.13 8.62
N GLY A 67 -10.73 4.23 8.52
CA GLY A 67 -10.57 5.22 9.57
C GLY A 67 -9.60 4.83 10.69
N LEU A 68 -8.97 3.65 10.63
CA LEU A 68 -7.97 3.23 11.62
C LEU A 68 -6.59 3.79 11.26
N TYR A 69 -5.99 3.26 10.19
CA TYR A 69 -4.60 3.56 9.87
C TYR A 69 -4.44 4.91 9.17
N ARG A 70 -3.57 5.75 9.71
CA ARG A 70 -3.08 6.97 9.09
C ARG A 70 -2.11 6.61 7.94
N VAL A 71 -2.66 6.05 6.87
CA VAL A 71 -1.95 5.87 5.60
C VAL A 71 -1.60 7.22 5.01
N SER A 72 -0.39 7.27 4.47
CA SER A 72 0.18 8.43 3.76
C SER A 72 0.79 8.00 2.43
N ILE A 73 0.25 8.52 1.33
CA ILE A 73 0.57 8.07 -0.05
C ILE A 73 1.21 9.23 -0.79
N THR A 74 2.37 8.99 -1.41
CA THR A 74 2.97 9.98 -2.32
C THR A 74 2.27 9.95 -3.67
N SER A 75 1.36 10.88 -3.90
CA SER A 75 0.64 11.05 -5.18
C SER A 75 1.12 12.31 -5.93
N GLU A 76 1.28 12.17 -7.24
CA GLU A 76 1.70 13.18 -8.23
C GLU A 76 0.59 14.22 -8.53
N VAL A 77 0.09 14.88 -7.48
CA VAL A 77 -1.09 15.76 -7.50
C VAL A 77 -0.83 17.03 -6.70
N ASN A 1 6.87 -1.86 -17.94
CA ASN A 1 5.51 -1.32 -18.09
C ASN A 1 4.86 -1.26 -16.69
N ASP A 2 5.49 -0.47 -15.82
CA ASP A 2 5.26 -0.44 -14.39
C ASP A 2 5.31 0.97 -13.79
N SER A 3 4.84 1.02 -12.56
CA SER A 3 4.94 2.11 -11.61
C SER A 3 5.39 1.53 -10.27
N THR A 4 5.95 2.38 -9.41
CA THR A 4 6.24 2.07 -8.01
C THR A 4 5.70 3.19 -7.16
N ALA A 5 5.06 2.81 -6.06
CA ALA A 5 4.53 3.74 -5.06
C ALA A 5 4.90 3.27 -3.66
N THR A 6 4.92 4.28 -2.77
CA THR A 6 5.06 4.15 -1.33
C THR A 6 3.75 4.53 -0.67
N PHE A 7 3.35 3.71 0.30
CA PHE A 7 2.28 3.98 1.24
C PHE A 7 2.86 3.76 2.65
N ILE A 8 2.80 4.77 3.52
CA ILE A 8 3.37 4.72 4.88
C ILE A 8 2.28 4.69 5.94
N ILE A 9 2.24 3.66 6.80
CA ILE A 9 1.11 3.35 7.69
C ILE A 9 1.51 3.36 9.16
N ASP A 10 1.01 4.32 9.93
CA ASP A 10 1.28 4.41 11.39
C ASP A 10 0.17 3.84 12.29
N GLY A 11 -0.95 3.44 11.70
CA GLY A 11 -2.24 3.09 12.34
C GLY A 11 -2.19 2.44 13.73
N MET A 12 -1.53 1.30 13.85
CA MET A 12 -1.48 0.47 15.06
C MET A 12 -0.15 0.55 15.84
N HIS A 13 0.79 1.41 15.45
CA HIS A 13 2.10 1.63 16.11
C HIS A 13 3.11 0.45 15.97
N CYS A 14 2.66 -0.80 15.88
CA CYS A 14 3.48 -2.00 15.71
C CYS A 14 3.82 -2.28 14.22
N LYS A 15 2.83 -2.13 13.34
CA LYS A 15 2.87 -2.24 11.88
C LYS A 15 3.00 -3.66 11.30
N SER A 16 3.01 -4.74 12.08
CA SER A 16 2.90 -6.12 11.55
C SER A 16 1.68 -6.32 10.61
N CYS A 17 0.68 -5.45 10.74
CA CYS A 17 -0.45 -5.19 9.89
C CYS A 17 -0.15 -5.26 8.37
N VAL A 18 1.08 -4.86 8.00
CA VAL A 18 1.56 -4.82 6.62
C VAL A 18 1.31 -6.10 5.82
N SER A 19 1.68 -7.27 6.33
CA SER A 19 1.70 -8.52 5.56
C SER A 19 0.29 -9.03 5.28
N ASN A 20 -0.61 -8.78 6.26
CA ASN A 20 -2.06 -8.96 6.14
C ASN A 20 -2.58 -8.20 4.90
N ILE A 21 -2.16 -6.95 4.74
CA ILE A 21 -2.47 -6.12 3.57
C ILE A 21 -1.75 -6.59 2.30
N GLU A 22 -0.46 -6.94 2.38
CA GLU A 22 0.37 -7.29 1.23
C GLU A 22 -0.17 -8.54 0.52
N SER A 23 -0.72 -9.47 1.29
CA SER A 23 -1.45 -10.62 0.75
C SER A 23 -2.64 -10.24 -0.14
N THR A 24 -3.32 -9.13 0.15
CA THR A 24 -4.38 -8.57 -0.69
C THR A 24 -3.78 -7.89 -1.90
N LEU A 25 -2.83 -6.97 -1.68
CA LEU A 25 -2.18 -6.14 -2.72
C LEU A 25 -1.51 -6.95 -3.82
N SER A 26 -0.76 -7.98 -3.45
CA SER A 26 0.07 -8.74 -4.37
C SER A 26 -0.70 -9.61 -5.37
N ALA A 27 -2.04 -9.51 -5.37
CA ALA A 27 -2.94 -10.28 -6.21
C ALA A 27 -3.93 -9.42 -7.03
N LEU A 28 -3.88 -8.08 -6.96
CA LEU A 28 -4.94 -7.21 -7.50
C LEU A 28 -4.92 -7.05 -9.05
N GLN A 29 -4.32 -8.00 -9.77
CA GLN A 29 -4.26 -8.10 -11.25
C GLN A 29 -3.24 -7.12 -11.83
N TYR A 30 -3.47 -5.82 -11.73
CA TYR A 30 -2.62 -4.76 -12.31
C TYR A 30 -1.30 -4.52 -11.54
N VAL A 31 -0.74 -5.57 -10.93
CA VAL A 31 0.38 -5.56 -9.98
C VAL A 31 1.28 -6.78 -10.20
N SER A 32 2.60 -6.55 -10.20
CA SER A 32 3.61 -7.58 -10.49
C SER A 32 4.44 -7.95 -9.27
N SER A 33 4.36 -7.14 -8.21
CA SER A 33 5.25 -7.25 -7.08
C SER A 33 4.72 -6.47 -5.88
N ILE A 34 5.17 -6.91 -4.71
CA ILE A 34 4.81 -6.39 -3.41
C ILE A 34 6.10 -6.47 -2.60
N VAL A 35 6.28 -5.47 -1.76
CA VAL A 35 7.58 -5.16 -1.16
C VAL A 35 7.37 -4.37 0.14
N VAL A 36 6.58 -4.94 1.04
CA VAL A 36 6.24 -4.40 2.38
C VAL A 36 7.47 -4.33 3.33
N SER A 37 7.40 -3.55 4.42
CA SER A 37 8.40 -3.44 5.50
C SER A 37 7.66 -3.17 6.82
N LEU A 38 7.69 -4.12 7.78
CA LEU A 38 6.81 -4.13 8.95
C LEU A 38 7.33 -3.30 10.12
N GLU A 39 8.55 -3.55 10.52
CA GLU A 39 9.30 -2.86 11.56
C GLU A 39 9.30 -1.34 11.37
N ASN A 40 9.30 -0.93 10.10
CA ASN A 40 9.26 0.45 9.65
C ASN A 40 7.83 0.94 9.83
N ARG A 41 7.04 0.84 8.76
CA ARG A 41 5.66 1.28 8.51
C ARG A 41 5.37 1.35 7.01
N SER A 42 5.98 0.49 6.19
CA SER A 42 5.99 0.75 4.74
C SER A 42 5.35 -0.35 3.90
N ALA A 43 4.67 0.08 2.84
CA ALA A 43 4.19 -0.80 1.78
C ALA A 43 4.68 -0.22 0.44
N ILE A 44 5.62 -0.92 -0.20
CA ILE A 44 6.07 -0.64 -1.56
C ILE A 44 5.51 -1.75 -2.47
N VAL A 45 5.17 -1.41 -3.72
CA VAL A 45 4.42 -2.28 -4.65
C VAL A 45 4.82 -1.94 -6.11
N VAL A 46 4.86 -2.93 -7.02
CA VAL A 46 4.95 -2.71 -8.48
C VAL A 46 3.55 -2.88 -9.07
N TYR A 47 3.08 -1.89 -9.82
CA TYR A 47 1.70 -1.84 -10.34
C TYR A 47 1.55 -0.94 -11.57
N ASN A 48 0.33 -0.79 -12.10
CA ASN A 48 0.03 0.03 -13.28
C ASN A 48 -0.36 1.45 -12.88
N ALA A 49 0.20 2.46 -13.55
CA ALA A 49 -0.21 3.85 -13.41
C ALA A 49 -0.53 4.44 -14.79
N SER A 50 -1.81 4.43 -15.17
CA SER A 50 -2.26 5.15 -16.38
C SER A 50 -2.21 6.68 -16.17
N SER A 51 -2.07 7.10 -14.91
CA SER A 51 -1.77 8.43 -14.42
C SER A 51 -1.42 8.29 -12.91
N VAL A 52 -1.19 9.41 -12.22
CA VAL A 52 -0.87 9.47 -10.78
C VAL A 52 -2.12 9.20 -9.91
N THR A 53 -2.64 7.97 -9.99
CA THR A 53 -3.67 7.45 -9.07
C THR A 53 -3.18 6.28 -8.25
N PRO A 54 -2.30 6.52 -7.26
CA PRO A 54 -1.82 5.49 -6.35
C PRO A 54 -2.91 4.99 -5.39
N GLU A 55 -4.05 5.68 -5.25
CA GLU A 55 -5.15 5.24 -4.40
C GLU A 55 -5.76 3.90 -4.77
N SER A 56 -5.40 3.30 -5.91
CA SER A 56 -5.72 1.93 -6.28
C SER A 56 -5.46 0.97 -5.11
N LEU A 57 -4.22 0.97 -4.60
CA LEU A 57 -3.78 0.07 -3.54
C LEU A 57 -4.32 0.47 -2.17
N ARG A 58 -4.45 1.78 -1.92
CA ARG A 58 -4.91 2.34 -0.64
C ARG A 58 -6.18 1.64 -0.13
N LYS A 59 -7.16 1.37 -1.00
CA LYS A 59 -8.37 0.62 -0.62
C LYS A 59 -8.07 -0.67 0.17
N ALA A 60 -7.05 -1.46 -0.19
CA ALA A 60 -6.67 -2.69 0.51
C ALA A 60 -6.17 -2.42 1.94
N ILE A 61 -5.26 -1.45 2.10
CA ILE A 61 -4.80 -0.96 3.41
C ILE A 61 -6.00 -0.56 4.27
N GLU A 62 -6.89 0.24 3.69
CA GLU A 62 -8.00 0.85 4.42
C GLU A 62 -9.05 -0.21 4.77
N ALA A 63 -9.30 -1.20 3.92
CA ALA A 63 -10.36 -2.18 4.11
C ALA A 63 -10.20 -3.07 5.36
N VAL A 64 -9.01 -3.16 5.94
CA VAL A 64 -8.79 -3.88 7.21
C VAL A 64 -8.90 -2.95 8.44
N SER A 65 -8.88 -1.62 8.29
CA SER A 65 -9.09 -0.65 9.39
C SER A 65 -9.40 0.78 8.87
N PRO A 66 -10.59 0.99 8.26
CA PRO A 66 -10.88 2.21 7.51
C PRO A 66 -11.08 3.40 8.45
N GLY A 67 -10.33 4.48 8.18
CA GLY A 67 -10.36 5.70 9.00
C GLY A 67 -9.54 5.60 10.28
N LEU A 68 -8.95 4.44 10.59
CA LEU A 68 -8.03 4.24 11.70
C LEU A 68 -6.59 4.49 11.23
N TYR A 69 -6.21 3.84 10.12
CA TYR A 69 -4.85 3.78 9.67
C TYR A 69 -4.33 5.13 9.14
N ARG A 70 -3.32 5.67 9.83
CA ARG A 70 -2.50 6.81 9.41
C ARG A 70 -1.69 6.44 8.15
N VAL A 71 -2.32 6.28 6.99
CA VAL A 71 -1.59 6.08 5.72
C VAL A 71 -1.20 7.40 5.09
N SER A 72 0.04 7.40 4.65
CA SER A 72 0.67 8.47 3.90
C SER A 72 1.14 7.94 2.54
N ILE A 73 0.29 8.14 1.54
CA ILE A 73 0.57 7.89 0.12
C ILE A 73 1.28 9.10 -0.50
N THR A 74 2.31 8.85 -1.32
CA THR A 74 2.89 9.91 -2.16
C THR A 74 2.00 10.12 -3.38
N SER A 75 1.32 11.26 -3.48
CA SER A 75 0.43 11.58 -4.61
C SER A 75 0.38 13.09 -4.92
N GLU A 76 0.25 13.43 -6.20
CA GLU A 76 0.19 14.81 -6.69
C GLU A 76 -1.23 15.37 -6.52
N VAL A 77 -1.63 15.65 -5.27
CA VAL A 77 -2.98 16.14 -4.93
C VAL A 77 -2.99 16.82 -3.55
N ASN A 1 7.40 -2.01 -17.99
CA ASN A 1 7.26 -0.61 -17.55
C ASN A 1 5.98 -0.43 -16.73
N ASP A 2 6.17 0.01 -15.48
CA ASP A 2 5.16 0.06 -14.43
C ASP A 2 5.29 1.37 -13.63
N SER A 3 4.37 1.58 -12.69
CA SER A 3 4.46 2.63 -11.67
C SER A 3 4.77 2.02 -10.30
N THR A 4 5.80 2.56 -9.64
CA THR A 4 6.24 2.12 -8.31
C THR A 4 5.80 3.18 -7.31
N ALA A 5 4.98 2.79 -6.33
CA ALA A 5 4.58 3.67 -5.23
C ALA A 5 4.96 3.10 -3.87
N THR A 6 5.00 4.01 -2.90
CA THR A 6 5.04 3.68 -1.48
C THR A 6 3.73 4.10 -0.86
N PHE A 7 3.30 3.28 0.10
CA PHE A 7 2.25 3.61 1.02
C PHE A 7 2.89 3.46 2.40
N ILE A 8 2.98 4.55 3.12
CA ILE A 8 3.40 4.54 4.53
C ILE A 8 2.17 4.26 5.38
N ILE A 9 2.32 3.51 6.49
CA ILE A 9 1.22 2.97 7.28
C ILE A 9 1.65 2.96 8.73
N ASP A 10 1.39 4.04 9.46
CA ASP A 10 1.52 4.04 10.93
C ASP A 10 0.25 3.38 11.53
N GLY A 11 0.13 2.08 11.24
CA GLY A 11 -1.02 1.23 11.52
C GLY A 11 -0.98 0.65 12.94
N MET A 12 -2.12 0.77 13.63
CA MET A 12 -2.36 0.40 15.05
C MET A 12 -1.45 1.15 16.03
N HIS A 13 -0.16 0.82 15.97
CA HIS A 13 1.01 1.30 16.72
C HIS A 13 2.22 0.41 16.41
N CYS A 14 2.01 -0.91 16.30
CA CYS A 14 3.01 -1.94 16.07
C CYS A 14 3.51 -2.07 14.62
N LYS A 15 2.65 -1.74 13.65
CA LYS A 15 2.84 -1.94 12.20
C LYS A 15 2.95 -3.41 11.77
N SER A 16 2.63 -4.38 12.64
CA SER A 16 2.47 -5.80 12.28
C SER A 16 1.32 -6.11 11.29
N CYS A 17 0.49 -5.09 10.99
CA CYS A 17 -0.63 -5.02 10.07
C CYS A 17 -0.25 -5.19 8.57
N VAL A 18 0.96 -4.77 8.25
CA VAL A 18 1.70 -4.83 6.97
C VAL A 18 1.35 -6.02 6.09
N SER A 19 1.64 -7.21 6.55
CA SER A 19 1.52 -8.45 5.79
C SER A 19 0.07 -8.92 5.63
N ASN A 20 -0.81 -8.53 6.57
CA ASN A 20 -2.25 -8.72 6.39
C ASN A 20 -2.70 -8.01 5.10
N ILE A 21 -2.20 -6.79 4.90
CA ILE A 21 -2.40 -6.03 3.67
C ILE A 21 -1.63 -6.62 2.48
N GLU A 22 -0.39 -7.08 2.67
CA GLU A 22 0.43 -7.49 1.54
C GLU A 22 -0.21 -8.66 0.77
N SER A 23 -0.91 -9.56 1.46
CA SER A 23 -1.62 -10.66 0.78
C SER A 23 -2.71 -10.23 -0.19
N THR A 24 -3.38 -9.07 0.04
CA THR A 24 -4.30 -8.52 -0.97
C THR A 24 -3.54 -7.85 -2.10
N LEU A 25 -2.63 -6.95 -1.73
CA LEU A 25 -1.77 -6.18 -2.66
C LEU A 25 -1.04 -7.08 -3.67
N SER A 26 -0.55 -8.21 -3.21
CA SER A 26 0.19 -9.19 -3.99
C SER A 26 -0.65 -9.98 -5.01
N ALA A 27 -1.94 -9.69 -5.11
CA ALA A 27 -2.92 -10.40 -5.94
C ALA A 27 -3.88 -9.45 -6.69
N LEU A 28 -3.57 -8.15 -6.74
CA LEU A 28 -4.38 -7.17 -7.47
C LEU A 28 -4.25 -7.31 -8.99
N GLN A 29 -5.10 -6.59 -9.72
CA GLN A 29 -5.36 -6.76 -11.16
C GLN A 29 -4.16 -6.52 -12.09
N TYR A 30 -3.09 -5.86 -11.63
CA TYR A 30 -2.01 -5.36 -12.48
C TYR A 30 -0.73 -4.97 -11.71
N VAL A 31 -0.15 -5.94 -10.99
CA VAL A 31 1.00 -5.78 -10.07
C VAL A 31 2.12 -6.77 -10.39
N SER A 32 3.39 -6.34 -10.30
CA SER A 32 4.58 -7.15 -10.63
C SER A 32 5.45 -7.42 -9.41
N SER A 33 5.18 -6.79 -8.28
CA SER A 33 6.02 -6.79 -7.10
C SER A 33 5.28 -6.21 -5.91
N ILE A 34 5.74 -6.58 -4.72
CA ILE A 34 5.14 -6.29 -3.43
C ILE A 34 6.29 -6.36 -2.43
N VAL A 35 6.34 -5.37 -1.53
CA VAL A 35 7.56 -5.08 -0.76
C VAL A 35 7.26 -4.29 0.52
N VAL A 36 6.58 -4.93 1.48
CA VAL A 36 6.29 -4.34 2.82
C VAL A 36 7.52 -4.14 3.75
N SER A 37 7.27 -3.65 4.98
CA SER A 37 8.23 -3.47 6.08
C SER A 37 7.49 -3.24 7.43
N LEU A 38 7.74 -4.10 8.43
CA LEU A 38 7.01 -4.14 9.70
C LEU A 38 7.69 -3.31 10.79
N GLU A 39 9.00 -3.43 10.90
CA GLU A 39 9.87 -2.67 11.82
C GLU A 39 9.91 -1.16 11.52
N ASN A 40 9.39 -0.85 10.35
CA ASN A 40 9.12 0.46 9.80
C ASN A 40 7.62 0.81 9.94
N ARG A 41 6.94 0.93 8.78
CA ARG A 41 5.61 1.48 8.51
C ARG A 41 5.46 1.66 7.00
N SER A 42 5.95 0.73 6.19
CA SER A 42 6.08 0.97 4.74
C SER A 42 5.60 -0.21 3.90
N ALA A 43 4.88 0.08 2.83
CA ALA A 43 4.35 -0.86 1.86
C ALA A 43 4.69 -0.36 0.46
N ILE A 44 5.78 -0.85 -0.12
CA ILE A 44 6.15 -0.55 -1.52
C ILE A 44 5.58 -1.65 -2.42
N VAL A 45 5.16 -1.26 -3.63
CA VAL A 45 4.54 -2.19 -4.60
C VAL A 45 4.88 -1.71 -6.03
N VAL A 46 4.97 -2.63 -7.00
CA VAL A 46 5.05 -2.31 -8.45
C VAL A 46 3.72 -2.67 -9.10
N TYR A 47 3.12 -1.73 -9.84
CA TYR A 47 1.77 -1.88 -10.39
C TYR A 47 1.41 -0.86 -11.49
N ASN A 48 0.17 -0.88 -11.97
CA ASN A 48 -0.32 0.04 -13.01
C ASN A 48 -1.31 1.09 -12.47
N ALA A 49 -1.26 2.26 -13.07
CA ALA A 49 -2.20 3.36 -12.93
C ALA A 49 -2.06 4.24 -14.17
N SER A 50 -3.15 4.78 -14.68
CA SER A 50 -3.16 5.62 -15.89
C SER A 50 -2.75 7.07 -15.62
N SER A 51 -2.34 7.40 -14.40
CA SER A 51 -2.09 8.74 -13.83
C SER A 51 -1.75 8.59 -12.34
N VAL A 52 -1.64 9.71 -11.61
CA VAL A 52 -1.52 9.79 -10.13
C VAL A 52 -2.78 9.26 -9.40
N THR A 53 -3.09 7.97 -9.59
CA THR A 53 -4.18 7.25 -8.92
C THR A 53 -3.68 6.01 -8.17
N PRO A 54 -2.88 6.23 -7.10
CA PRO A 54 -2.47 5.20 -6.15
C PRO A 54 -3.65 4.74 -5.28
N GLU A 55 -4.80 5.42 -5.38
CA GLU A 55 -6.10 5.10 -4.78
C GLU A 55 -6.49 3.63 -4.89
N SER A 56 -6.12 2.98 -5.99
CA SER A 56 -6.19 1.53 -6.22
C SER A 56 -5.74 0.70 -5.00
N LEU A 57 -4.45 0.80 -4.65
CA LEU A 57 -3.81 0.00 -3.62
C LEU A 57 -4.11 0.55 -2.22
N ARG A 58 -4.33 1.87 -2.12
CA ARG A 58 -4.84 2.52 -0.91
C ARG A 58 -6.13 1.81 -0.45
N LYS A 59 -7.09 1.60 -1.36
CA LYS A 59 -8.32 0.83 -1.08
C LYS A 59 -8.11 -0.56 -0.47
N ALA A 60 -7.02 -1.28 -0.80
CA ALA A 60 -6.66 -2.55 -0.16
C ALA A 60 -6.42 -2.41 1.35
N ILE A 61 -5.71 -1.35 1.74
CA ILE A 61 -5.46 -0.98 3.14
C ILE A 61 -6.73 -0.47 3.81
N GLU A 62 -7.38 0.48 3.16
CA GLU A 62 -8.47 1.24 3.74
C GLU A 62 -9.69 0.34 3.97
N ALA A 63 -9.82 -0.77 3.24
CA ALA A 63 -10.86 -1.75 3.51
C ALA A 63 -10.58 -2.68 4.71
N VAL A 64 -9.34 -2.81 5.19
CA VAL A 64 -9.07 -3.53 6.46
C VAL A 64 -9.16 -2.59 7.67
N SER A 65 -8.72 -1.33 7.59
CA SER A 65 -8.82 -0.39 8.73
C SER A 65 -8.88 1.09 8.30
N PRO A 66 -10.04 1.57 7.78
CA PRO A 66 -10.17 2.88 7.15
C PRO A 66 -9.88 4.02 8.13
N GLY A 67 -8.86 4.81 7.84
CA GLY A 67 -8.44 5.97 8.65
C GLY A 67 -7.87 5.66 10.04
N LEU A 68 -8.15 4.45 10.58
CA LEU A 68 -7.55 3.91 11.80
C LEU A 68 -6.02 3.89 11.67
N TYR A 69 -5.56 3.39 10.52
CA TYR A 69 -4.17 3.39 10.13
C TYR A 69 -3.80 4.77 9.57
N ARG A 70 -2.72 5.35 10.11
CA ARG A 70 -2.11 6.56 9.58
C ARG A 70 -1.41 6.22 8.25
N VAL A 71 -2.18 5.93 7.21
CA VAL A 71 -1.63 5.80 5.86
C VAL A 71 -1.14 7.16 5.36
N SER A 72 -0.11 7.12 4.52
CA SER A 72 0.37 8.26 3.73
C SER A 72 0.89 7.78 2.38
N ILE A 73 0.38 8.37 1.31
CA ILE A 73 0.58 7.90 -0.07
C ILE A 73 1.38 8.95 -0.88
N THR A 74 2.39 8.49 -1.64
CA THR A 74 3.18 9.36 -2.51
C THR A 74 2.58 9.37 -3.92
N SER A 75 2.47 10.56 -4.49
CA SER A 75 1.91 10.85 -5.82
C SER A 75 1.85 12.37 -6.09
N GLU A 76 2.08 12.78 -7.33
CA GLU A 76 2.25 14.17 -7.78
C GLU A 76 0.90 14.92 -7.87
N VAL A 77 0.21 15.03 -6.73
CA VAL A 77 -1.14 15.59 -6.57
C VAL A 77 -1.06 16.89 -5.77
N ASN A 1 8.78 -1.06 -17.83
CA ASN A 1 9.10 0.29 -17.35
C ASN A 1 8.04 0.70 -16.30
N ASP A 2 7.90 -0.17 -15.29
CA ASP A 2 6.81 -0.13 -14.31
C ASP A 2 6.97 0.97 -13.26
N SER A 3 5.87 1.32 -12.56
CA SER A 3 5.91 2.35 -11.52
C SER A 3 6.30 1.78 -10.15
N THR A 4 6.54 2.64 -9.16
CA THR A 4 6.70 2.23 -7.76
C THR A 4 6.15 3.30 -6.83
N ALA A 5 5.37 2.81 -5.87
CA ALA A 5 4.79 3.58 -4.78
C ALA A 5 5.15 2.93 -3.45
N THR A 6 5.18 3.79 -2.44
CA THR A 6 5.25 3.43 -1.04
C THR A 6 4.03 4.07 -0.41
N PHE A 7 3.22 3.24 0.23
CA PHE A 7 2.14 3.66 1.10
C PHE A 7 2.67 3.61 2.54
N ILE A 8 2.55 4.72 3.27
CA ILE A 8 3.03 4.85 4.65
C ILE A 8 1.86 4.70 5.61
N ILE A 9 1.97 3.80 6.58
CA ILE A 9 0.86 3.26 7.37
C ILE A 9 1.20 3.29 8.86
N ASP A 10 1.04 4.44 9.51
CA ASP A 10 1.50 4.62 10.91
C ASP A 10 0.57 4.06 12.02
N GLY A 11 -0.57 3.46 11.64
CA GLY A 11 -1.70 3.09 12.50
C GLY A 11 -1.43 2.78 13.98
N MET A 12 -1.05 1.52 14.25
CA MET A 12 -0.88 0.95 15.60
C MET A 12 0.52 1.22 16.18
N HIS A 13 0.88 0.59 17.29
CA HIS A 13 2.24 0.60 17.84
C HIS A 13 3.21 -0.08 16.84
N CYS A 14 3.14 -1.41 16.76
CA CYS A 14 3.77 -2.20 15.74
C CYS A 14 3.13 -1.90 14.37
N LYS A 15 3.89 -2.10 13.29
CA LYS A 15 3.40 -1.95 11.92
C LYS A 15 3.17 -3.33 11.26
N SER A 16 3.23 -4.44 12.01
CA SER A 16 2.92 -5.82 11.55
C SER A 16 1.56 -5.97 10.82
N CYS A 17 0.68 -4.99 11.01
CA CYS A 17 -0.50 -4.67 10.25
C CYS A 17 -0.25 -4.74 8.71
N VAL A 18 0.98 -4.39 8.31
CA VAL A 18 1.56 -4.48 6.97
C VAL A 18 1.13 -5.73 6.21
N SER A 19 1.43 -6.92 6.74
CA SER A 19 1.25 -8.16 5.98
C SER A 19 -0.25 -8.50 5.87
N ASN A 20 -1.00 -8.17 6.93
CA ASN A 20 -2.46 -8.23 6.97
C ASN A 20 -3.10 -7.31 5.89
N ILE A 21 -2.45 -6.18 5.61
CA ILE A 21 -2.79 -5.32 4.48
C ILE A 21 -2.29 -5.95 3.15
N GLU A 22 -1.00 -6.28 3.04
CA GLU A 22 -0.36 -6.79 1.81
C GLU A 22 -1.10 -7.99 1.24
N SER A 23 -1.64 -8.87 2.08
CA SER A 23 -2.45 -10.00 1.63
C SER A 23 -3.57 -9.66 0.65
N THR A 24 -4.19 -8.47 0.73
CA THR A 24 -5.15 -8.05 -0.31
C THR A 24 -4.49 -7.47 -1.56
N LEU A 25 -3.55 -6.52 -1.41
CA LEU A 25 -2.95 -5.84 -2.56
C LEU A 25 -2.05 -6.72 -3.42
N SER A 26 -1.39 -7.69 -2.81
CA SER A 26 -0.59 -8.71 -3.47
C SER A 26 -1.39 -9.61 -4.43
N ALA A 27 -2.72 -9.48 -4.41
CA ALA A 27 -3.65 -10.24 -5.25
C ALA A 27 -4.41 -9.33 -6.24
N LEU A 28 -3.89 -8.12 -6.54
CA LEU A 28 -4.56 -7.21 -7.48
C LEU A 28 -4.12 -7.50 -8.92
N GLN A 29 -4.49 -6.63 -9.85
CA GLN A 29 -4.37 -6.89 -11.29
C GLN A 29 -3.12 -6.21 -11.87
N TYR A 30 -3.15 -4.89 -12.03
CA TYR A 30 -2.09 -4.08 -12.65
C TYR A 30 -0.81 -3.91 -11.79
N VAL A 31 -0.37 -4.98 -11.11
CA VAL A 31 0.73 -5.07 -10.11
C VAL A 31 1.70 -6.19 -10.51
N SER A 32 3.02 -5.95 -10.44
CA SER A 32 4.05 -6.93 -10.84
C SER A 32 4.92 -7.51 -9.70
N SER A 33 5.01 -6.81 -8.57
CA SER A 33 5.77 -7.19 -7.39
C SER A 33 5.20 -6.41 -6.21
N ILE A 34 5.23 -7.04 -5.07
CA ILE A 34 4.73 -6.51 -3.80
C ILE A 34 5.85 -6.70 -2.79
N VAL A 35 6.03 -5.67 -1.97
CA VAL A 35 7.28 -5.49 -1.26
C VAL A 35 7.08 -4.69 0.05
N VAL A 36 6.16 -5.14 0.92
CA VAL A 36 5.98 -4.60 2.29
C VAL A 36 7.29 -4.68 3.12
N SER A 37 7.62 -3.59 3.84
CA SER A 37 8.67 -3.49 4.87
C SER A 37 7.94 -3.53 6.22
N LEU A 38 8.12 -4.59 7.01
CA LEU A 38 7.22 -4.89 8.15
C LEU A 38 7.63 -4.34 9.51
N GLU A 39 8.94 -4.26 9.72
CA GLU A 39 9.55 -3.57 10.85
C GLU A 39 9.20 -2.07 10.81
N ASN A 40 8.96 -1.58 9.60
CA ASN A 40 8.39 -0.29 9.26
C ASN A 40 6.91 -0.36 8.90
N ARG A 41 6.46 0.85 8.63
CA ARG A 41 5.16 1.28 8.10
C ARG A 41 5.13 1.34 6.56
N SER A 42 6.12 0.81 5.85
CA SER A 42 6.28 1.04 4.40
C SER A 42 5.85 -0.12 3.53
N ALA A 43 4.65 0.02 2.96
CA ALA A 43 4.10 -0.90 2.00
C ALA A 43 4.54 -0.50 0.60
N ILE A 44 5.58 -1.15 0.04
CA ILE A 44 6.13 -0.81 -1.27
C ILE A 44 5.55 -1.79 -2.29
N VAL A 45 5.32 -1.31 -3.52
CA VAL A 45 4.69 -2.12 -4.58
C VAL A 45 5.11 -1.65 -5.98
N VAL A 46 5.26 -2.58 -6.93
CA VAL A 46 5.43 -2.33 -8.39
C VAL A 46 4.07 -2.50 -9.06
N TYR A 47 3.68 -1.54 -9.89
CA TYR A 47 2.33 -1.45 -10.46
C TYR A 47 2.24 -0.42 -11.62
N ASN A 48 1.06 -0.28 -12.22
CA ASN A 48 0.80 0.70 -13.29
C ASN A 48 0.35 2.07 -12.74
N ALA A 49 1.10 3.10 -13.12
CA ALA A 49 0.77 4.52 -12.98
C ALA A 49 0.95 5.15 -14.37
N SER A 50 0.01 6.00 -14.73
CA SER A 50 -0.21 6.54 -16.09
C SER A 50 -1.37 7.55 -16.07
N SER A 51 -1.51 8.26 -14.93
CA SER A 51 -2.66 9.09 -14.50
C SER A 51 -3.66 8.18 -13.78
N VAL A 52 -3.86 6.95 -14.31
CA VAL A 52 -4.57 5.84 -13.64
C VAL A 52 -4.17 5.74 -12.15
N THR A 53 -5.19 5.90 -11.29
CA THR A 53 -5.09 6.13 -9.84
C THR A 53 -4.26 5.10 -9.07
N PRO A 54 -3.20 5.50 -8.35
CA PRO A 54 -2.49 4.61 -7.42
C PRO A 54 -3.39 4.20 -6.25
N GLU A 55 -4.37 5.05 -5.92
CA GLU A 55 -5.36 4.90 -4.85
C GLU A 55 -6.18 3.60 -4.91
N SER A 56 -6.14 2.92 -6.04
CA SER A 56 -6.62 1.54 -6.18
C SER A 56 -6.01 0.62 -5.11
N LEU A 57 -4.69 0.72 -4.87
CA LEU A 57 -3.96 0.02 -3.82
C LEU A 57 -4.18 0.62 -2.42
N ARG A 58 -4.27 1.96 -2.27
CA ARG A 58 -4.60 2.64 -0.99
C ARG A 58 -5.78 1.96 -0.27
N LYS A 59 -6.82 1.64 -1.03
CA LYS A 59 -8.04 0.98 -0.52
C LYS A 59 -7.78 -0.35 0.21
N ALA A 60 -6.66 -1.05 -0.05
CA ALA A 60 -6.26 -2.25 0.69
C ALA A 60 -6.22 -2.04 2.20
N ILE A 61 -5.53 -0.96 2.60
CA ILE A 61 -5.43 -0.46 3.98
C ILE A 61 -6.84 -0.20 4.51
N GLU A 62 -7.58 0.62 3.76
CA GLU A 62 -8.88 1.18 4.15
C GLU A 62 -9.95 0.11 4.27
N ALA A 63 -9.79 -1.00 3.55
CA ALA A 63 -10.67 -2.16 3.62
C ALA A 63 -10.36 -3.07 4.80
N VAL A 64 -9.08 -3.29 5.15
CA VAL A 64 -8.76 -4.21 6.26
C VAL A 64 -8.89 -3.53 7.64
N SER A 65 -8.76 -2.20 7.72
CA SER A 65 -9.12 -1.45 8.94
C SER A 65 -9.27 0.06 8.69
N PRO A 66 -10.48 0.52 8.27
CA PRO A 66 -10.77 1.94 8.13
C PRO A 66 -10.71 2.64 9.48
N GLY A 67 -10.14 3.85 9.51
CA GLY A 67 -10.00 4.67 10.71
C GLY A 67 -8.81 4.30 11.61
N LEU A 68 -8.22 3.11 11.46
CA LEU A 68 -7.04 2.69 12.21
C LEU A 68 -5.77 3.27 11.60
N TYR A 69 -5.55 3.01 10.32
CA TYR A 69 -4.28 3.29 9.68
C TYR A 69 -4.10 4.75 9.25
N ARG A 70 -3.05 5.38 9.79
CA ARG A 70 -2.66 6.78 9.56
C ARG A 70 -2.01 6.95 8.18
N VAL A 71 -2.69 6.51 7.11
CA VAL A 71 -2.07 6.41 5.79
C VAL A 71 -1.68 7.76 5.19
N SER A 72 -0.57 7.70 4.47
CA SER A 72 -0.08 8.73 3.57
C SER A 72 0.53 8.10 2.32
N ILE A 73 0.08 8.59 1.16
CA ILE A 73 0.45 8.09 -0.16
C ILE A 73 1.28 9.16 -0.87
N THR A 74 2.43 8.79 -1.46
CA THR A 74 3.26 9.74 -2.21
C THR A 74 2.88 9.72 -3.68
N SER A 75 2.47 10.88 -4.20
CA SER A 75 1.93 11.15 -5.55
C SER A 75 1.57 12.65 -5.70
N GLU A 76 1.41 13.14 -6.95
CA GLU A 76 1.11 14.54 -7.29
C GLU A 76 -0.36 14.89 -6.99
N VAL A 77 -0.72 14.88 -5.70
CA VAL A 77 -2.08 15.07 -5.17
C VAL A 77 -2.00 15.89 -3.89
N ASN A 1 9.72 -1.07 -16.80
CA ASN A 1 8.48 -0.83 -17.56
C ASN A 1 7.29 -0.52 -16.61
N ASP A 2 7.39 -0.94 -15.35
CA ASP A 2 6.42 -0.74 -14.27
C ASP A 2 6.78 0.44 -13.37
N SER A 3 5.79 0.92 -12.64
CA SER A 3 5.88 2.08 -11.73
C SER A 3 5.73 1.64 -10.27
N THR A 4 6.61 2.11 -9.39
CA THR A 4 6.51 1.90 -7.95
C THR A 4 5.58 2.88 -7.28
N ALA A 5 4.85 2.41 -6.27
CA ALA A 5 4.18 3.25 -5.30
C ALA A 5 4.62 2.89 -3.88
N THR A 6 4.64 3.92 -3.03
CA THR A 6 4.89 3.88 -1.60
C THR A 6 3.67 4.39 -0.86
N PHE A 7 3.33 3.67 0.21
CA PHE A 7 2.29 4.02 1.16
C PHE A 7 2.88 3.94 2.58
N ILE A 8 2.89 5.08 3.30
CA ILE A 8 3.45 5.15 4.69
C ILE A 8 2.34 5.13 5.73
N ILE A 9 2.30 4.09 6.55
CA ILE A 9 1.14 3.73 7.41
C ILE A 9 1.37 4.06 8.88
N ASP A 10 0.64 5.06 9.38
CA ASP A 10 0.86 5.58 10.75
C ASP A 10 -0.10 5.11 11.86
N GLY A 11 -1.17 4.39 11.50
CA GLY A 11 -2.28 4.07 12.42
C GLY A 11 -2.11 2.77 13.19
N MET A 12 -0.89 2.36 13.48
CA MET A 12 -0.61 1.02 14.01
C MET A 12 0.77 0.96 14.68
N HIS A 13 0.81 0.51 15.93
CA HIS A 13 1.98 0.62 16.81
C HIS A 13 3.07 -0.44 16.52
N CYS A 14 2.65 -1.70 16.33
CA CYS A 14 3.46 -2.81 15.91
C CYS A 14 3.76 -2.80 14.40
N LYS A 15 2.79 -2.30 13.61
CA LYS A 15 2.72 -2.36 12.13
C LYS A 15 2.53 -3.81 11.60
N SER A 16 2.53 -4.85 12.46
CA SER A 16 2.32 -6.29 12.14
C SER A 16 1.06 -6.61 11.33
N CYS A 17 0.13 -5.66 11.25
CA CYS A 17 -1.00 -5.57 10.36
C CYS A 17 -0.61 -5.68 8.86
N VAL A 18 0.64 -5.34 8.56
CA VAL A 18 1.33 -5.50 7.28
C VAL A 18 0.89 -6.72 6.45
N SER A 19 1.02 -7.94 6.98
CA SER A 19 0.81 -9.13 6.16
C SER A 19 -0.68 -9.37 5.85
N ASN A 20 -1.60 -8.79 6.64
CA ASN A 20 -3.02 -8.79 6.25
C ASN A 20 -3.18 -8.11 4.88
N ILE A 21 -2.44 -7.00 4.73
CA ILE A 21 -2.50 -6.09 3.59
C ILE A 21 -1.69 -6.63 2.40
N GLU A 22 -0.51 -7.20 2.65
CA GLU A 22 0.47 -7.58 1.63
C GLU A 22 -0.09 -8.58 0.61
N SER A 23 -0.82 -9.57 1.10
CA SER A 23 -1.29 -10.68 0.27
C SER A 23 -2.23 -10.18 -0.82
N THR A 24 -3.17 -9.29 -0.46
CA THR A 24 -4.15 -8.74 -1.40
C THR A 24 -3.51 -7.76 -2.38
N LEU A 25 -2.57 -6.92 -1.91
CA LEU A 25 -1.78 -6.01 -2.75
C LEU A 25 -1.10 -6.72 -3.93
N SER A 26 -0.62 -7.93 -3.68
CA SER A 26 0.04 -8.78 -4.69
C SER A 26 -0.88 -9.20 -5.84
N ALA A 27 -2.19 -9.13 -5.64
CA ALA A 27 -3.21 -9.71 -6.50
C ALA A 27 -4.06 -8.67 -7.24
N LEU A 28 -3.74 -7.37 -7.15
CA LEU A 28 -4.59 -6.28 -7.63
C LEU A 28 -4.55 -6.05 -9.17
N GLN A 29 -4.59 -7.13 -9.96
CA GLN A 29 -4.80 -7.17 -11.43
C GLN A 29 -3.72 -6.54 -12.32
N TYR A 30 -2.88 -5.63 -11.84
CA TYR A 30 -1.99 -4.81 -12.68
C TYR A 30 -0.64 -4.51 -11.99
N VAL A 31 -0.16 -5.48 -11.21
CA VAL A 31 0.97 -5.38 -10.28
C VAL A 31 2.01 -6.46 -10.61
N SER A 32 3.29 -6.06 -10.73
CA SER A 32 4.42 -6.99 -10.99
C SER A 32 5.14 -7.48 -9.74
N SER A 33 4.98 -6.78 -8.61
CA SER A 33 5.71 -7.04 -7.38
C SER A 33 5.06 -6.34 -6.21
N ILE A 34 5.38 -6.81 -5.03
CA ILE A 34 4.78 -6.44 -3.77
C ILE A 34 5.87 -6.41 -2.72
N VAL A 35 5.85 -5.40 -1.85
CA VAL A 35 7.01 -5.06 -1.02
C VAL A 35 6.65 -4.34 0.28
N VAL A 36 5.98 -5.08 1.16
CA VAL A 36 5.57 -4.65 2.51
C VAL A 36 6.71 -4.83 3.54
N SER A 37 6.88 -3.87 4.46
CA SER A 37 7.93 -3.81 5.52
C SER A 37 7.26 -3.75 6.91
N LEU A 38 7.54 -4.70 7.81
CA LEU A 38 6.78 -4.89 9.06
C LEU A 38 7.35 -4.16 10.28
N GLU A 39 8.66 -4.22 10.41
CA GLU A 39 9.49 -3.50 11.35
C GLU A 39 9.35 -1.98 11.22
N ASN A 40 9.09 -1.50 10.00
CA ASN A 40 8.93 -0.11 9.61
C ASN A 40 7.44 0.27 9.60
N ARG A 41 7.13 1.33 8.86
CA ARG A 41 5.78 1.86 8.63
C ARG A 41 5.49 1.95 7.13
N SER A 42 6.00 1.00 6.34
CA SER A 42 6.06 1.13 4.88
C SER A 42 5.49 -0.06 4.11
N ALA A 43 4.71 0.25 3.08
CA ALA A 43 4.24 -0.68 2.08
C ALA A 43 4.68 -0.16 0.70
N ILE A 44 5.33 -0.96 -0.14
CA ILE A 44 5.71 -0.55 -1.50
C ILE A 44 5.19 -1.63 -2.44
N VAL A 45 4.90 -1.24 -3.68
CA VAL A 45 4.34 -2.13 -4.71
C VAL A 45 4.87 -1.70 -6.08
N VAL A 46 5.04 -2.65 -7.00
CA VAL A 46 5.30 -2.39 -8.43
C VAL A 46 4.01 -2.64 -9.19
N TYR A 47 3.57 -1.69 -10.01
CA TYR A 47 2.28 -1.74 -10.73
C TYR A 47 2.19 -0.79 -11.94
N ASN A 48 1.06 -0.80 -12.64
CA ASN A 48 0.84 0.00 -13.85
C ASN A 48 0.15 1.34 -13.52
N ALA A 49 0.93 2.42 -13.42
CA ALA A 49 0.45 3.77 -13.11
C ALA A 49 -0.27 4.44 -14.31
N SER A 50 -1.45 3.92 -14.63
CA SER A 50 -2.33 4.42 -15.70
C SER A 50 -2.86 5.84 -15.45
N SER A 51 -2.69 6.37 -14.24
CA SER A 51 -2.91 7.75 -13.80
C SER A 51 -2.47 7.89 -12.33
N VAL A 52 -2.41 9.12 -11.81
CA VAL A 52 -2.01 9.44 -10.43
C VAL A 52 -3.14 9.09 -9.43
N THR A 53 -3.57 7.82 -9.45
CA THR A 53 -4.49 7.25 -8.46
C THR A 53 -3.98 5.94 -7.86
N PRO A 54 -2.81 5.99 -7.19
CA PRO A 54 -2.33 4.90 -6.34
C PRO A 54 -3.28 4.70 -5.14
N GLU A 55 -4.22 5.63 -4.91
CA GLU A 55 -5.33 5.53 -3.97
C GLU A 55 -6.11 4.23 -4.10
N SER A 56 -6.16 3.63 -5.30
CA SER A 56 -6.70 2.28 -5.53
C SER A 56 -6.07 1.23 -4.62
N LEU A 57 -4.73 1.13 -4.61
CA LEU A 57 -3.96 0.21 -3.78
C LEU A 57 -4.12 0.54 -2.30
N ARG A 58 -4.23 1.84 -1.95
CA ARG A 58 -4.45 2.30 -0.56
C ARG A 58 -5.62 1.59 0.11
N LYS A 59 -6.69 1.28 -0.65
CA LYS A 59 -7.85 0.53 -0.15
C LYS A 59 -7.49 -0.83 0.49
N ALA A 60 -6.41 -1.50 0.04
CA ALA A 60 -5.88 -2.73 0.66
C ALA A 60 -5.39 -2.51 2.10
N ILE A 61 -4.72 -1.37 2.35
CA ILE A 61 -4.35 -0.91 3.70
C ILE A 61 -5.62 -0.60 4.48
N GLU A 62 -6.51 0.20 3.88
CA GLU A 62 -7.67 0.75 4.55
C GLU A 62 -8.60 -0.37 5.03
N ALA A 63 -8.73 -1.45 4.27
CA ALA A 63 -9.71 -2.51 4.52
C ALA A 63 -9.55 -3.31 5.83
N VAL A 64 -8.44 -3.19 6.57
CA VAL A 64 -8.28 -3.76 7.93
C VAL A 64 -8.66 -2.74 9.03
N SER A 65 -8.59 -1.45 8.73
CA SER A 65 -8.83 -0.34 9.68
C SER A 65 -9.00 1.04 8.98
N PRO A 66 -10.13 1.27 8.29
CA PRO A 66 -10.30 2.41 7.38
C PRO A 66 -10.48 3.76 8.05
N GLY A 67 -10.88 3.76 9.32
CA GLY A 67 -11.01 4.95 10.16
C GLY A 67 -9.79 5.22 11.05
N LEU A 68 -8.70 4.47 10.85
CA LEU A 68 -7.53 4.45 11.75
C LEU A 68 -6.23 4.78 11.01
N TYR A 69 -5.97 4.07 9.91
CA TYR A 69 -4.68 4.09 9.23
C TYR A 69 -4.43 5.41 8.47
N ARG A 70 -3.63 6.29 9.08
CA ARG A 70 -3.18 7.62 8.63
C ARG A 70 -2.23 7.54 7.41
N VAL A 71 -2.52 6.66 6.46
CA VAL A 71 -1.55 6.30 5.45
C VAL A 71 -1.31 7.39 4.39
N SER A 72 -0.05 7.82 4.25
CA SER A 72 0.37 8.94 3.40
C SER A 72 0.99 8.41 2.10
N ILE A 73 0.37 8.77 0.98
CA ILE A 73 0.60 8.16 -0.32
C ILE A 73 1.28 9.12 -1.28
N THR A 74 2.14 8.57 -2.15
CA THR A 74 2.72 9.30 -3.28
C THR A 74 1.67 9.60 -4.37
N SER A 75 0.78 10.55 -4.09
CA SER A 75 -0.32 10.95 -4.97
C SER A 75 -0.22 12.44 -5.38
N GLU A 76 0.70 12.71 -6.30
CA GLU A 76 1.08 14.03 -6.84
C GLU A 76 0.00 14.69 -7.75
N VAL A 77 -1.26 14.67 -7.33
CA VAL A 77 -2.43 15.15 -8.09
C VAL A 77 -2.87 16.55 -7.61
N ASN A 1 8.14 -2.66 -17.94
CA ASN A 1 8.31 -1.40 -17.21
C ASN A 1 7.17 -1.13 -16.23
N ASP A 2 7.51 -0.76 -15.00
CA ASP A 2 6.63 -0.64 -13.85
C ASP A 2 6.82 0.71 -13.12
N SER A 3 6.22 0.86 -11.94
CA SER A 3 6.26 2.08 -11.14
C SER A 3 5.97 1.79 -9.67
N THR A 4 6.43 2.63 -8.73
CA THR A 4 6.04 2.51 -7.32
C THR A 4 5.54 3.82 -6.75
N ALA A 5 4.56 3.65 -5.87
CA ALA A 5 4.04 4.68 -4.98
C ALA A 5 4.86 4.65 -3.68
N THR A 6 4.26 5.21 -2.63
CA THR A 6 4.69 5.14 -1.23
C THR A 6 3.43 5.27 -0.41
N PHE A 7 3.26 4.38 0.57
CA PHE A 7 2.21 4.46 1.58
C PHE A 7 2.85 4.21 2.97
N ILE A 8 2.83 5.20 3.87
CA ILE A 8 3.36 5.08 5.26
C ILE A 8 2.21 4.89 6.24
N ILE A 9 2.29 3.95 7.19
CA ILE A 9 1.11 3.59 8.02
C ILE A 9 1.42 3.62 9.52
N ASP A 10 0.65 4.43 10.26
CA ASP A 10 0.85 4.69 11.71
C ASP A 10 -0.34 4.30 12.62
N GLY A 11 -1.24 3.44 12.15
CA GLY A 11 -2.39 2.98 12.95
C GLY A 11 -2.00 2.21 14.21
N MET A 12 -0.97 1.36 14.13
CA MET A 12 -0.59 0.39 15.17
C MET A 12 0.88 0.55 15.60
N HIS A 13 1.25 -0.07 16.72
CA HIS A 13 2.60 -0.03 17.30
C HIS A 13 3.56 -0.91 16.48
N CYS A 14 3.25 -2.20 16.37
CA CYS A 14 3.83 -3.06 15.37
C CYS A 14 3.18 -2.66 14.02
N LYS A 15 3.85 -2.87 12.89
CA LYS A 15 3.18 -2.66 11.60
C LYS A 15 2.65 -3.98 11.04
N SER A 16 2.63 -5.09 11.82
CA SER A 16 2.15 -6.47 11.51
C SER A 16 0.90 -6.58 10.63
N CYS A 17 0.05 -5.56 10.71
CA CYS A 17 -1.05 -5.17 9.87
C CYS A 17 -0.69 -5.26 8.35
N VAL A 18 0.61 -5.11 8.08
CA VAL A 18 1.40 -5.30 6.86
C VAL A 18 1.10 -6.55 6.05
N SER A 19 1.33 -7.78 6.51
CA SER A 19 1.24 -8.95 5.63
C SER A 19 -0.20 -9.26 5.23
N ASN A 20 -1.15 -8.85 6.08
CA ASN A 20 -2.57 -8.81 5.76
C ASN A 20 -2.79 -7.89 4.52
N ILE A 21 -2.21 -6.69 4.52
CA ILE A 21 -2.19 -5.78 3.36
C ILE A 21 -1.35 -6.29 2.18
N GLU A 22 -0.17 -6.89 2.38
CA GLU A 22 0.72 -7.32 1.30
C GLU A 22 -0.01 -8.31 0.39
N SER A 23 -0.62 -9.35 0.99
CA SER A 23 -1.39 -10.34 0.23
C SER A 23 -2.59 -9.73 -0.47
N THR A 24 -3.07 -8.57 0.01
CA THR A 24 -4.16 -7.83 -0.60
C THR A 24 -3.71 -7.11 -1.87
N LEU A 25 -2.58 -6.37 -1.87
CA LEU A 25 -2.10 -5.74 -3.11
C LEU A 25 -1.70 -6.82 -4.12
N SER A 26 -1.07 -7.87 -3.61
CA SER A 26 -0.48 -9.01 -4.33
C SER A 26 -1.51 -9.87 -5.09
N ALA A 27 -2.78 -9.48 -4.97
CA ALA A 27 -3.92 -10.01 -5.70
C ALA A 27 -4.47 -9.07 -6.81
N LEU A 28 -3.96 -7.85 -6.99
CA LEU A 28 -4.58 -6.84 -7.85
C LEU A 28 -4.11 -7.01 -9.30
N GLN A 29 -5.06 -7.14 -10.23
CA GLN A 29 -4.81 -7.56 -11.61
C GLN A 29 -3.97 -6.62 -12.50
N TYR A 30 -3.50 -5.47 -11.99
CA TYR A 30 -2.52 -4.62 -12.70
C TYR A 30 -1.18 -4.40 -11.96
N VAL A 31 -0.90 -5.12 -10.86
CA VAL A 31 0.38 -5.03 -10.13
C VAL A 31 1.30 -6.22 -10.47
N SER A 32 2.60 -5.95 -10.54
CA SER A 32 3.65 -6.91 -10.94
C SER A 32 4.37 -7.50 -9.72
N SER A 33 4.72 -6.66 -8.75
CA SER A 33 5.17 -7.07 -7.42
C SER A 33 4.62 -6.12 -6.38
N ILE A 34 4.67 -6.54 -5.13
CA ILE A 34 4.30 -5.75 -3.95
C ILE A 34 5.39 -6.03 -2.93
N VAL A 35 5.67 -5.06 -2.07
CA VAL A 35 6.95 -5.10 -1.37
C VAL A 35 6.89 -4.26 -0.09
N VAL A 36 6.43 -4.93 0.94
CA VAL A 36 6.03 -4.39 2.26
C VAL A 36 7.10 -4.58 3.37
N SER A 37 7.29 -3.58 4.24
CA SER A 37 8.19 -3.60 5.42
C SER A 37 7.40 -3.66 6.75
N LEU A 38 7.72 -4.59 7.68
CA LEU A 38 6.86 -4.90 8.84
C LEU A 38 7.26 -4.27 10.18
N GLU A 39 8.56 -4.15 10.36
CA GLU A 39 9.25 -3.54 11.48
C GLU A 39 9.19 -2.00 11.43
N ASN A 40 9.35 -1.45 10.21
CA ASN A 40 9.19 -0.07 9.85
C ASN A 40 7.74 0.20 9.44
N ARG A 41 7.51 1.32 8.75
CA ARG A 41 6.17 1.85 8.49
C ARG A 41 5.92 2.11 7.01
N SER A 42 6.33 1.20 6.13
CA SER A 42 6.38 1.49 4.69
C SER A 42 5.85 0.39 3.77
N ALA A 43 4.98 0.78 2.83
CA ALA A 43 4.58 -0.06 1.71
C ALA A 43 5.17 0.53 0.42
N ILE A 44 5.91 -0.31 -0.32
CA ILE A 44 6.42 -0.07 -1.68
C ILE A 44 5.73 -1.12 -2.58
N VAL A 45 5.39 -0.81 -3.82
CA VAL A 45 4.55 -1.69 -4.65
C VAL A 45 4.81 -1.40 -6.14
N VAL A 46 5.07 -2.42 -6.96
CA VAL A 46 5.56 -2.30 -8.34
C VAL A 46 4.40 -2.62 -9.30
N TYR A 47 3.75 -1.59 -9.83
CA TYR A 47 2.49 -1.65 -10.62
C TYR A 47 2.55 -0.82 -11.91
N ASN A 48 1.43 -0.72 -12.63
CA ASN A 48 1.36 -0.08 -13.95
C ASN A 48 0.88 1.39 -13.91
N ALA A 49 1.81 2.35 -13.88
CA ALA A 49 1.50 3.79 -13.88
C ALA A 49 1.65 4.38 -15.29
N SER A 50 0.51 4.78 -15.86
CA SER A 50 0.44 5.37 -17.21
C SER A 50 -0.55 6.56 -17.28
N SER A 51 -1.00 7.09 -16.12
CA SER A 51 -2.10 8.05 -15.84
C SER A 51 -3.27 7.25 -15.24
N VAL A 52 -3.17 6.90 -13.95
CA VAL A 52 -4.07 5.94 -13.25
C VAL A 52 -4.44 6.42 -11.83
N THR A 53 -5.25 5.64 -11.10
CA THR A 53 -5.63 5.90 -9.69
C THR A 53 -4.92 4.92 -8.74
N PRO A 54 -3.65 5.17 -8.38
CA PRO A 54 -2.85 4.29 -7.53
C PRO A 54 -3.38 4.18 -6.09
N GLU A 55 -4.31 5.06 -5.68
CA GLU A 55 -5.09 4.92 -4.44
C GLU A 55 -5.98 3.65 -4.43
N SER A 56 -5.99 2.93 -5.54
CA SER A 56 -6.47 1.54 -5.68
C SER A 56 -5.85 0.64 -4.60
N LEU A 57 -4.52 0.71 -4.47
CA LEU A 57 -3.71 -0.03 -3.50
C LEU A 57 -4.05 0.43 -2.08
N ARG A 58 -4.19 1.74 -1.89
CA ARG A 58 -4.58 2.40 -0.64
C ARG A 58 -5.80 1.71 0.00
N LYS A 59 -6.85 1.41 -0.76
CA LYS A 59 -8.06 0.73 -0.27
C LYS A 59 -7.78 -0.51 0.60
N ALA A 60 -6.78 -1.33 0.21
CA ALA A 60 -6.36 -2.52 0.96
C ALA A 60 -5.96 -2.20 2.40
N ILE A 61 -5.24 -1.09 2.58
CA ILE A 61 -4.87 -0.57 3.90
C ILE A 61 -6.14 -0.12 4.64
N GLU A 62 -6.97 0.68 3.98
CA GLU A 62 -8.07 1.36 4.64
C GLU A 62 -9.09 0.34 5.16
N ALA A 63 -9.43 -0.64 4.33
CA ALA A 63 -10.54 -1.56 4.54
C ALA A 63 -10.40 -2.50 5.74
N VAL A 64 -9.18 -2.70 6.26
CA VAL A 64 -8.95 -3.53 7.45
C VAL A 64 -9.06 -2.72 8.75
N SER A 65 -8.96 -1.38 8.72
CA SER A 65 -9.08 -0.51 9.90
C SER A 65 -9.37 0.96 9.54
N PRO A 66 -10.54 1.25 8.94
CA PRO A 66 -10.84 2.58 8.40
C PRO A 66 -11.03 3.59 9.54
N GLY A 67 -10.41 4.77 9.40
CA GLY A 67 -10.39 5.81 10.43
C GLY A 67 -9.35 5.58 11.54
N LEU A 68 -8.77 4.38 11.64
CA LEU A 68 -7.70 4.05 12.58
C LEU A 68 -6.32 4.32 11.93
N TYR A 69 -6.11 3.74 10.75
CA TYR A 69 -4.80 3.71 10.10
C TYR A 69 -4.42 5.08 9.53
N ARG A 70 -3.47 5.73 10.22
CA ARG A 70 -2.84 6.97 9.77
C ARG A 70 -1.95 6.69 8.56
N VAL A 71 -2.54 6.56 7.36
CA VAL A 71 -1.77 6.36 6.12
C VAL A 71 -1.43 7.67 5.46
N SER A 72 -0.16 7.74 5.10
CA SER A 72 0.37 8.81 4.26
C SER A 72 0.80 8.27 2.89
N ILE A 73 -0.04 8.49 1.88
CA ILE A 73 0.17 8.12 0.48
C ILE A 73 0.84 9.26 -0.31
N THR A 74 1.83 8.91 -1.14
CA THR A 74 2.44 9.77 -2.15
C THR A 74 2.22 9.12 -3.52
N SER A 75 1.70 9.87 -4.50
CA SER A 75 1.37 9.43 -5.87
C SER A 75 0.77 10.58 -6.74
N GLU A 76 0.48 10.29 -8.01
CA GLU A 76 -0.17 11.20 -9.00
C GLU A 76 -1.65 11.50 -8.68
N VAL A 77 -1.95 11.98 -7.47
CA VAL A 77 -3.31 12.10 -6.92
C VAL A 77 -3.49 13.47 -6.27
N ASN A 1 6.14 1.00 -19.15
CA ASN A 1 6.88 0.43 -18.01
C ASN A 1 6.14 0.48 -16.66
N ASP A 2 6.36 -0.56 -15.84
CA ASP A 2 5.81 -0.67 -14.49
C ASP A 2 6.31 0.47 -13.60
N SER A 3 5.45 0.91 -12.69
CA SER A 3 5.64 2.12 -11.89
C SER A 3 5.70 1.79 -10.39
N THR A 4 6.66 2.37 -9.67
CA THR A 4 6.84 2.15 -8.22
C THR A 4 6.06 3.19 -7.42
N ALA A 5 5.39 2.74 -6.35
CA ALA A 5 4.79 3.58 -5.32
C ALA A 5 5.21 3.13 -3.92
N THR A 6 5.17 4.08 -2.99
CA THR A 6 5.29 3.87 -1.56
C THR A 6 4.01 4.33 -0.88
N PHE A 7 3.49 3.50 0.02
CA PHE A 7 2.43 3.85 0.96
C PHE A 7 3.01 3.79 2.39
N ILE A 8 2.91 4.87 3.16
CA ILE A 8 3.42 4.95 4.55
C ILE A 8 2.30 4.88 5.57
N ILE A 9 2.23 3.72 6.22
CA ILE A 9 1.11 3.25 7.05
C ILE A 9 1.35 3.62 8.52
N ASP A 10 0.87 4.79 8.91
CA ASP A 10 0.92 5.20 10.31
C ASP A 10 -0.28 4.62 11.06
N GLY A 11 0.00 3.61 11.90
CA GLY A 11 -1.01 2.76 12.52
C GLY A 11 -0.67 2.12 13.85
N MET A 12 -1.75 1.71 14.54
CA MET A 12 -1.80 0.85 15.72
C MET A 12 -0.74 1.19 16.81
N HIS A 13 -0.33 0.20 17.60
CA HIS A 13 0.85 0.24 18.46
C HIS A 13 2.11 -0.35 17.77
N CYS A 14 1.91 -0.97 16.60
CA CYS A 14 2.90 -1.64 15.78
C CYS A 14 2.53 -1.46 14.29
N LYS A 15 3.52 -1.66 13.42
CA LYS A 15 3.34 -1.58 11.96
C LYS A 15 3.04 -2.99 11.35
N SER A 16 2.99 -4.03 12.19
CA SER A 16 2.63 -5.46 11.95
C SER A 16 1.37 -5.70 11.11
N CYS A 17 0.55 -4.67 10.98
CA CYS A 17 -0.57 -4.47 10.08
C CYS A 17 -0.19 -4.80 8.60
N VAL A 18 1.08 -4.57 8.27
CA VAL A 18 1.78 -4.90 7.02
C VAL A 18 1.24 -6.14 6.30
N SER A 19 1.37 -7.33 6.88
CA SER A 19 1.11 -8.57 6.14
C SER A 19 -0.39 -8.82 5.89
N ASN A 20 -1.29 -8.23 6.70
CA ASN A 20 -2.73 -8.25 6.36
C ASN A 20 -2.93 -7.56 5.00
N ILE A 21 -2.22 -6.43 4.88
CA ILE A 21 -2.35 -5.46 3.82
C ILE A 21 -1.69 -6.01 2.57
N GLU A 22 -0.42 -6.40 2.64
CA GLU A 22 0.31 -7.06 1.55
C GLU A 22 -0.48 -8.24 0.98
N SER A 23 -1.15 -9.05 1.80
CA SER A 23 -1.95 -10.18 1.32
C SER A 23 -3.17 -9.76 0.47
N THR A 24 -3.70 -8.56 0.74
CA THR A 24 -4.78 -7.93 -0.03
C THR A 24 -4.21 -7.27 -1.28
N LEU A 25 -3.09 -6.58 -1.07
CA LEU A 25 -2.30 -5.83 -2.04
C LEU A 25 -1.81 -6.72 -3.19
N SER A 26 -1.30 -7.89 -2.87
CA SER A 26 -0.68 -8.82 -3.81
C SER A 26 -1.71 -9.50 -4.74
N ALA A 27 -2.99 -9.10 -4.70
CA ALA A 27 -4.09 -9.80 -5.36
C ALA A 27 -4.83 -8.92 -6.38
N LEU A 28 -4.39 -7.66 -6.53
CA LEU A 28 -5.01 -6.72 -7.45
C LEU A 28 -4.50 -6.90 -8.89
N GLN A 29 -5.12 -6.18 -9.84
CA GLN A 29 -4.68 -6.20 -11.23
C GLN A 29 -3.40 -5.35 -11.41
N TYR A 30 -2.72 -5.51 -12.55
CA TYR A 30 -1.59 -4.73 -13.06
C TYR A 30 -0.35 -4.52 -12.17
N VAL A 31 -0.39 -5.00 -10.93
CA VAL A 31 0.73 -5.14 -10.00
C VAL A 31 1.71 -6.22 -10.50
N SER A 32 3.01 -5.98 -10.34
CA SER A 32 4.09 -6.91 -10.72
C SER A 32 5.07 -7.14 -9.58
N SER A 33 4.97 -6.36 -8.49
CA SER A 33 5.75 -6.55 -7.28
C SER A 33 5.04 -5.91 -6.10
N ILE A 34 5.36 -6.44 -4.93
CA ILE A 34 4.72 -6.17 -3.64
C ILE A 34 5.82 -6.42 -2.62
N VAL A 35 5.99 -5.45 -1.74
CA VAL A 35 7.22 -5.33 -0.96
C VAL A 35 6.96 -4.61 0.37
N VAL A 36 6.39 -5.37 1.29
CA VAL A 36 6.08 -4.92 2.66
C VAL A 36 7.34 -4.90 3.56
N SER A 37 7.50 -3.86 4.38
CA SER A 37 8.71 -3.62 5.20
C SER A 37 8.46 -3.83 6.70
N LEU A 38 7.80 -4.94 7.01
CA LEU A 38 7.14 -5.41 8.23
C LEU A 38 7.35 -4.70 9.58
N GLU A 39 8.60 -4.40 9.96
CA GLU A 39 8.88 -3.78 11.23
C GLU A 39 8.40 -2.32 11.18
N ASN A 40 8.77 -1.63 10.11
CA ASN A 40 8.33 -0.31 9.69
C ASN A 40 6.98 -0.23 8.97
N ARG A 41 6.53 1.03 8.97
CA ARG A 41 5.32 1.57 8.36
C ARG A 41 5.40 1.71 6.83
N SER A 42 6.10 0.83 6.12
CA SER A 42 6.19 0.96 4.66
C SER A 42 5.67 -0.24 3.90
N ALA A 43 4.90 0.10 2.87
CA ALA A 43 4.43 -0.80 1.83
C ALA A 43 4.91 -0.24 0.48
N ILE A 44 5.83 -0.93 -0.18
CA ILE A 44 6.32 -0.57 -1.52
C ILE A 44 5.74 -1.55 -2.53
N VAL A 45 5.42 -1.07 -3.72
CA VAL A 45 4.71 -1.85 -4.73
C VAL A 45 5.16 -1.43 -6.13
N VAL A 46 5.20 -2.37 -7.09
CA VAL A 46 5.33 -2.08 -8.53
C VAL A 46 4.00 -2.45 -9.19
N TYR A 47 3.47 -1.58 -10.03
CA TYR A 47 2.11 -1.64 -10.59
C TYR A 47 1.91 -0.65 -11.75
N ASN A 48 0.70 -0.48 -12.29
CA ASN A 48 0.40 0.50 -13.34
C ASN A 48 -0.17 1.82 -12.77
N ALA A 49 0.34 2.97 -13.22
CA ALA A 49 0.07 4.28 -12.61
C ALA A 49 0.08 5.53 -13.52
N SER A 50 0.65 5.47 -14.72
CA SER A 50 1.03 6.60 -15.60
C SER A 50 0.08 7.79 -15.80
N SER A 51 -1.23 7.64 -15.56
CA SER A 51 -2.19 8.76 -15.50
C SER A 51 -3.40 8.44 -14.61
N VAL A 52 -3.22 7.64 -13.55
CA VAL A 52 -4.32 7.13 -12.70
C VAL A 52 -4.00 7.26 -11.21
N THR A 53 -5.03 7.16 -10.36
CA THR A 53 -4.92 7.37 -8.92
C THR A 53 -4.45 6.09 -8.20
N PRO A 54 -3.44 6.20 -7.32
CA PRO A 54 -2.88 5.08 -6.56
C PRO A 54 -3.69 4.66 -5.33
N GLU A 55 -4.78 5.37 -4.97
CA GLU A 55 -5.60 4.96 -3.83
C GLU A 55 -6.41 3.68 -4.10
N SER A 56 -6.41 3.24 -5.36
CA SER A 56 -6.88 1.91 -5.81
C SER A 56 -6.19 0.78 -5.03
N LEU A 57 -4.88 0.91 -4.81
CA LEU A 57 -4.06 0.07 -3.96
C LEU A 57 -4.26 0.37 -2.47
N ARG A 58 -4.38 1.65 -2.08
CA ARG A 58 -4.68 2.05 -0.69
C ARG A 58 -5.85 1.26 -0.08
N LYS A 59 -6.90 0.98 -0.84
CA LYS A 59 -8.06 0.18 -0.39
C LYS A 59 -7.64 -1.09 0.41
N ALA A 60 -6.51 -1.72 0.05
CA ALA A 60 -5.87 -2.85 0.72
C ALA A 60 -5.44 -2.57 2.17
N ILE A 61 -5.01 -1.35 2.46
CA ILE A 61 -4.76 -0.85 3.82
C ILE A 61 -6.10 -0.72 4.53
N GLU A 62 -7.01 0.01 3.90
CA GLU A 62 -8.27 0.43 4.51
C GLU A 62 -9.09 -0.77 4.93
N ALA A 63 -9.18 -1.81 4.08
CA ALA A 63 -10.12 -2.90 4.29
C ALA A 63 -9.85 -3.80 5.50
N VAL A 64 -8.63 -3.81 6.03
CA VAL A 64 -8.29 -4.58 7.23
C VAL A 64 -8.60 -3.80 8.49
N SER A 65 -8.75 -2.47 8.37
CA SER A 65 -8.81 -1.56 9.51
C SER A 65 -9.04 -0.10 9.08
N PRO A 66 -10.26 0.25 8.63
CA PRO A 66 -10.56 1.58 8.10
C PRO A 66 -10.64 2.59 9.24
N GLY A 67 -10.21 3.84 8.99
CA GLY A 67 -10.12 4.89 10.01
C GLY A 67 -9.00 4.69 11.03
N LEU A 68 -8.38 3.51 11.08
CA LEU A 68 -7.21 3.22 11.90
C LEU A 68 -5.98 3.89 11.29
N TYR A 69 -5.69 3.54 10.04
CA TYR A 69 -4.41 3.89 9.41
C TYR A 69 -4.38 5.26 8.73
N ARG A 70 -3.46 6.09 9.22
CA ARG A 70 -3.06 7.38 8.66
C ARG A 70 -2.22 7.25 7.38
N VAL A 71 -2.54 6.28 6.51
CA VAL A 71 -1.61 5.96 5.41
C VAL A 71 -1.47 7.08 4.39
N SER A 72 -0.22 7.49 4.16
CA SER A 72 0.18 8.48 3.16
C SER A 72 0.72 7.82 1.89
N ILE A 73 0.47 8.40 0.71
CA ILE A 73 0.83 7.85 -0.60
C ILE A 73 1.66 8.88 -1.36
N THR A 74 2.73 8.43 -2.01
CA THR A 74 3.51 9.21 -2.98
C THR A 74 2.78 9.26 -4.33
N SER A 75 2.43 10.46 -4.76
CA SER A 75 1.92 10.79 -6.10
C SER A 75 1.62 12.28 -6.32
N GLU A 76 2.58 12.94 -6.94
CA GLU A 76 2.70 14.39 -7.08
C GLU A 76 2.56 14.84 -8.55
N VAL A 77 1.41 14.57 -9.17
CA VAL A 77 1.15 14.76 -10.60
C VAL A 77 -0.32 15.12 -10.82
N ASN A 1 9.32 -1.65 -17.38
CA ASN A 1 9.14 -0.20 -17.26
C ASN A 1 8.02 0.15 -16.24
N ASP A 2 7.78 -0.78 -15.31
CA ASP A 2 6.68 -0.84 -14.38
C ASP A 2 6.70 0.33 -13.38
N SER A 3 5.52 0.74 -12.93
CA SER A 3 5.43 1.80 -11.92
C SER A 3 5.70 1.25 -10.52
N THR A 4 6.01 2.15 -9.58
CA THR A 4 6.31 1.77 -8.19
C THR A 4 5.89 2.91 -7.27
N ALA A 5 5.18 2.55 -6.21
CA ALA A 5 4.79 3.47 -5.14
C ALA A 5 4.93 2.83 -3.78
N THR A 6 4.91 3.72 -2.78
CA THR A 6 4.92 3.40 -1.36
C THR A 6 3.76 4.11 -0.66
N PHE A 7 3.13 3.39 0.26
CA PHE A 7 2.07 3.82 1.13
C PHE A 7 2.59 3.71 2.59
N ILE A 8 2.57 4.83 3.33
CA ILE A 8 3.21 5.00 4.66
C ILE A 8 2.17 4.84 5.76
N ILE A 9 2.20 3.68 6.39
CA ILE A 9 1.14 3.19 7.30
C ILE A 9 1.37 3.58 8.76
N ASP A 10 0.68 4.64 9.18
CA ASP A 10 0.46 4.96 10.60
C ASP A 10 -0.93 4.45 10.95
N GLY A 11 -1.19 4.21 12.24
CA GLY A 11 -2.36 3.53 12.80
C GLY A 11 -1.91 2.22 13.45
N MET A 12 -2.53 1.84 14.57
CA MET A 12 -2.16 0.72 15.47
C MET A 12 -0.80 0.97 16.14
N HIS A 13 0.23 1.14 15.30
CA HIS A 13 1.58 1.66 15.49
C HIS A 13 2.68 0.61 15.69
N CYS A 14 2.32 -0.66 15.89
CA CYS A 14 3.17 -1.85 15.86
C CYS A 14 3.64 -2.24 14.43
N LYS A 15 2.94 -1.77 13.38
CA LYS A 15 3.31 -1.80 11.94
C LYS A 15 3.22 -3.20 11.28
N SER A 16 3.33 -4.30 12.05
CA SER A 16 3.14 -5.70 11.58
C SER A 16 1.81 -5.97 10.85
N CYS A 17 0.87 -5.05 10.94
CA CYS A 17 -0.34 -4.87 10.15
C CYS A 17 -0.14 -5.20 8.65
N VAL A 18 1.05 -4.79 8.19
CA VAL A 18 1.58 -4.95 6.84
C VAL A 18 1.22 -6.27 6.17
N SER A 19 1.42 -7.41 6.83
CA SER A 19 1.32 -8.70 6.16
C SER A 19 -0.15 -9.08 5.86
N ASN A 20 -1.10 -8.59 6.67
CA ASN A 20 -2.54 -8.69 6.30
C ASN A 20 -2.74 -8.08 4.90
N ILE A 21 -2.13 -6.90 4.75
CA ILE A 21 -2.30 -5.97 3.64
C ILE A 21 -1.47 -6.41 2.44
N GLU A 22 -0.26 -6.95 2.62
CA GLU A 22 0.61 -7.44 1.54
C GLU A 22 -0.06 -8.59 0.78
N SER A 23 -0.71 -9.47 1.53
CA SER A 23 -1.50 -10.59 1.01
C SER A 23 -2.59 -10.12 0.04
N THR A 24 -3.27 -9.00 0.34
CA THR A 24 -4.24 -8.36 -0.56
C THR A 24 -3.53 -7.65 -1.71
N LEU A 25 -2.58 -6.76 -1.39
CA LEU A 25 -1.89 -5.86 -2.32
C LEU A 25 -1.29 -6.59 -3.51
N SER A 26 -0.71 -7.76 -3.29
CA SER A 26 -0.05 -8.52 -4.35
C SER A 26 -1.01 -9.14 -5.38
N ALA A 27 -2.33 -9.07 -5.15
CA ALA A 27 -3.35 -9.64 -6.03
C ALA A 27 -4.18 -8.57 -6.78
N LEU A 28 -3.79 -7.29 -6.69
CA LEU A 28 -4.61 -6.18 -7.16
C LEU A 28 -4.49 -5.85 -8.66
N GLN A 29 -5.50 -5.07 -9.09
CA GLN A 29 -5.98 -4.65 -10.42
C GLN A 29 -5.00 -4.59 -11.59
N TYR A 30 -3.70 -4.44 -11.36
CA TYR A 30 -2.63 -4.29 -12.35
C TYR A 30 -1.22 -4.33 -11.71
N VAL A 31 -1.03 -5.12 -10.63
CA VAL A 31 0.25 -5.20 -9.90
C VAL A 31 1.14 -6.34 -10.42
N SER A 32 2.47 -6.20 -10.24
CA SER A 32 3.47 -7.23 -10.59
C SER A 32 4.19 -7.84 -9.39
N SER A 33 4.38 -7.08 -8.31
CA SER A 33 5.17 -7.44 -7.13
C SER A 33 4.67 -6.60 -5.96
N ILE A 34 4.76 -7.19 -4.78
CA ILE A 34 4.50 -6.56 -3.49
C ILE A 34 5.78 -6.64 -2.71
N VAL A 35 5.99 -5.62 -1.90
CA VAL A 35 7.30 -5.33 -1.36
C VAL A 35 7.13 -4.56 -0.04
N VAL A 36 6.43 -5.18 0.92
CA VAL A 36 6.15 -4.67 2.28
C VAL A 36 7.44 -4.55 3.14
N SER A 37 7.47 -3.60 4.08
CA SER A 37 8.51 -3.43 5.13
C SER A 37 7.80 -3.43 6.48
N LEU A 38 8.11 -4.33 7.41
CA LEU A 38 7.28 -4.55 8.61
C LEU A 38 7.76 -3.81 9.86
N GLU A 39 9.07 -3.62 9.97
CA GLU A 39 9.74 -2.86 10.99
C GLU A 39 9.51 -1.34 10.85
N ASN A 40 9.29 -0.91 9.60
CA ASN A 40 9.00 0.46 9.19
C ASN A 40 7.49 0.70 8.99
N ARG A 41 7.21 1.92 8.55
CA ARG A 41 5.89 2.33 8.07
C ARG A 41 5.88 2.35 6.54
N SER A 42 6.02 1.21 5.85
CA SER A 42 6.18 1.25 4.39
C SER A 42 5.73 0.00 3.64
N ALA A 43 4.62 0.15 2.93
CA ALA A 43 4.13 -0.82 1.97
C ALA A 43 4.53 -0.37 0.57
N ILE A 44 5.46 -1.06 -0.09
CA ILE A 44 5.87 -0.78 -1.48
C ILE A 44 5.18 -1.80 -2.40
N VAL A 45 4.83 -1.38 -3.61
CA VAL A 45 4.16 -2.24 -4.62
C VAL A 45 4.65 -1.84 -6.02
N VAL A 46 4.85 -2.82 -6.92
CA VAL A 46 5.08 -2.59 -8.37
C VAL A 46 3.75 -2.79 -9.09
N TYR A 47 3.37 -1.88 -10.00
CA TYR A 47 2.04 -1.83 -10.63
C TYR A 47 1.89 -0.80 -11.77
N ASN A 48 0.65 -0.46 -12.17
CA ASN A 48 0.32 0.57 -13.16
C ASN A 48 0.04 1.96 -12.57
N ALA A 49 0.88 2.96 -12.89
CA ALA A 49 0.67 4.38 -12.60
C ALA A 49 1.61 5.21 -13.49
N SER A 50 1.11 6.29 -14.08
CA SER A 50 1.71 7.10 -15.15
C SER A 50 0.83 8.33 -15.49
N SER A 51 -0.05 8.72 -14.57
CA SER A 51 -1.13 9.74 -14.61
C SER A 51 -2.50 9.07 -14.35
N VAL A 52 -2.62 8.32 -13.26
CA VAL A 52 -3.80 7.49 -12.89
C VAL A 52 -4.14 7.74 -11.41
N THR A 53 -5.16 7.07 -10.85
CA THR A 53 -5.47 7.04 -9.40
C THR A 53 -4.66 5.94 -8.72
N PRO A 54 -3.55 6.26 -8.03
CA PRO A 54 -2.69 5.28 -7.40
C PRO A 54 -3.31 4.66 -6.14
N GLU A 55 -4.36 5.26 -5.55
CA GLU A 55 -4.94 4.80 -4.29
C GLU A 55 -5.64 3.43 -4.34
N SER A 56 -5.64 2.77 -5.49
CA SER A 56 -6.05 1.36 -5.69
C SER A 56 -5.58 0.45 -4.54
N LEU A 57 -4.26 0.44 -4.32
CA LEU A 57 -3.55 -0.34 -3.32
C LEU A 57 -3.98 0.05 -1.90
N ARG A 58 -4.21 1.35 -1.69
CA ARG A 58 -4.67 1.89 -0.41
C ARG A 58 -5.88 1.14 0.13
N LYS A 59 -6.81 0.69 -0.74
CA LYS A 59 -7.99 -0.04 -0.27
C LYS A 59 -7.63 -1.32 0.52
N ALA A 60 -6.50 -1.98 0.24
CA ALA A 60 -6.00 -3.11 1.04
C ALA A 60 -5.74 -2.74 2.51
N ILE A 61 -5.21 -1.53 2.76
CA ILE A 61 -5.06 -0.99 4.11
C ILE A 61 -6.45 -0.64 4.64
N GLU A 62 -7.22 0.12 3.87
CA GLU A 62 -8.49 0.70 4.31
C GLU A 62 -9.48 -0.41 4.69
N ALA A 63 -9.34 -1.58 4.07
CA ALA A 63 -10.15 -2.76 4.29
C ALA A 63 -9.78 -3.58 5.53
N VAL A 64 -8.58 -3.50 6.10
CA VAL A 64 -8.35 -4.16 7.39
C VAL A 64 -9.04 -3.44 8.51
N SER A 65 -8.97 -2.11 8.47
CA SER A 65 -9.24 -1.33 9.65
C SER A 65 -9.47 0.15 9.28
N PRO A 66 -10.64 0.47 8.69
CA PRO A 66 -10.95 1.84 8.28
C PRO A 66 -11.07 2.73 9.51
N GLY A 67 -10.51 3.94 9.43
CA GLY A 67 -10.53 4.93 10.51
C GLY A 67 -9.33 4.86 11.46
N LEU A 68 -8.63 3.71 11.57
CA LEU A 68 -7.38 3.65 12.34
C LEU A 68 -6.14 3.99 11.51
N TYR A 69 -5.99 3.44 10.29
CA TYR A 69 -4.74 3.63 9.57
C TYR A 69 -4.67 4.91 8.70
N ARG A 70 -3.84 5.85 9.15
CA ARG A 70 -3.44 7.15 8.59
C ARG A 70 -2.56 7.06 7.34
N VAL A 71 -2.75 6.00 6.55
CA VAL A 71 -1.78 5.67 5.51
C VAL A 71 -1.65 6.77 4.45
N SER A 72 -0.41 7.27 4.34
CA SER A 72 -0.03 8.46 3.56
C SER A 72 0.72 8.06 2.28
N ILE A 73 0.23 8.53 1.13
CA ILE A 73 0.59 7.95 -0.18
C ILE A 73 1.45 8.87 -1.04
N THR A 74 2.55 8.32 -1.55
CA THR A 74 3.35 8.98 -2.60
C THR A 74 2.63 8.73 -3.91
N SER A 75 2.31 9.80 -4.62
CA SER A 75 1.37 9.79 -5.74
C SER A 75 1.68 10.83 -6.84
N GLU A 76 0.77 11.00 -7.81
CA GLU A 76 0.95 11.78 -9.03
C GLU A 76 0.08 13.05 -8.92
N VAL A 77 0.68 14.24 -8.81
CA VAL A 77 -0.05 15.49 -8.53
C VAL A 77 0.83 16.73 -8.79
N ASN A 1 7.34 -1.96 -17.74
CA ASN A 1 6.98 -0.55 -17.84
C ASN A 1 6.00 -0.18 -16.70
N ASP A 2 6.50 -0.22 -15.46
CA ASP A 2 5.72 -0.15 -14.24
C ASP A 2 6.28 0.88 -13.25
N SER A 3 5.45 1.29 -12.29
CA SER A 3 5.73 2.38 -11.35
C SER A 3 6.25 1.89 -9.99
N THR A 4 6.33 2.78 -9.01
CA THR A 4 6.59 2.46 -7.59
C THR A 4 5.92 3.51 -6.73
N ALA A 5 5.11 3.06 -5.78
CA ALA A 5 4.54 3.91 -4.73
C ALA A 5 4.95 3.41 -3.35
N THR A 6 5.05 4.39 -2.44
CA THR A 6 5.18 4.26 -1.00
C THR A 6 3.87 4.66 -0.34
N PHE A 7 3.48 3.86 0.64
CA PHE A 7 2.40 4.13 1.57
C PHE A 7 2.96 4.03 2.98
N ILE A 8 2.81 5.09 3.78
CA ILE A 8 3.28 5.15 5.17
C ILE A 8 2.09 5.02 6.10
N ILE A 9 2.08 3.90 6.83
CA ILE A 9 0.94 3.36 7.57
C ILE A 9 1.13 3.58 9.08
N ASP A 10 0.98 4.83 9.49
CA ASP A 10 1.15 5.30 10.87
C ASP A 10 -0.09 5.08 11.74
N GLY A 11 -0.02 4.03 12.56
CA GLY A 11 -1.06 3.66 13.52
C GLY A 11 -0.52 2.72 14.58
N MET A 12 -0.86 1.43 14.47
CA MET A 12 -0.48 0.37 15.41
C MET A 12 1.02 0.33 15.72
N HIS A 13 1.38 -0.15 16.91
CA HIS A 13 2.77 -0.33 17.32
C HIS A 13 3.41 -1.55 16.62
N CYS A 14 2.67 -2.64 16.47
CA CYS A 14 3.01 -3.73 15.58
C CYS A 14 2.41 -3.38 14.19
N LYS A 15 3.19 -3.43 13.11
CA LYS A 15 2.64 -3.18 11.77
C LYS A 15 2.46 -4.51 11.01
N SER A 16 2.42 -5.64 11.73
CA SER A 16 2.05 -6.99 11.24
C SER A 16 0.85 -6.99 10.29
N CYS A 17 -0.11 -6.11 10.58
CA CYS A 17 -1.24 -5.63 9.83
C CYS A 17 -0.96 -5.44 8.30
N VAL A 18 0.28 -5.07 7.95
CA VAL A 18 0.78 -5.02 6.58
C VAL A 18 0.65 -6.34 5.82
N SER A 19 0.83 -7.51 6.44
CA SER A 19 0.95 -8.78 5.69
C SER A 19 -0.40 -9.16 5.08
N ASN A 20 -1.45 -8.91 5.86
CA ASN A 20 -2.85 -8.94 5.46
C ASN A 20 -3.08 -8.05 4.21
N ILE A 21 -2.43 -6.88 4.16
CA ILE A 21 -2.40 -6.00 2.97
C ILE A 21 -1.43 -6.45 1.87
N GLU A 22 -0.29 -7.04 2.19
CA GLU A 22 0.73 -7.45 1.22
C GLU A 22 0.17 -8.54 0.34
N SER A 23 -0.32 -9.62 0.95
CA SER A 23 -0.67 -10.82 0.19
C SER A 23 -1.83 -10.57 -0.77
N THR A 24 -2.79 -9.72 -0.40
CA THR A 24 -3.94 -9.34 -1.24
C THR A 24 -3.54 -8.40 -2.38
N LEU A 25 -2.73 -7.38 -2.06
CA LEU A 25 -2.17 -6.46 -3.07
C LEU A 25 -1.30 -7.19 -4.08
N SER A 26 -0.55 -8.19 -3.63
CA SER A 26 0.43 -8.94 -4.41
C SER A 26 -0.13 -9.62 -5.67
N ALA A 27 -1.45 -9.84 -5.70
CA ALA A 27 -2.15 -10.65 -6.69
C ALA A 27 -3.07 -9.81 -7.59
N LEU A 28 -2.87 -8.49 -7.65
CA LEU A 28 -3.77 -7.60 -8.37
C LEU A 28 -3.26 -7.38 -9.80
N GLN A 29 -4.13 -7.57 -10.78
CA GLN A 29 -3.81 -7.56 -12.23
C GLN A 29 -3.34 -6.19 -12.78
N TYR A 30 -3.13 -5.20 -11.92
CA TYR A 30 -2.50 -3.91 -12.19
C TYR A 30 -1.11 -3.78 -11.54
N VAL A 31 -0.60 -4.81 -10.85
CA VAL A 31 0.63 -4.80 -10.05
C VAL A 31 1.63 -5.83 -10.58
N SER A 32 2.92 -5.61 -10.33
CA SER A 32 3.99 -6.55 -10.71
C SER A 32 4.80 -7.03 -9.50
N SER A 33 4.66 -6.37 -8.36
CA SER A 33 5.52 -6.57 -7.19
C SER A 33 4.92 -5.88 -5.98
N ILE A 34 5.31 -6.38 -4.82
CA ILE A 34 4.87 -5.96 -3.50
C ILE A 34 6.08 -6.13 -2.60
N VAL A 35 6.22 -5.21 -1.66
CA VAL A 35 7.47 -4.99 -0.95
C VAL A 35 7.21 -4.28 0.39
N VAL A 36 6.46 -4.98 1.24
CA VAL A 36 6.01 -4.56 2.58
C VAL A 36 7.11 -4.66 3.67
N SER A 37 7.05 -3.79 4.68
CA SER A 37 7.87 -3.76 5.90
C SER A 37 6.95 -3.68 7.14
N LEU A 38 7.04 -4.62 8.10
CA LEU A 38 6.06 -4.79 9.21
C LEU A 38 6.56 -4.34 10.58
N GLU A 39 7.87 -4.40 10.74
CA GLU A 39 8.67 -3.88 11.83
C GLU A 39 8.70 -2.34 11.78
N ASN A 40 8.78 -1.78 10.57
CA ASN A 40 8.64 -0.37 10.21
C ASN A 40 7.18 -0.08 9.87
N ARG A 41 6.95 1.07 9.24
CA ARG A 41 5.61 1.60 8.91
C ARG A 41 5.44 1.76 7.39
N SER A 42 6.11 0.92 6.62
CA SER A 42 6.30 1.12 5.17
C SER A 42 5.75 0.00 4.31
N ALA A 43 4.89 0.34 3.36
CA ALA A 43 4.42 -0.55 2.30
C ALA A 43 4.86 0.01 0.94
N ILE A 44 5.67 -0.73 0.19
CA ILE A 44 6.15 -0.36 -1.15
C ILE A 44 5.57 -1.37 -2.15
N VAL A 45 5.23 -0.93 -3.37
CA VAL A 45 4.52 -1.78 -4.36
C VAL A 45 4.85 -1.31 -5.80
N VAL A 46 5.03 -2.24 -6.75
CA VAL A 46 5.12 -1.94 -8.21
C VAL A 46 3.76 -2.18 -8.86
N TYR A 47 3.31 -1.24 -9.69
CA TYR A 47 1.99 -1.25 -10.34
C TYR A 47 1.91 -0.29 -11.54
N ASN A 48 0.82 -0.29 -12.32
CA ASN A 48 0.82 0.37 -13.64
C ASN A 48 0.18 1.77 -13.68
N ALA A 49 0.90 2.81 -13.26
CA ALA A 49 0.43 4.20 -13.09
C ALA A 49 0.09 4.97 -14.40
N SER A 50 -0.62 4.36 -15.35
CA SER A 50 -1.00 4.91 -16.66
C SER A 50 -2.03 6.07 -16.63
N SER A 51 -2.17 6.76 -15.50
CA SER A 51 -3.19 7.79 -15.15
C SER A 51 -4.40 7.19 -14.43
N VAL A 52 -4.46 5.86 -14.32
CA VAL A 52 -5.40 5.11 -13.48
C VAL A 52 -5.01 5.30 -12.01
N THR A 53 -6.03 5.56 -11.17
CA THR A 53 -6.04 5.73 -9.71
C THR A 53 -5.03 4.87 -8.93
N PRO A 54 -3.87 5.42 -8.51
CA PRO A 54 -2.87 4.67 -7.75
C PRO A 54 -3.29 4.43 -6.30
N GLU A 55 -4.21 5.23 -5.76
CA GLU A 55 -4.71 5.11 -4.38
C GLU A 55 -5.61 3.89 -4.18
N SER A 56 -5.89 3.11 -5.23
CA SER A 56 -6.52 1.78 -5.14
C SER A 56 -5.82 0.89 -4.11
N LEU A 57 -4.50 1.04 -4.01
CA LEU A 57 -3.65 0.38 -3.02
C LEU A 57 -3.90 0.95 -1.60
N ARG A 58 -4.11 2.28 -1.47
CA ARG A 58 -4.55 2.92 -0.21
C ARG A 58 -5.86 2.31 0.28
N LYS A 59 -6.84 2.12 -0.63
CA LYS A 59 -8.13 1.50 -0.29
C LYS A 59 -7.98 0.14 0.42
N ALA A 60 -6.91 -0.63 0.18
CA ALA A 60 -6.66 -1.90 0.89
C ALA A 60 -6.36 -1.71 2.38
N ILE A 61 -5.46 -0.80 2.75
CA ILE A 61 -5.19 -0.48 4.16
C ILE A 61 -6.49 0.01 4.82
N GLU A 62 -7.14 0.94 4.15
CA GLU A 62 -8.33 1.62 4.65
C GLU A 62 -9.50 0.64 4.83
N ALA A 63 -9.48 -0.49 4.11
CA ALA A 63 -10.43 -1.58 4.33
C ALA A 63 -10.10 -2.48 5.52
N VAL A 64 -8.84 -2.57 5.99
CA VAL A 64 -8.53 -3.26 7.27
C VAL A 64 -8.75 -2.32 8.46
N SER A 65 -8.46 -1.02 8.34
CA SER A 65 -8.74 -0.06 9.43
C SER A 65 -8.91 1.39 8.93
N PRO A 66 -10.13 1.79 8.51
CA PRO A 66 -10.38 3.08 7.87
C PRO A 66 -10.13 4.23 8.84
N GLY A 67 -9.22 5.13 8.47
CA GLY A 67 -8.95 6.37 9.20
C GLY A 67 -8.13 6.25 10.48
N LEU A 68 -8.05 5.08 11.14
CA LEU A 68 -7.12 4.88 12.27
C LEU A 68 -5.66 4.80 11.84
N TYR A 69 -5.38 4.41 10.59
CA TYR A 69 -4.04 4.53 10.01
C TYR A 69 -3.87 5.85 9.26
N ARG A 70 -2.85 6.62 9.64
CA ARG A 70 -2.38 7.85 8.98
C ARG A 70 -1.72 7.55 7.61
N VAL A 71 -2.38 6.76 6.75
CA VAL A 71 -1.86 6.37 5.42
C VAL A 71 -1.53 7.60 4.59
N SER A 72 -0.24 7.85 4.58
CA SER A 72 0.43 8.97 3.90
C SER A 72 1.09 8.43 2.64
N ILE A 73 0.52 8.81 1.50
CA ILE A 73 0.76 8.14 0.21
C ILE A 73 1.47 9.03 -0.80
N THR A 74 2.39 8.42 -1.55
CA THR A 74 2.98 9.02 -2.74
C THR A 74 2.01 8.78 -3.88
N SER A 75 1.07 9.70 -4.05
CA SER A 75 -0.02 9.59 -5.04
C SER A 75 -0.55 10.95 -5.47
N GLU A 76 -0.70 11.14 -6.77
CA GLU A 76 -0.98 12.40 -7.47
C GLU A 76 -2.44 12.86 -7.34
N VAL A 77 -3.14 12.41 -6.29
CA VAL A 77 -4.59 12.50 -6.09
C VAL A 77 -4.88 12.75 -4.59
N ASN A 1 8.08 -1.48 -17.65
CA ASN A 1 7.43 -0.15 -17.61
C ASN A 1 6.34 -0.06 -16.50
N ASP A 2 6.44 -0.95 -15.51
CA ASP A 2 5.65 -0.96 -14.29
C ASP A 2 5.84 0.35 -13.47
N SER A 3 4.85 0.70 -12.66
CA SER A 3 4.90 1.87 -11.77
C SER A 3 5.41 1.51 -10.36
N THR A 4 5.46 2.48 -9.44
CA THR A 4 5.84 2.23 -8.04
C THR A 4 5.20 3.27 -7.13
N ALA A 5 4.59 2.79 -6.04
CA ALA A 5 4.13 3.63 -4.95
C ALA A 5 4.62 3.08 -3.61
N THR A 6 4.79 4.01 -2.67
CA THR A 6 5.00 3.74 -1.26
C THR A 6 3.84 4.38 -0.51
N PHE A 7 3.22 3.57 0.33
CA PHE A 7 2.23 3.96 1.32
C PHE A 7 2.84 3.76 2.72
N ILE A 8 2.86 4.80 3.55
CA ILE A 8 3.42 4.78 4.91
C ILE A 8 2.31 4.66 5.93
N ILE A 9 2.19 3.48 6.50
CA ILE A 9 1.05 3.03 7.31
C ILE A 9 1.32 3.31 8.78
N ASP A 10 0.80 4.44 9.26
CA ASP A 10 0.77 4.76 10.68
C ASP A 10 -0.46 4.10 11.34
N GLY A 11 -0.46 2.76 11.31
CA GLY A 11 -1.55 1.90 11.77
C GLY A 11 -1.18 0.98 12.93
N MET A 12 -2.06 0.94 13.95
CA MET A 12 -2.05 -0.04 15.06
C MET A 12 -0.84 0.04 16.02
N HIS A 13 0.13 0.90 15.70
CA HIS A 13 1.38 1.16 16.44
C HIS A 13 2.41 0.02 16.38
N CYS A 14 2.04 -1.20 15.96
CA CYS A 14 2.96 -2.29 15.65
C CYS A 14 3.47 -2.24 14.19
N LYS A 15 2.70 -1.61 13.28
CA LYS A 15 2.94 -1.38 11.85
C LYS A 15 2.90 -2.68 10.98
N SER A 16 2.97 -3.85 11.63
CA SER A 16 2.94 -5.23 11.07
C SER A 16 1.72 -5.56 10.19
N CYS A 17 0.65 -4.78 10.34
CA CYS A 17 -0.55 -4.70 9.51
C CYS A 17 -0.27 -4.76 8.00
N VAL A 18 0.88 -4.20 7.60
CA VAL A 18 1.47 -4.31 6.27
C VAL A 18 1.27 -5.67 5.60
N SER A 19 1.58 -6.78 6.28
CA SER A 19 1.65 -8.09 5.65
C SER A 19 0.26 -8.61 5.35
N ASN A 20 -0.68 -8.32 6.25
CA ASN A 20 -2.11 -8.57 6.04
C ASN A 20 -2.60 -7.85 4.77
N ILE A 21 -2.14 -6.62 4.58
CA ILE A 21 -2.39 -5.83 3.37
C ILE A 21 -1.68 -6.33 2.11
N GLU A 22 -0.35 -6.32 1.97
CA GLU A 22 0.18 -6.52 0.61
C GLU A 22 0.07 -7.93 0.08
N SER A 23 0.02 -8.88 0.99
CA SER A 23 -0.26 -10.27 0.64
C SER A 23 -1.62 -10.42 -0.06
N THR A 24 -2.60 -9.55 0.29
CA THR A 24 -3.87 -9.47 -0.42
C THR A 24 -3.70 -8.85 -1.79
N LEU A 25 -2.90 -7.78 -1.92
CA LEU A 25 -2.55 -7.19 -3.22
C LEU A 25 -1.88 -8.20 -4.15
N SER A 26 -1.04 -9.05 -3.59
CA SER A 26 -0.25 -10.10 -4.26
C SER A 26 -1.10 -11.27 -4.80
N ALA A 27 -2.41 -11.09 -4.77
CA ALA A 27 -3.41 -11.94 -5.42
C ALA A 27 -4.19 -11.18 -6.53
N LEU A 28 -3.87 -9.91 -6.86
CA LEU A 28 -4.65 -9.15 -7.83
C LEU A 28 -3.97 -9.17 -9.20
N GLN A 29 -4.70 -8.70 -10.21
CA GLN A 29 -4.12 -8.42 -11.52
C GLN A 29 -3.62 -6.96 -11.51
N TYR A 30 -2.97 -6.48 -12.58
CA TYR A 30 -2.52 -5.07 -12.70
C TYR A 30 -1.37 -4.67 -11.75
N VAL A 31 -1.14 -5.43 -10.69
CA VAL A 31 0.03 -5.42 -9.78
C VAL A 31 1.11 -6.41 -10.28
N SER A 32 2.38 -6.04 -10.08
CA SER A 32 3.58 -6.71 -10.63
C SER A 32 4.65 -7.06 -9.56
N SER A 33 4.88 -6.23 -8.54
CA SER A 33 5.68 -6.63 -7.36
C SER A 33 5.01 -6.12 -6.10
N ILE A 34 5.40 -6.74 -5.00
CA ILE A 34 4.89 -6.60 -3.65
C ILE A 34 6.11 -6.60 -2.75
N VAL A 35 6.20 -5.68 -1.79
CA VAL A 35 7.49 -5.34 -1.22
C VAL A 35 7.53 -4.74 0.21
N VAL A 36 6.52 -5.04 1.06
CA VAL A 36 6.37 -4.77 2.53
C VAL A 36 7.64 -4.44 3.35
N SER A 37 7.55 -3.45 4.24
CA SER A 37 8.56 -3.12 5.28
C SER A 37 7.93 -2.86 6.68
N LEU A 38 7.65 -3.95 7.40
CA LEU A 38 6.85 -4.00 8.63
C LEU A 38 7.43 -3.31 9.86
N GLU A 39 8.72 -3.47 10.09
CA GLU A 39 9.42 -3.00 11.28
C GLU A 39 9.57 -1.48 11.29
N ASN A 40 9.52 -0.88 10.10
CA ASN A 40 9.43 0.54 9.82
C ASN A 40 7.97 0.98 10.01
N ARG A 41 7.26 1.14 8.90
CA ARG A 41 5.87 1.55 8.72
C ARG A 41 5.55 1.68 7.24
N SER A 42 6.19 0.90 6.39
CA SER A 42 6.14 1.14 4.95
C SER A 42 5.58 -0.04 4.20
N ALA A 43 4.70 0.25 3.24
CA ALA A 43 4.18 -0.70 2.28
C ALA A 43 4.54 -0.21 0.87
N ILE A 44 5.20 -1.04 0.07
CA ILE A 44 5.80 -0.66 -1.21
C ILE A 44 5.32 -1.68 -2.23
N VAL A 45 4.87 -1.20 -3.39
CA VAL A 45 4.18 -2.03 -4.37
C VAL A 45 4.46 -1.49 -5.77
N VAL A 46 4.68 -2.40 -6.72
CA VAL A 46 4.85 -2.13 -8.16
C VAL A 46 3.60 -2.65 -8.88
N TYR A 47 3.02 -1.86 -9.78
CA TYR A 47 1.69 -2.06 -10.40
C TYR A 47 1.46 -1.04 -11.53
N ASN A 48 0.25 -0.87 -12.08
CA ASN A 48 -0.01 0.16 -13.12
C ASN A 48 -0.45 1.53 -12.53
N ALA A 49 0.28 2.60 -12.90
CA ALA A 49 -0.10 4.00 -12.65
C ALA A 49 0.76 4.96 -13.50
N SER A 50 0.14 5.90 -14.23
CA SER A 50 0.83 6.72 -15.26
C SER A 50 0.23 8.14 -15.43
N SER A 51 -0.52 8.62 -14.42
CA SER A 51 -1.25 9.90 -14.27
C SER A 51 -2.47 9.67 -13.37
N VAL A 52 -3.16 8.53 -13.58
CA VAL A 52 -4.25 8.02 -12.76
C VAL A 52 -3.86 7.86 -11.28
N THR A 53 -4.84 8.09 -10.39
CA THR A 53 -4.75 8.01 -8.94
C THR A 53 -4.12 6.69 -8.45
N PRO A 54 -3.06 6.73 -7.63
CA PRO A 54 -2.43 5.54 -7.06
C PRO A 54 -3.30 4.84 -5.99
N GLU A 55 -4.27 5.55 -5.42
CA GLU A 55 -5.13 5.26 -4.26
C GLU A 55 -5.85 3.92 -4.25
N SER A 56 -5.94 3.28 -5.41
CA SER A 56 -6.41 1.90 -5.62
C SER A 56 -5.91 0.93 -4.54
N LEU A 57 -4.58 0.91 -4.33
CA LEU A 57 -3.93 0.10 -3.32
C LEU A 57 -4.16 0.63 -1.89
N ARG A 58 -4.30 1.95 -1.67
CA ARG A 58 -4.69 2.45 -0.35
C ARG A 58 -6.05 1.90 0.11
N LYS A 59 -7.00 1.70 -0.80
CA LYS A 59 -8.24 0.98 -0.49
C LYS A 59 -8.05 -0.32 0.31
N ALA A 60 -7.00 -1.10 0.03
CA ALA A 60 -6.66 -2.29 0.82
C ALA A 60 -6.38 -1.96 2.29
N ILE A 61 -5.61 -0.91 2.56
CA ILE A 61 -5.34 -0.42 3.92
C ILE A 61 -6.67 -0.09 4.62
N GLU A 62 -7.53 0.66 3.92
CA GLU A 62 -8.77 1.17 4.49
C GLU A 62 -9.69 0.01 4.83
N ALA A 63 -9.86 -0.98 3.94
CA ALA A 63 -10.86 -2.01 4.13
C ALA A 63 -10.51 -3.07 5.20
N VAL A 64 -9.38 -2.94 5.88
CA VAL A 64 -9.04 -3.74 7.08
C VAL A 64 -9.17 -2.91 8.37
N SER A 65 -8.84 -1.61 8.37
CA SER A 65 -9.13 -0.72 9.52
C SER A 65 -9.29 0.73 9.07
N PRO A 66 -10.49 1.13 8.57
CA PRO A 66 -10.69 2.41 7.92
C PRO A 66 -10.59 3.56 8.91
N GLY A 67 -9.83 4.59 8.54
CA GLY A 67 -9.52 5.75 9.41
C GLY A 67 -8.65 5.42 10.62
N LEU A 68 -8.33 4.14 10.88
CA LEU A 68 -7.43 3.74 11.95
C LEU A 68 -5.99 3.88 11.45
N TYR A 69 -5.71 3.26 10.30
CA TYR A 69 -4.38 3.23 9.71
C TYR A 69 -4.12 4.56 8.98
N ARG A 70 -3.36 5.45 9.62
CA ARG A 70 -3.10 6.85 9.19
C ARG A 70 -2.16 6.90 7.97
N VAL A 71 -2.48 6.16 6.92
CA VAL A 71 -1.55 5.92 5.83
C VAL A 71 -1.29 7.15 4.95
N SER A 72 -0.01 7.44 4.75
CA SER A 72 0.51 8.57 3.96
C SER A 72 1.01 8.09 2.58
N ILE A 73 0.76 8.83 1.51
CA ILE A 73 0.99 8.37 0.13
C ILE A 73 2.01 9.24 -0.60
N THR A 74 2.89 8.56 -1.35
CA THR A 74 3.80 9.17 -2.32
C THR A 74 3.00 9.49 -3.59
N SER A 75 2.68 10.75 -3.81
CA SER A 75 2.10 11.30 -5.05
C SER A 75 2.06 12.85 -5.02
N GLU A 76 1.46 13.47 -6.04
CA GLU A 76 1.52 14.92 -6.31
C GLU A 76 0.27 15.40 -7.08
N VAL A 77 -0.89 14.82 -6.76
CA VAL A 77 -2.15 14.93 -7.49
C VAL A 77 -3.29 14.98 -6.49
N ASN A 1 9.53 -0.60 -16.91
CA ASN A 1 9.15 0.84 -16.87
C ASN A 1 7.94 1.07 -15.94
N ASP A 2 7.61 0.09 -15.11
CA ASP A 2 6.40 -0.06 -14.28
C ASP A 2 6.37 0.88 -13.07
N SER A 3 5.23 0.93 -12.37
CA SER A 3 5.00 1.90 -11.29
C SER A 3 4.99 1.29 -9.89
N THR A 4 5.58 2.00 -8.93
CA THR A 4 5.42 1.77 -7.49
C THR A 4 5.08 3.09 -6.84
N ALA A 5 4.28 3.00 -5.80
CA ALA A 5 3.91 4.10 -4.93
C ALA A 5 4.81 4.11 -3.68
N THR A 6 4.26 4.62 -2.58
CA THR A 6 4.78 4.55 -1.22
C THR A 6 3.58 4.75 -0.31
N PHE A 7 3.36 3.84 0.64
CA PHE A 7 2.34 3.98 1.67
C PHE A 7 2.89 3.79 3.10
N ILE A 8 2.84 4.84 3.92
CA ILE A 8 3.36 4.88 5.32
C ILE A 8 2.24 4.70 6.33
N ILE A 9 2.11 3.49 6.86
CA ILE A 9 0.97 3.07 7.68
C ILE A 9 1.20 3.38 9.16
N ASP A 10 0.55 4.41 9.67
CA ASP A 10 0.45 4.58 11.14
C ASP A 10 -0.85 3.88 11.56
N GLY A 11 -0.73 2.57 11.70
CA GLY A 11 -1.84 1.66 11.93
C GLY A 11 -2.23 1.64 13.40
N MET A 12 -2.24 0.43 13.98
CA MET A 12 -2.34 0.19 15.44
C MET A 12 -0.99 0.50 16.14
N HIS A 13 -0.31 1.54 15.63
CA HIS A 13 1.07 2.00 15.81
C HIS A 13 2.15 0.93 15.60
N CYS A 14 2.00 -0.29 16.12
CA CYS A 14 2.82 -1.41 15.67
C CYS A 14 2.56 -1.54 14.15
N LYS A 15 3.62 -1.74 13.37
CA LYS A 15 3.52 -1.65 11.91
C LYS A 15 3.27 -3.02 11.27
N SER A 16 3.37 -4.13 12.02
CA SER A 16 3.24 -5.55 11.60
C SER A 16 2.02 -5.86 10.71
N CYS A 17 0.96 -5.06 10.86
CA CYS A 17 -0.22 -4.92 10.06
C CYS A 17 0.05 -4.89 8.54
N VAL A 18 1.17 -4.28 8.15
CA VAL A 18 1.74 -4.17 6.79
C VAL A 18 1.39 -5.31 5.84
N SER A 19 1.87 -6.51 6.15
CA SER A 19 1.85 -7.67 5.27
C SER A 19 0.46 -8.30 5.16
N ASN A 20 -0.43 -8.07 6.14
CA ASN A 20 -1.85 -8.46 6.07
C ASN A 20 -2.57 -7.83 4.86
N ILE A 21 -2.28 -6.57 4.60
CA ILE A 21 -2.84 -5.81 3.46
C ILE A 21 -2.41 -6.41 2.12
N GLU A 22 -1.10 -6.38 1.87
CA GLU A 22 -0.47 -6.56 0.55
C GLU A 22 -0.49 -7.99 0.07
N SER A 23 -0.68 -8.87 1.04
CA SER A 23 -1.14 -10.23 0.93
C SER A 23 -2.31 -10.36 -0.06
N THR A 24 -3.28 -9.42 -0.05
CA THR A 24 -4.35 -9.33 -1.06
C THR A 24 -3.88 -8.76 -2.40
N LEU A 25 -3.03 -7.73 -2.38
CA LEU A 25 -2.50 -7.05 -3.58
C LEU A 25 -1.63 -8.00 -4.43
N SER A 26 -0.88 -8.85 -3.75
CA SER A 26 0.07 -9.87 -4.20
C SER A 26 -0.55 -10.97 -5.08
N ALA A 27 -1.84 -10.84 -5.35
CA ALA A 27 -2.62 -11.69 -6.24
C ALA A 27 -3.40 -10.90 -7.32
N LEU A 28 -3.21 -9.57 -7.50
CA LEU A 28 -4.13 -8.79 -8.33
C LEU A 28 -3.61 -8.63 -9.77
N GLN A 29 -4.51 -8.85 -10.73
CA GLN A 29 -4.20 -8.96 -12.16
C GLN A 29 -3.58 -7.70 -12.79
N TYR A 30 -3.56 -6.56 -12.09
CA TYR A 30 -2.89 -5.33 -12.53
C TYR A 30 -1.52 -5.09 -11.84
N VAL A 31 -1.01 -6.01 -11.02
CA VAL A 31 0.25 -5.92 -10.27
C VAL A 31 1.26 -6.99 -10.75
N SER A 32 2.54 -6.89 -10.35
CA SER A 32 3.52 -7.95 -10.56
C SER A 32 4.58 -8.02 -9.45
N SER A 33 4.63 -7.09 -8.51
CA SER A 33 5.46 -7.21 -7.32
C SER A 33 4.77 -6.58 -6.11
N ILE A 34 5.24 -6.96 -4.94
CA ILE A 34 4.66 -6.69 -3.63
C ILE A 34 5.83 -6.77 -2.66
N VAL A 35 5.94 -5.80 -1.75
CA VAL A 35 7.22 -5.62 -1.06
C VAL A 35 7.13 -4.83 0.25
N VAL A 36 6.09 -5.10 1.07
CA VAL A 36 5.89 -4.37 2.35
C VAL A 36 7.10 -4.47 3.32
N SER A 37 7.15 -3.53 4.25
CA SER A 37 8.22 -3.31 5.27
C SER A 37 7.61 -3.10 6.67
N LEU A 38 7.98 -3.92 7.66
CA LEU A 38 7.25 -4.01 8.95
C LEU A 38 7.91 -3.35 10.15
N GLU A 39 9.22 -3.33 10.17
CA GLU A 39 10.05 -2.60 11.11
C GLU A 39 9.90 -1.08 10.94
N ASN A 40 9.72 -0.66 9.70
CA ASN A 40 9.41 0.70 9.27
C ASN A 40 7.90 0.87 9.29
N ARG A 41 7.37 1.49 8.25
CA ARG A 41 5.97 1.57 7.87
C ARG A 41 6.04 2.00 6.43
N SER A 42 6.29 1.03 5.59
CA SER A 42 6.42 1.28 4.16
C SER A 42 5.96 0.12 3.30
N ALA A 43 4.95 0.41 2.49
CA ALA A 43 4.50 -0.44 1.40
C ALA A 43 5.15 0.01 0.09
N ILE A 44 5.70 -0.95 -0.64
CA ILE A 44 6.28 -0.79 -1.96
C ILE A 44 5.67 -1.95 -2.77
N VAL A 45 5.17 -1.65 -3.96
CA VAL A 45 4.32 -2.57 -4.75
C VAL A 45 4.39 -2.17 -6.22
N VAL A 46 4.66 -3.10 -7.15
CA VAL A 46 4.71 -2.84 -8.61
C VAL A 46 3.36 -3.11 -9.25
N TYR A 47 2.85 -2.12 -10.01
CA TYR A 47 1.49 -2.10 -10.57
C TYR A 47 1.27 -1.04 -11.69
N ASN A 48 0.06 -1.04 -12.27
CA ASN A 48 -0.36 -0.17 -13.37
C ASN A 48 -0.90 1.20 -12.92
N ALA A 49 -0.08 2.24 -12.99
CA ALA A 49 -0.51 3.62 -12.72
C ALA A 49 -1.19 4.25 -13.95
N SER A 50 -2.41 3.80 -14.27
CA SER A 50 -3.21 4.33 -15.39
C SER A 50 -3.71 5.78 -15.20
N SER A 51 -3.28 6.47 -14.14
CA SER A 51 -3.45 7.88 -13.83
C SER A 51 -2.63 8.22 -12.57
N VAL A 52 -2.55 9.51 -12.24
CA VAL A 52 -1.64 10.11 -11.23
C VAL A 52 -2.00 9.83 -9.76
N THR A 53 -2.86 8.83 -9.50
CA THR A 53 -3.36 8.49 -8.16
C THR A 53 -2.65 7.25 -7.61
N PRO A 54 -1.68 7.39 -6.68
CA PRO A 54 -1.05 6.25 -6.03
C PRO A 54 -2.04 5.55 -5.07
N GLU A 55 -3.00 6.28 -4.50
CA GLU A 55 -3.91 5.80 -3.46
C GLU A 55 -4.94 4.75 -3.91
N SER A 56 -4.82 4.31 -5.15
CA SER A 56 -5.51 3.13 -5.71
C SER A 56 -5.38 1.92 -4.78
N LEU A 57 -4.14 1.60 -4.43
CA LEU A 57 -3.78 0.51 -3.53
C LEU A 57 -4.14 0.85 -2.08
N ARG A 58 -4.10 2.13 -1.71
CA ARG A 58 -4.44 2.59 -0.36
C ARG A 58 -5.82 2.12 0.08
N LYS A 59 -6.78 2.05 -0.82
CA LYS A 59 -8.08 1.44 -0.52
C LYS A 59 -8.01 0.03 0.10
N ALA A 60 -7.00 -0.78 -0.22
CA ALA A 60 -6.74 -2.05 0.46
C ALA A 60 -6.32 -1.84 1.93
N ILE A 61 -5.43 -0.88 2.20
CA ILE A 61 -5.07 -0.49 3.56
C ILE A 61 -6.32 -0.09 4.34
N GLU A 62 -7.19 0.71 3.72
CA GLU A 62 -8.40 1.18 4.39
C GLU A 62 -9.33 0.01 4.66
N ALA A 63 -9.50 -0.91 3.72
CA ALA A 63 -10.53 -1.94 3.79
C ALA A 63 -10.35 -2.96 4.91
N VAL A 64 -9.14 -3.11 5.45
CA VAL A 64 -8.89 -3.93 6.65
C VAL A 64 -9.06 -3.14 7.95
N SER A 65 -8.97 -1.80 7.95
CA SER A 65 -9.15 -0.98 9.17
C SER A 65 -9.51 0.50 8.88
N PRO A 66 -10.73 0.75 8.37
CA PRO A 66 -11.11 2.07 7.90
C PRO A 66 -11.30 3.02 9.09
N GLY A 67 -10.71 4.22 8.99
CA GLY A 67 -10.71 5.21 10.07
C GLY A 67 -9.69 4.94 11.17
N LEU A 68 -8.96 3.81 11.12
CA LEU A 68 -7.90 3.48 12.07
C LEU A 68 -6.53 3.85 11.49
N TYR A 69 -6.21 3.31 10.31
CA TYR A 69 -4.85 3.36 9.75
C TYR A 69 -4.55 4.70 9.05
N ARG A 70 -3.71 5.52 9.69
CA ARG A 70 -3.27 6.88 9.30
C ARG A 70 -2.31 6.90 8.10
N VAL A 71 -2.56 6.06 7.10
CA VAL A 71 -1.60 5.80 6.04
C VAL A 71 -1.35 7.03 5.16
N SER A 72 -0.09 7.45 5.11
CA SER A 72 0.39 8.65 4.42
C SER A 72 1.06 8.27 3.11
N ILE A 73 0.53 8.77 1.99
CA ILE A 73 0.82 8.29 0.63
C ILE A 73 1.62 9.32 -0.16
N THR A 74 2.52 8.86 -1.04
CA THR A 74 3.39 9.77 -1.81
C THR A 74 3.50 9.36 -3.28
N SER A 75 3.63 10.40 -4.10
CA SER A 75 3.80 10.44 -5.56
C SER A 75 3.93 11.92 -5.94
N GLU A 76 4.34 12.24 -7.17
CA GLU A 76 4.24 13.60 -7.68
C GLU A 76 2.75 13.85 -8.00
N VAL A 77 2.20 14.90 -7.39
CA VAL A 77 0.81 15.40 -7.47
C VAL A 77 0.68 16.65 -6.58
#